data_4U31
#
_entry.id   4U31
#
_cell.length_a   113.556
_cell.length_b   113.556
_cell.length_c   315.142
_cell.angle_alpha   90.000
_cell.angle_beta   90.000
_cell.angle_gamma   90.000
#
_symmetry.space_group_name_H-M   'P 41 21 2'
#
loop_
_entity.id
_entity.type
_entity.pdbx_description
1 polymer 'Alpha-1,4-glucan:maltose-1-phosphate maltosyltransferase 1'
2 branched alpha-D-glucopyranose-(1-4)-(1S)-1,5-anhydro-1-(phosphonomethyl)-D-glucitol
3 non-polymer 'CITRIC ACID'
4 non-polymer 1,2-ETHANEDIOL
5 water water
#
_entity_poly.entity_id   1
_entity_poly.type   'polypeptide(L)'
_entity_poly.pdbx_seq_one_letter_code
;MPATHHSSATSAERPTVVGRIPVLDVRPVVQRGRRPAKAVTGESFEVSATVFREGHDAVGANVVLRDPRGRPGPWTPMRE
LAPGTDRWGATVTAGETGTWSYTVEAWGDPVTTWRHHARIKIPAGLDTDLVLEEGARLYERAAADVPGREDRRELLAAVD
ALRDESRPAASRLAAALTPQVDAVLARHPLRDLVTSSDPLPLLVERERALYGAWYEFFPRSEGTPHTPHGTFRTAARRLP
AIAAMGFDVVYLPPIHPIGTTHRKGRNNTLSATGDDVGSPWAIGSPEGGHDSIHPALGTLDDFDHFVTEAGKLGLEIALD
FALQCSPDHPWVHKHPEWFHHRPDGTIAHAENPPKKYQDIYPIAFDADPDGLATETVRILRHWMDHGVRIFRVDNPHTKP
VAFWERVIADINGTDPDVIFLAEAFTRPAMMATLAQIGFQQSYTYFTWRNTKQELTEYLTELSGEAASYMRPNFFANTPD
ILHAYLQHGGRPAFEVRAVLAATLSPTWGIYSGYELCENTPLREGSEEYLDSEKYQLKPRDWTRAAREGTTIAPLVTRLN
TIRRENPALRQLRDLHFHPTDKEEVIAYSKRQGSNTVLVVVNLDPRHTQEATVSLDMPQLGLDWHESVPVRDELTGETYH
WGRANYVRLEPGRTPAHVCTVLRPSHPQIGGSHTTALHHHHHH
;
_entity_poly.pdbx_strand_id   A,B
#
# COMPACT_ATOMS: atom_id res chain seq x y z
N PRO A 15 16.13 16.49 -15.75
CA PRO A 15 14.94 15.65 -15.96
C PRO A 15 14.04 15.59 -14.74
N THR A 16 12.73 15.64 -14.94
CA THR A 16 11.79 15.55 -13.83
C THR A 16 11.31 14.12 -13.63
N VAL A 17 10.88 13.80 -12.42
CA VAL A 17 10.38 12.46 -12.13
C VAL A 17 8.97 12.28 -12.70
N VAL A 18 8.17 13.34 -12.65
CA VAL A 18 6.82 13.28 -13.21
C VAL A 18 6.81 13.80 -14.65
N GLY A 19 6.01 13.18 -15.51
CA GLY A 19 5.97 13.56 -16.92
C GLY A 19 4.97 14.68 -17.19
N ARG A 20 4.73 14.98 -18.46
CA ARG A 20 3.83 16.08 -18.81
C ARG A 20 2.42 15.85 -18.31
N ILE A 21 1.91 14.63 -18.51
CA ILE A 21 0.63 14.21 -17.94
C ILE A 21 0.93 13.14 -16.91
N PRO A 22 0.78 13.45 -15.61
CA PRO A 22 1.14 12.50 -14.57
C PRO A 22 0.52 11.12 -14.72
N VAL A 23 1.37 10.11 -14.70
CA VAL A 23 0.89 8.74 -14.63
C VAL A 23 1.70 8.05 -13.55
N LEU A 24 1.01 7.66 -12.49
CA LEU A 24 1.69 7.28 -11.26
C LEU A 24 1.17 5.97 -10.68
N ASP A 25 2.03 5.28 -9.94
N ASP A 25 2.04 5.31 -9.91
CA ASP A 25 1.62 4.13 -9.14
CA ASP A 25 1.72 4.09 -9.17
C ASP A 25 0.96 3.04 -10.00
C ASP A 25 0.97 3.07 -10.00
N VAL A 26 1.61 2.64 -11.08
CA VAL A 26 1.05 1.60 -11.94
C VAL A 26 1.05 0.27 -11.18
N ARG A 27 -0.08 -0.42 -11.22
N ARG A 27 -0.08 -0.41 -11.22
CA ARG A 27 -0.20 -1.73 -10.58
CA ARG A 27 -0.21 -1.72 -10.57
C ARG A 27 -0.77 -2.72 -11.58
C ARG A 27 -0.78 -2.72 -11.57
N PRO A 28 -0.53 -4.02 -11.37
CA PRO A 28 0.19 -4.64 -10.24
C PRO A 28 1.69 -4.35 -10.24
N VAL A 29 2.27 -4.43 -9.05
CA VAL A 29 3.69 -4.24 -8.89
C VAL A 29 4.13 -5.15 -7.74
N VAL A 30 5.31 -5.75 -7.91
CA VAL A 30 5.85 -6.69 -6.93
C VAL A 30 7.25 -6.23 -6.57
N GLN A 31 7.47 -6.00 -5.26
CA GLN A 31 8.78 -5.54 -4.77
C GLN A 31 9.29 -4.35 -5.57
N ARG A 32 8.38 -3.40 -5.76
CA ARG A 32 8.65 -2.14 -6.44
C ARG A 32 9.22 -2.32 -7.83
N GLY A 33 8.89 -3.44 -8.47
CA GLY A 33 9.35 -3.69 -9.82
C GLY A 33 10.55 -4.60 -9.95
N ARG A 34 11.09 -5.07 -8.83
CA ARG A 34 12.28 -5.91 -8.85
C ARG A 34 11.95 -7.37 -9.13
N ARG A 35 10.68 -7.73 -8.97
CA ARG A 35 10.21 -9.05 -9.38
C ARG A 35 8.97 -8.88 -10.27
N PRO A 36 8.68 -9.86 -11.11
CA PRO A 36 7.52 -9.75 -12.01
C PRO A 36 6.20 -10.03 -11.33
N ALA A 37 5.15 -9.32 -11.74
CA ALA A 37 3.79 -9.77 -11.50
C ALA A 37 3.57 -11.02 -12.35
N LYS A 38 2.56 -11.80 -12.02
CA LYS A 38 2.37 -13.09 -12.68
C LYS A 38 1.02 -13.24 -13.37
N ALA A 39 1.03 -14.08 -14.39
CA ALA A 39 -0.20 -14.52 -15.03
C ALA A 39 0.05 -15.86 -15.69
N VAL A 40 -1.00 -16.46 -16.22
CA VAL A 40 -0.82 -17.63 -17.08
C VAL A 40 -1.50 -17.35 -18.41
N THR A 41 -1.14 -18.12 -19.43
CA THR A 41 -1.76 -17.99 -20.75
C THR A 41 -3.29 -17.97 -20.65
N GLY A 42 -3.91 -16.96 -21.25
CA GLY A 42 -5.36 -16.86 -21.25
C GLY A 42 -5.98 -16.17 -20.04
N GLU A 43 -5.16 -15.82 -19.06
CA GLU A 43 -5.69 -15.23 -17.83
C GLU A 43 -5.82 -13.71 -17.97
N SER A 44 -6.96 -13.19 -17.53
CA SER A 44 -7.19 -11.73 -17.55
C SER A 44 -6.90 -11.11 -16.20
N PHE A 45 -6.43 -9.86 -16.20
CA PHE A 45 -6.26 -9.12 -14.96
C PHE A 45 -6.24 -7.63 -15.25
N GLU A 46 -6.39 -6.83 -14.20
CA GLU A 46 -6.49 -5.38 -14.38
C GLU A 46 -5.14 -4.70 -14.18
N VAL A 47 -4.78 -3.86 -15.13
CA VAL A 47 -3.64 -2.94 -14.99
C VAL A 47 -4.24 -1.60 -14.61
N SER A 48 -3.68 -0.93 -13.60
CA SER A 48 -4.26 0.32 -13.11
C SER A 48 -3.20 1.36 -12.86
N ALA A 49 -3.61 2.63 -12.78
CA ALA A 49 -2.67 3.71 -12.55
C ALA A 49 -3.42 4.93 -12.04
N THR A 50 -2.68 5.86 -11.46
CA THR A 50 -3.24 7.15 -11.10
C THR A 50 -2.87 8.13 -12.21
N VAL A 51 -3.89 8.70 -12.83
CA VAL A 51 -3.73 9.54 -14.01
C VAL A 51 -4.58 10.79 -13.86
N PHE A 52 -3.97 11.95 -14.08
CA PHE A 52 -4.69 13.21 -14.01
C PHE A 52 -3.82 14.27 -14.67
N ARG A 53 -4.35 15.48 -14.86
CA ARG A 53 -3.53 16.55 -15.38
C ARG A 53 -3.81 17.84 -14.62
N GLU A 54 -3.00 18.85 -14.89
CA GLU A 54 -3.25 20.17 -14.33
C GLU A 54 -4.46 20.81 -15.01
N GLY A 55 -5.12 21.73 -14.31
CA GLY A 55 -6.25 22.42 -14.91
C GLY A 55 -7.47 21.53 -14.92
N HIS A 56 -8.45 21.85 -15.76
CA HIS A 56 -9.74 21.18 -15.66
C HIS A 56 -10.15 20.39 -16.88
N ASP A 57 -9.25 20.27 -17.86
CA ASP A 57 -9.58 19.53 -19.08
C ASP A 57 -9.45 18.03 -18.86
N ALA A 58 -10.03 17.25 -19.77
CA ALA A 58 -10.11 15.80 -19.62
C ALA A 58 -8.80 15.09 -19.96
N VAL A 59 -8.60 13.92 -19.34
CA VAL A 59 -7.50 13.04 -19.71
C VAL A 59 -8.03 11.70 -20.21
N GLY A 60 -7.16 10.98 -20.92
CA GLY A 60 -7.44 9.63 -21.37
C GLY A 60 -6.23 8.80 -21.01
N ALA A 61 -6.39 7.49 -21.01
CA ALA A 61 -5.29 6.59 -20.70
C ALA A 61 -5.49 5.23 -21.38
N ASN A 62 -4.39 4.53 -21.60
CA ASN A 62 -4.44 3.21 -22.23
C ASN A 62 -3.27 2.34 -21.79
N VAL A 63 -3.45 1.03 -21.85
CA VAL A 63 -2.40 0.10 -21.44
C VAL A 63 -1.70 -0.48 -22.66
N VAL A 64 -0.38 -0.46 -22.64
CA VAL A 64 0.39 -1.07 -23.72
C VAL A 64 1.10 -2.30 -23.18
N LEU A 65 0.58 -3.47 -23.54
CA LEU A 65 1.15 -4.73 -23.10
C LEU A 65 2.03 -5.28 -24.22
N ARG A 66 3.31 -5.54 -23.92
CA ARG A 66 4.25 -6.03 -24.93
C ARG A 66 4.71 -7.45 -24.67
N ASP A 67 4.71 -8.26 -25.72
CA ASP A 67 5.03 -9.68 -25.59
C ASP A 67 6.55 -9.88 -25.51
N PRO A 68 7.02 -11.14 -25.41
CA PRO A 68 8.47 -11.31 -25.24
C PRO A 68 9.34 -10.77 -26.37
N ARG A 69 8.76 -10.55 -27.55
CA ARG A 69 9.52 -9.94 -28.64
C ARG A 69 9.26 -8.44 -28.76
N GLY A 70 8.55 -7.87 -27.80
CA GLY A 70 8.37 -6.43 -27.75
C GLY A 70 7.17 -5.94 -28.54
N ARG A 71 6.41 -6.88 -29.08
CA ARG A 71 5.25 -6.53 -29.89
C ARG A 71 4.05 -6.10 -29.03
N PRO A 72 3.54 -4.89 -29.28
CA PRO A 72 2.42 -4.36 -28.49
C PRO A 72 1.10 -5.04 -28.84
N GLY A 73 0.20 -5.12 -27.86
CA GLY A 73 -1.11 -5.70 -28.10
C GLY A 73 -2.05 -4.67 -28.68
N PRO A 74 -3.35 -4.99 -28.70
CA PRO A 74 -4.33 -4.09 -29.30
C PRO A 74 -4.55 -2.82 -28.47
N TRP A 75 -5.19 -1.83 -29.09
CA TRP A 75 -5.61 -0.62 -28.39
C TRP A 75 -6.43 -1.00 -27.16
N THR A 76 -5.97 -0.58 -25.99
CA THR A 76 -6.60 -0.99 -24.74
C THR A 76 -6.85 0.23 -23.85
N PRO A 77 -7.96 0.93 -24.12
CA PRO A 77 -8.26 2.16 -23.37
C PRO A 77 -8.68 1.85 -21.95
N MET A 78 -8.23 2.70 -21.03
CA MET A 78 -8.63 2.64 -19.63
C MET A 78 -9.80 3.54 -19.33
N ARG A 79 -10.41 3.33 -18.17
CA ARG A 79 -11.52 4.13 -17.69
C ARG A 79 -11.27 4.47 -16.23
N GLU A 80 -11.82 5.59 -15.76
CA GLU A 80 -11.71 5.91 -14.34
C GLU A 80 -12.58 4.95 -13.54
N LEU A 81 -11.99 4.29 -12.55
CA LEU A 81 -12.65 3.19 -11.84
C LEU A 81 -13.72 3.66 -10.86
N ALA A 82 -13.53 4.85 -10.29
CA ALA A 82 -14.51 5.44 -9.39
C ALA A 82 -14.44 6.96 -9.52
N PRO A 83 -15.59 7.65 -9.44
CA PRO A 83 -15.62 9.11 -9.60
C PRO A 83 -14.70 9.83 -8.62
N GLY A 84 -13.98 10.84 -9.10
CA GLY A 84 -13.17 11.67 -8.24
C GLY A 84 -11.89 11.07 -7.67
N THR A 85 -11.55 9.85 -8.09
CA THR A 85 -10.39 9.16 -7.53
C THR A 85 -9.12 9.27 -8.39
N ASP A 86 -9.29 9.56 -9.67
CA ASP A 86 -8.17 9.61 -10.62
C ASP A 86 -7.45 8.26 -10.72
N ARG A 87 -8.13 7.19 -10.34
CA ARG A 87 -7.57 5.84 -10.52
C ARG A 87 -8.19 5.23 -11.78
N TRP A 88 -7.34 4.84 -12.72
CA TRP A 88 -7.80 4.34 -14.01
C TRP A 88 -7.41 2.88 -14.18
N GLY A 89 -8.18 2.14 -14.95
CA GLY A 89 -7.90 0.72 -15.12
C GLY A 89 -8.39 0.14 -16.43
N ALA A 90 -7.75 -0.93 -16.88
CA ALA A 90 -8.23 -1.71 -18.01
C ALA A 90 -7.85 -3.16 -17.80
N THR A 91 -8.68 -4.06 -18.33
CA THR A 91 -8.39 -5.48 -18.30
C THR A 91 -7.49 -5.86 -19.45
N VAL A 92 -6.44 -6.62 -19.17
CA VAL A 92 -5.61 -7.19 -20.22
C VAL A 92 -5.61 -8.70 -20.11
N THR A 93 -5.19 -9.37 -21.18
CA THR A 93 -5.17 -10.82 -21.19
C THR A 93 -3.81 -11.30 -21.70
N ALA A 94 -3.19 -12.17 -20.92
CA ALA A 94 -1.89 -12.72 -21.23
C ALA A 94 -1.99 -13.74 -22.35
N GLY A 95 -1.01 -13.73 -23.24
CA GLY A 95 -0.96 -14.68 -24.34
C GLY A 95 0.08 -15.76 -24.08
N GLU A 96 1.00 -15.93 -25.02
CA GLU A 96 2.01 -16.97 -24.89
C GLU A 96 2.91 -16.77 -23.68
N THR A 97 3.48 -17.87 -23.20
CA THR A 97 4.36 -17.82 -22.03
C THR A 97 5.65 -17.06 -22.34
N GLY A 98 6.23 -16.49 -21.29
CA GLY A 98 7.50 -15.80 -21.40
C GLY A 98 7.46 -14.54 -20.56
N THR A 99 8.45 -13.67 -20.74
CA THR A 99 8.50 -12.41 -20.00
C THR A 99 7.97 -11.26 -20.85
N TRP A 100 6.86 -10.70 -20.39
CA TRP A 100 6.17 -9.60 -21.02
C TRP A 100 6.47 -8.31 -20.26
N SER A 101 5.98 -7.19 -20.76
CA SER A 101 6.07 -5.93 -20.03
C SER A 101 4.81 -5.11 -20.28
N TYR A 102 4.49 -4.21 -19.36
CA TYR A 102 3.35 -3.31 -19.59
C TYR A 102 3.67 -1.90 -19.15
N THR A 103 3.11 -0.96 -19.89
CA THR A 103 3.23 0.45 -19.57
C THR A 103 1.84 1.03 -19.62
N VAL A 104 1.65 2.15 -18.94
CA VAL A 104 0.42 2.92 -19.07
C VAL A 104 0.76 4.24 -19.75
N GLU A 105 0.00 4.58 -20.79
CA GLU A 105 0.12 5.86 -21.47
C GLU A 105 -1.02 6.77 -21.05
N ALA A 106 -0.70 8.02 -20.72
CA ALA A 106 -1.67 9.00 -20.27
C ALA A 106 -1.62 10.17 -21.24
N TRP A 107 -2.74 10.84 -21.43
CA TRP A 107 -2.77 11.92 -22.41
C TRP A 107 -3.92 12.90 -22.16
N GLY A 108 -3.74 14.10 -22.67
CA GLY A 108 -4.85 15.05 -22.73
C GLY A 108 -5.86 14.57 -23.75
N ASP A 109 -7.14 14.71 -23.42
CA ASP A 109 -8.24 14.29 -24.28
C ASP A 109 -9.01 15.52 -24.76
N PRO A 110 -8.47 16.25 -25.75
CA PRO A 110 -9.05 17.54 -26.10
C PRO A 110 -10.46 17.46 -26.74
N VAL A 111 -10.76 16.37 -27.43
CA VAL A 111 -12.08 16.26 -28.06
C VAL A 111 -13.19 16.13 -27.01
N THR A 112 -12.95 15.31 -25.99
CA THR A 112 -13.91 15.20 -24.92
C THR A 112 -14.14 16.54 -24.25
N THR A 113 -13.04 17.26 -24.04
CA THR A 113 -13.09 18.58 -23.43
C THR A 113 -13.90 19.55 -24.29
N TRP A 114 -13.58 19.59 -25.57
CA TRP A 114 -14.26 20.51 -26.49
C TRP A 114 -15.75 20.19 -26.60
N ARG A 115 -16.09 18.91 -26.74
CA ARG A 115 -17.50 18.52 -26.83
C ARG A 115 -18.31 18.96 -25.62
N HIS A 116 -17.74 18.79 -24.43
CA HIS A 116 -18.41 19.19 -23.21
C HIS A 116 -18.76 20.68 -23.25
N HIS A 117 -17.77 21.52 -23.56
CA HIS A 117 -18.00 22.95 -23.65
C HIS A 117 -18.95 23.32 -24.80
N ALA A 118 -18.80 22.66 -25.93
CA ALA A 118 -19.61 23.00 -27.10
C ALA A 118 -21.09 22.68 -26.87
N ARG A 119 -21.39 21.56 -26.21
CA ARG A 119 -22.77 21.17 -25.94
C ARG A 119 -23.48 22.20 -25.06
N ILE A 120 -22.71 22.92 -24.25
CA ILE A 120 -23.26 23.98 -23.41
C ILE A 120 -23.30 25.32 -24.14
N LYS A 121 -22.16 25.71 -24.72
CA LYS A 121 -22.02 27.04 -25.32
C LYS A 121 -22.87 27.28 -26.56
N ILE A 122 -23.07 26.25 -27.39
CA ILE A 122 -23.78 26.44 -28.64
C ILE A 122 -25.27 26.79 -28.39
N PRO A 123 -25.98 26.03 -27.53
CA PRO A 123 -27.35 26.45 -27.24
C PRO A 123 -27.46 27.81 -26.55
N ALA A 124 -26.40 28.23 -25.85
CA ALA A 124 -26.40 29.51 -25.15
C ALA A 124 -26.13 30.71 -26.06
N GLY A 125 -25.68 30.45 -27.29
CA GLY A 125 -25.38 31.52 -28.23
C GLY A 125 -24.08 32.23 -27.90
N LEU A 126 -23.27 31.58 -27.09
CA LEU A 126 -22.00 32.15 -26.64
C LEU A 126 -20.88 31.95 -27.68
N ASP A 127 -20.51 33.04 -28.35
CA ASP A 127 -19.58 33.06 -29.50
C ASP A 127 -19.49 31.73 -30.24
N THR A 128 -20.59 31.36 -30.89
CA THR A 128 -20.70 30.02 -31.44
C THR A 128 -19.79 29.82 -32.65
N ASP A 129 -19.59 30.86 -33.46
CA ASP A 129 -18.69 30.73 -34.61
C ASP A 129 -17.29 30.35 -34.15
N LEU A 130 -16.83 30.99 -33.08
CA LEU A 130 -15.51 30.72 -32.54
C LEU A 130 -15.38 29.29 -32.00
N VAL A 131 -16.36 28.86 -31.21
CA VAL A 131 -16.38 27.51 -30.67
C VAL A 131 -16.40 26.45 -31.78
N LEU A 132 -17.14 26.71 -32.85
CA LEU A 132 -17.25 25.73 -33.92
C LEU A 132 -15.95 25.67 -34.73
N GLU A 133 -15.31 26.81 -34.92
CA GLU A 133 -14.00 26.83 -35.59
C GLU A 133 -12.94 26.11 -34.75
N GLU A 134 -12.98 26.27 -33.43
CA GLU A 134 -12.05 25.54 -32.56
C GLU A 134 -12.26 24.04 -32.72
N GLY A 135 -13.53 23.65 -32.82
CA GLY A 135 -13.86 22.25 -33.02
C GLY A 135 -13.35 21.75 -34.35
N ALA A 136 -13.52 22.56 -35.40
CA ALA A 136 -13.05 22.19 -36.73
C ALA A 136 -11.55 21.95 -36.71
N ARG A 137 -10.82 22.83 -36.05
CA ARG A 137 -9.36 22.70 -36.00
C ARG A 137 -8.95 21.45 -35.22
N LEU A 138 -9.69 21.10 -34.17
CA LEU A 138 -9.43 19.86 -33.43
C LEU A 138 -9.65 18.63 -34.30
N TYR A 139 -10.79 18.61 -35.00
CA TYR A 139 -11.12 17.43 -35.82
C TYR A 139 -10.15 17.31 -37.00
N GLU A 140 -9.62 18.42 -37.48
CA GLU A 140 -8.57 18.39 -38.49
C GLU A 140 -7.33 17.68 -37.97
N ARG A 141 -6.93 17.98 -36.74
CA ARG A 141 -5.82 17.29 -36.08
C ARG A 141 -6.11 15.81 -35.95
N ALA A 142 -7.32 15.48 -35.51
CA ALA A 142 -7.71 14.09 -35.31
C ALA A 142 -7.64 13.32 -36.63
N ALA A 143 -8.05 13.98 -37.71
CA ALA A 143 -8.08 13.36 -39.03
C ALA A 143 -6.69 13.02 -39.55
N ALA A 144 -5.72 13.89 -39.30
CA ALA A 144 -4.36 13.70 -39.79
C ALA A 144 -3.69 12.42 -39.30
N ASP A 145 -4.04 12.00 -38.08
CA ASP A 145 -3.41 10.82 -37.47
C ASP A 145 -4.07 9.51 -37.89
N VAL A 146 -5.37 9.58 -38.15
CA VAL A 146 -6.15 8.41 -38.55
C VAL A 146 -5.57 7.77 -39.82
N PRO A 147 -5.28 6.46 -39.75
CA PRO A 147 -4.72 5.73 -40.89
C PRO A 147 -5.77 5.36 -41.95
N GLY A 148 -6.95 4.95 -41.51
CA GLY A 148 -8.01 4.54 -42.43
C GLY A 148 -8.52 5.66 -43.32
N ARG A 149 -8.54 5.40 -44.63
CA ARG A 149 -9.02 6.36 -45.62
C ARG A 149 -10.47 6.76 -45.37
N GLU A 150 -11.32 5.78 -45.11
CA GLU A 150 -12.74 6.04 -44.87
C GLU A 150 -12.96 6.77 -43.55
N ASP A 151 -12.19 6.41 -42.52
CA ASP A 151 -12.30 7.10 -41.24
C ASP A 151 -11.84 8.54 -41.40
N ARG A 152 -10.84 8.77 -42.24
CA ARG A 152 -10.34 10.12 -42.45
C ARG A 152 -11.36 11.00 -43.17
N ARG A 153 -12.02 10.44 -44.18
CA ARG A 153 -12.99 11.21 -44.95
C ARG A 153 -14.21 11.52 -44.07
N GLU A 154 -14.54 10.61 -43.17
CA GLU A 154 -15.63 10.83 -42.22
C GLU A 154 -15.36 12.01 -41.27
N LEU A 155 -14.14 12.09 -40.75
CA LEU A 155 -13.79 13.21 -39.86
C LEU A 155 -13.72 14.51 -40.64
N LEU A 156 -13.16 14.47 -41.85
CA LEU A 156 -13.01 15.69 -42.64
C LEU A 156 -14.36 16.21 -43.11
N ALA A 157 -15.34 15.33 -43.24
CA ALA A 157 -16.69 15.75 -43.58
C ALA A 157 -17.32 16.48 -42.40
N ALA A 158 -17.01 16.00 -41.20
CA ALA A 158 -17.47 16.67 -39.98
C ALA A 158 -16.82 18.04 -39.86
N VAL A 159 -15.55 18.14 -40.24
CA VAL A 159 -14.84 19.41 -40.25
C VAL A 159 -15.54 20.42 -41.16
N ASP A 160 -15.90 19.99 -42.35
CA ASP A 160 -16.55 20.90 -43.29
C ASP A 160 -17.94 21.30 -42.81
N ALA A 161 -18.67 20.37 -42.20
CA ALA A 161 -19.96 20.72 -41.62
C ALA A 161 -19.83 21.70 -40.47
N LEU A 162 -18.83 21.50 -39.61
CA LEU A 162 -18.54 22.45 -38.53
C LEU A 162 -18.27 23.87 -39.06
N ARG A 163 -17.64 23.94 -40.24
CA ARG A 163 -17.26 25.24 -40.79
C ARG A 163 -18.32 25.88 -41.69
N ASP A 164 -19.44 25.22 -41.92
CA ASP A 164 -20.43 25.75 -42.86
C ASP A 164 -21.26 26.85 -42.22
N GLU A 165 -20.81 28.09 -42.38
CA GLU A 165 -21.45 29.23 -41.73
C GLU A 165 -22.83 29.57 -42.28
N SER A 166 -23.24 28.85 -43.33
CA SER A 166 -24.56 29.06 -43.91
C SER A 166 -25.63 28.25 -43.18
N ARG A 167 -25.18 27.36 -42.29
CA ARG A 167 -26.08 26.45 -41.57
C ARG A 167 -26.26 26.89 -40.12
N PRO A 168 -27.36 26.46 -39.48
CA PRO A 168 -27.59 26.76 -38.05
C PRO A 168 -26.49 26.19 -37.16
N ALA A 169 -26.12 26.93 -36.12
CA ALA A 169 -25.09 26.50 -35.20
C ALA A 169 -25.34 25.09 -34.65
N ALA A 170 -26.58 24.82 -34.25
CA ALA A 170 -26.91 23.53 -33.67
C ALA A 170 -26.69 22.40 -34.67
N SER A 171 -26.90 22.72 -35.93
CA SER A 171 -26.75 21.75 -37.02
C SER A 171 -25.28 21.50 -37.33
N ARG A 172 -24.46 22.55 -37.31
CA ARG A 172 -23.03 22.44 -37.50
C ARG A 172 -22.43 21.55 -36.40
N LEU A 173 -22.86 21.77 -35.16
CA LEU A 173 -22.35 20.99 -34.03
C LEU A 173 -22.78 19.52 -34.08
N ALA A 174 -24.05 19.29 -34.41
CA ALA A 174 -24.59 17.93 -34.43
C ALA A 174 -23.81 17.04 -35.39
N ALA A 175 -23.34 17.62 -36.49
CA ALA A 175 -22.55 16.85 -37.45
C ALA A 175 -21.24 16.33 -36.85
N ALA A 176 -20.79 16.94 -35.75
CA ALA A 176 -19.54 16.54 -35.12
C ALA A 176 -19.77 15.47 -34.04
N LEU A 177 -21.03 15.14 -33.81
CA LEU A 177 -21.40 14.29 -32.68
C LEU A 177 -22.15 13.03 -33.10
N THR A 178 -22.08 12.68 -34.39
CA THR A 178 -22.78 11.51 -34.90
C THR A 178 -22.14 10.21 -34.42
N PRO A 179 -22.89 9.09 -34.44
CA PRO A 179 -22.31 7.79 -34.10
C PRO A 179 -21.16 7.39 -35.03
N GLN A 180 -21.27 7.72 -36.30
CA GLN A 180 -20.20 7.48 -37.26
C GLN A 180 -18.90 8.16 -36.82
N VAL A 181 -18.99 9.40 -36.36
CA VAL A 181 -17.81 10.12 -35.90
C VAL A 181 -17.31 9.56 -34.56
N ASP A 182 -18.24 9.26 -33.65
CA ASP A 182 -17.89 8.67 -32.37
C ASP A 182 -17.08 7.38 -32.55
N ALA A 183 -17.53 6.55 -33.48
CA ALA A 183 -16.91 5.24 -33.72
C ALA A 183 -15.45 5.39 -34.15
N VAL A 184 -15.18 6.37 -35.00
CA VAL A 184 -13.80 6.64 -35.42
C VAL A 184 -12.93 7.07 -34.25
N LEU A 185 -13.41 8.03 -33.46
CA LEU A 185 -12.63 8.57 -32.35
C LEU A 185 -12.48 7.55 -31.21
N ALA A 186 -13.43 6.63 -31.12
CA ALA A 186 -13.36 5.56 -30.12
C ALA A 186 -12.19 4.64 -30.42
N ARG A 187 -11.88 4.50 -31.71
CA ARG A 187 -10.78 3.64 -32.15
C ARG A 187 -9.47 4.42 -32.23
N HIS A 188 -9.56 5.66 -32.71
CA HIS A 188 -8.38 6.47 -32.94
C HIS A 188 -8.53 7.85 -32.32
N PRO A 189 -8.47 7.91 -30.99
CA PRO A 189 -8.69 9.19 -30.32
C PRO A 189 -7.54 10.14 -30.57
N LEU A 190 -7.82 11.43 -30.49
CA LEU A 190 -6.78 12.43 -30.57
C LEU A 190 -6.17 12.53 -29.20
N ARG A 191 -4.87 12.18 -29.08
CA ARG A 191 -4.20 12.17 -27.79
C ARG A 191 -3.17 13.30 -27.69
N ASP A 192 -3.36 14.20 -26.73
CA ASP A 192 -2.41 15.27 -26.48
C ASP A 192 -1.34 14.87 -25.46
N LEU A 193 -0.09 15.26 -25.71
CA LEU A 193 0.96 15.24 -24.69
C LEU A 193 1.17 13.85 -24.08
N VAL A 194 1.16 12.84 -24.94
CA VAL A 194 1.24 11.45 -24.48
C VAL A 194 2.47 11.22 -23.58
N THR A 195 2.21 10.63 -22.42
CA THR A 195 3.21 10.44 -21.38
C THR A 195 3.13 9.00 -20.92
N SER A 196 4.29 8.35 -20.81
CA SER A 196 4.30 6.92 -20.51
C SER A 196 4.93 6.62 -19.16
N SER A 197 4.43 5.57 -18.51
CA SER A 197 5.11 5.03 -17.34
C SER A 197 6.36 4.27 -17.77
N ASP A 198 7.27 4.00 -16.84
CA ASP A 198 8.37 3.06 -17.12
C ASP A 198 7.78 1.66 -17.11
N PRO A 199 8.30 0.77 -17.97
CA PRO A 199 7.75 -0.59 -18.10
C PRO A 199 7.85 -1.40 -16.81
N LEU A 200 6.85 -2.22 -16.56
CA LEU A 200 6.88 -3.20 -15.46
C LEU A 200 6.86 -4.59 -16.04
N PRO A 201 7.54 -5.54 -15.38
CA PRO A 201 7.65 -6.91 -15.90
C PRO A 201 6.44 -7.80 -15.57
N LEU A 202 6.08 -8.66 -16.53
CA LEU A 202 5.03 -9.65 -16.33
C LEU A 202 5.55 -11.03 -16.73
N LEU A 203 5.48 -11.98 -15.81
CA LEU A 203 5.89 -13.36 -16.09
C LEU A 203 4.65 -14.17 -16.40
N VAL A 204 4.54 -14.60 -17.65
CA VAL A 204 3.40 -15.41 -18.06
C VAL A 204 3.82 -16.87 -18.13
N GLU A 205 3.10 -17.73 -17.41
CA GLU A 205 3.47 -19.15 -17.32
C GLU A 205 2.34 -20.04 -17.83
N ARG A 206 2.57 -21.35 -17.89
CA ARG A 206 1.60 -22.23 -18.53
C ARG A 206 0.35 -22.42 -17.68
N GLU A 207 -0.71 -22.91 -18.32
CA GLU A 207 -2.02 -23.07 -17.69
C GLU A 207 -1.96 -23.79 -16.34
N ARG A 208 -1.17 -24.85 -16.27
CA ARG A 208 -1.17 -25.70 -15.09
C ARG A 208 -0.63 -24.99 -13.84
N ALA A 209 0.09 -23.90 -14.04
CA ALA A 209 0.60 -23.13 -12.90
C ALA A 209 -0.57 -22.58 -12.08
N LEU A 210 -1.66 -22.23 -12.76
CA LEU A 210 -2.83 -21.68 -12.07
C LEU A 210 -3.93 -22.71 -11.85
N TYR A 211 -4.09 -23.59 -12.84
CA TYR A 211 -5.28 -24.44 -12.91
C TYR A 211 -4.92 -25.91 -12.97
N GLY A 212 -5.52 -26.70 -12.08
CA GLY A 212 -5.33 -28.15 -12.14
C GLY A 212 -5.80 -28.82 -10.89
N ALA A 213 -6.10 -30.12 -10.99
CA ALA A 213 -6.55 -30.88 -9.83
C ALA A 213 -5.47 -31.89 -9.46
N TRP A 214 -5.09 -31.90 -8.18
CA TRP A 214 -3.97 -32.72 -7.69
C TRP A 214 -4.42 -33.86 -6.80
N TYR A 215 -3.71 -34.99 -6.89
CA TYR A 215 -3.98 -36.17 -6.08
C TYR A 215 -2.66 -36.69 -5.52
N GLU A 216 -2.56 -36.76 -4.19
CA GLU A 216 -1.36 -37.27 -3.53
C GLU A 216 -1.53 -38.71 -3.10
N PHE A 217 -0.59 -39.58 -3.48
CA PHE A 217 -0.64 -40.97 -2.99
C PHE A 217 0.76 -41.54 -2.87
N PHE A 218 0.87 -42.61 -2.10
CA PHE A 218 2.16 -43.29 -1.85
C PHE A 218 2.27 -44.53 -2.72
N PRO A 219 3.19 -44.54 -3.70
CA PRO A 219 3.32 -45.74 -4.53
C PRO A 219 3.53 -47.02 -3.72
N ARG A 220 4.26 -46.97 -2.61
CA ARG A 220 4.52 -48.19 -1.85
C ARG A 220 3.26 -48.82 -1.26
N SER A 221 2.21 -48.02 -1.03
CA SER A 221 0.99 -48.60 -0.47
C SER A 221 0.18 -49.37 -1.51
N GLU A 222 0.43 -49.11 -2.80
CA GLU A 222 -0.36 -49.74 -3.84
C GLU A 222 0.35 -50.99 -4.32
N GLY A 223 0.41 -52.00 -3.45
CA GLY A 223 1.11 -53.24 -3.73
C GLY A 223 0.17 -54.40 -4.00
N THR A 224 0.61 -55.61 -3.68
CA THR A 224 -0.11 -56.83 -4.03
C THR A 224 -0.13 -57.77 -2.82
N PRO A 225 -1.07 -58.73 -2.81
CA PRO A 225 -1.07 -59.73 -1.74
C PRO A 225 0.28 -60.42 -1.56
N HIS A 226 0.96 -60.77 -2.65
CA HIS A 226 2.22 -61.49 -2.54
C HIS A 226 3.39 -60.55 -2.28
N THR A 227 3.25 -59.28 -2.67
CA THR A 227 4.28 -58.27 -2.48
C THR A 227 3.66 -56.96 -1.98
N PRO A 228 3.50 -56.84 -0.65
CA PRO A 228 2.80 -55.72 0.00
C PRO A 228 3.40 -54.37 -0.35
N HIS A 229 4.73 -54.28 -0.48
CA HIS A 229 5.37 -53.02 -0.82
C HIS A 229 5.24 -52.77 -2.31
N GLY A 230 4.46 -51.76 -2.67
CA GLY A 230 4.21 -51.43 -4.06
C GLY A 230 5.49 -51.09 -4.82
N THR A 231 5.44 -51.33 -6.12
CA THR A 231 6.52 -50.93 -7.04
C THR A 231 5.96 -49.88 -7.95
N PHE A 232 6.81 -49.23 -8.75
CA PHE A 232 6.27 -48.32 -9.74
C PHE A 232 5.35 -49.06 -10.72
N ARG A 233 5.63 -50.34 -10.98
CA ARG A 233 4.77 -51.08 -11.91
C ARG A 233 3.42 -51.41 -11.30
N THR A 234 3.36 -51.73 -10.01
CA THR A 234 2.04 -51.97 -9.42
C THR A 234 1.32 -50.66 -9.20
N ALA A 235 2.07 -49.64 -8.77
CA ALA A 235 1.46 -48.34 -8.50
C ALA A 235 0.90 -47.71 -9.79
N ALA A 236 1.49 -48.01 -10.94
CA ALA A 236 0.95 -47.51 -12.21
C ALA A 236 -0.49 -47.99 -12.44
N ARG A 237 -0.88 -49.11 -11.84
CA ARG A 237 -2.24 -49.62 -12.01
C ARG A 237 -3.26 -48.84 -11.20
N ARG A 238 -2.79 -47.99 -10.29
CA ARG A 238 -3.67 -47.10 -9.53
C ARG A 238 -4.01 -45.85 -10.35
N LEU A 239 -3.18 -45.56 -11.34
CA LEU A 239 -3.33 -44.30 -12.07
C LEU A 239 -4.67 -44.17 -12.84
N PRO A 240 -5.16 -45.25 -13.48
CA PRO A 240 -6.44 -45.08 -14.19
C PRO A 240 -7.58 -44.57 -13.33
N ALA A 241 -7.70 -45.06 -12.10
CA ALA A 241 -8.78 -44.57 -11.21
C ALA A 241 -8.59 -43.09 -10.88
N ILE A 242 -7.34 -42.69 -10.70
CA ILE A 242 -7.05 -41.29 -10.41
C ILE A 242 -7.43 -40.38 -11.58
N ALA A 243 -7.06 -40.78 -12.79
CA ALA A 243 -7.44 -40.04 -13.99
C ALA A 243 -8.96 -40.00 -14.15
N ALA A 244 -9.62 -41.11 -13.83
CA ALA A 244 -11.08 -41.20 -13.95
C ALA A 244 -11.80 -40.26 -13.00
N MET A 245 -11.16 -39.94 -11.88
CA MET A 245 -11.70 -38.94 -10.95
C MET A 245 -11.47 -37.52 -11.44
N GLY A 246 -10.74 -37.37 -12.54
CA GLY A 246 -10.55 -36.06 -13.15
C GLY A 246 -9.35 -35.27 -12.67
N PHE A 247 -8.38 -35.95 -12.07
CA PHE A 247 -7.16 -35.27 -11.62
C PHE A 247 -6.18 -35.09 -12.76
N ASP A 248 -5.32 -34.09 -12.63
CA ASP A 248 -4.36 -33.71 -13.65
C ASP A 248 -2.91 -33.94 -13.24
N VAL A 249 -2.69 -33.96 -11.93
CA VAL A 249 -1.35 -34.04 -11.34
C VAL A 249 -1.37 -35.08 -10.23
N VAL A 250 -0.39 -35.97 -10.20
CA VAL A 250 -0.24 -36.83 -9.02
C VAL A 250 1.04 -36.43 -8.30
N TYR A 251 0.89 -36.13 -7.01
CA TYR A 251 2.02 -35.76 -6.18
C TYR A 251 2.47 -36.98 -5.39
N LEU A 252 3.73 -37.36 -5.57
CA LEU A 252 4.32 -38.49 -4.90
C LEU A 252 5.23 -38.00 -3.79
N PRO A 253 5.10 -38.57 -2.59
CA PRO A 253 6.12 -38.37 -1.57
C PRO A 253 7.48 -38.84 -2.10
N PRO A 254 8.58 -38.47 -1.42
CA PRO A 254 9.92 -38.82 -1.92
C PRO A 254 10.06 -40.29 -2.30
N ILE A 255 10.66 -40.54 -3.45
CA ILE A 255 10.72 -41.90 -4.01
C ILE A 255 12.11 -42.51 -3.86
N HIS A 256 12.92 -41.93 -2.97
CA HIS A 256 14.33 -42.33 -2.81
C HIS A 256 14.53 -43.38 -1.73
N PRO A 257 15.75 -43.96 -1.65
CA PRO A 257 16.04 -44.85 -0.52
C PRO A 257 15.78 -44.15 0.80
N ILE A 258 15.42 -44.92 1.83
CA ILE A 258 15.05 -44.39 3.14
C ILE A 258 16.08 -44.84 4.19
N GLY A 259 16.51 -43.93 5.06
CA GLY A 259 17.51 -44.24 6.06
C GLY A 259 17.06 -45.31 7.04
N THR A 260 18.03 -46.00 7.65
CA THR A 260 17.72 -46.96 8.71
C THR A 260 18.04 -46.39 10.08
N THR A 261 19.11 -45.58 10.17
CA THR A 261 19.47 -44.96 11.44
C THR A 261 18.38 -44.03 11.93
N HIS A 262 17.86 -44.33 13.12
CA HIS A 262 16.81 -43.53 13.74
C HIS A 262 15.53 -43.55 12.91
N ARG A 263 15.35 -44.58 12.11
CA ARG A 263 14.10 -44.76 11.36
C ARG A 263 12.91 -44.77 12.31
N LYS A 264 11.86 -44.06 11.94
CA LYS A 264 10.66 -44.01 12.77
C LYS A 264 9.78 -45.24 12.56
N GLY A 265 9.08 -45.64 13.61
CA GLY A 265 8.19 -46.78 13.52
C GLY A 265 6.76 -46.34 13.22
N ARG A 266 5.82 -47.28 13.29
CA ARG A 266 4.42 -46.97 13.04
C ARG A 266 3.87 -45.95 14.03
N ASN A 267 2.96 -45.11 13.54
CA ASN A 267 2.36 -44.06 14.35
C ASN A 267 3.37 -43.09 14.95
N ASN A 268 4.45 -42.86 14.20
CA ASN A 268 5.46 -41.87 14.57
C ASN A 268 6.15 -42.25 15.87
N THR A 269 6.36 -43.54 16.07
CA THR A 269 7.08 -43.99 17.25
C THR A 269 8.57 -43.84 16.97
N LEU A 270 9.35 -43.72 18.04
CA LEU A 270 10.77 -43.36 17.90
C LEU A 270 11.61 -44.44 17.22
N SER A 271 11.28 -45.71 17.46
CA SER A 271 12.14 -46.78 16.96
C SER A 271 11.42 -47.78 16.08
N ALA A 272 11.89 -47.89 14.84
CA ALA A 272 11.35 -48.84 13.88
C ALA A 272 11.72 -50.26 14.29
N THR A 273 10.80 -51.20 14.09
CA THR A 273 11.09 -52.59 14.38
C THR A 273 10.69 -53.47 13.20
N GLY A 274 11.42 -54.55 13.02
CA GLY A 274 11.10 -55.53 12.00
C GLY A 274 11.18 -54.96 10.60
N ASP A 275 10.08 -55.09 9.86
CA ASP A 275 10.10 -54.61 8.49
C ASP A 275 9.40 -53.27 8.35
N ASP A 276 9.36 -52.49 9.43
CA ASP A 276 8.85 -51.11 9.37
C ASP A 276 9.51 -50.37 8.23
N VAL A 277 8.72 -49.61 7.47
CA VAL A 277 9.22 -49.02 6.22
C VAL A 277 9.78 -47.61 6.40
N GLY A 278 9.46 -46.97 7.53
CA GLY A 278 9.95 -45.63 7.81
C GLY A 278 9.29 -44.54 6.99
N SER A 279 9.67 -43.30 7.25
CA SER A 279 9.16 -42.15 6.50
C SER A 279 9.93 -41.91 5.20
N PRO A 280 9.22 -41.75 4.07
CA PRO A 280 9.89 -41.42 2.81
C PRO A 280 10.70 -40.12 2.87
N TRP A 281 10.38 -39.23 3.80
CA TRP A 281 11.10 -37.97 3.88
C TRP A 281 12.47 -38.12 4.57
N ALA A 282 12.76 -39.31 5.08
CA ALA A 282 14.09 -39.58 5.65
C ALA A 282 15.02 -40.09 4.56
N ILE A 283 15.42 -39.19 3.68
CA ILE A 283 16.02 -39.55 2.42
C ILE A 283 17.48 -39.94 2.54
N GLY A 284 17.82 -41.09 1.97
CA GLY A 284 19.20 -41.45 1.72
C GLY A 284 19.65 -42.67 2.49
N SER A 285 20.43 -43.50 1.80
CA SER A 285 21.11 -44.64 2.41
C SER A 285 22.35 -44.89 1.57
N PRO A 286 23.17 -45.89 1.94
CA PRO A 286 24.25 -46.25 0.99
C PRO A 286 23.72 -46.71 -0.38
N GLU A 287 22.41 -47.00 -0.47
CA GLU A 287 21.80 -47.37 -1.74
C GLU A 287 21.60 -46.15 -2.62
N GLY A 288 21.79 -44.97 -2.07
CA GLY A 288 21.63 -43.76 -2.87
C GLY A 288 20.88 -42.62 -2.21
N GLY A 289 20.93 -41.46 -2.84
CA GLY A 289 20.32 -40.25 -2.30
C GLY A 289 19.19 -39.73 -3.16
N HIS A 290 19.13 -38.41 -3.32
CA HIS A 290 18.01 -37.72 -3.96
C HIS A 290 17.94 -37.97 -5.46
N ASP A 291 18.98 -38.57 -6.03
CA ASP A 291 18.95 -38.87 -7.46
C ASP A 291 18.75 -40.36 -7.70
N SER A 292 18.31 -41.07 -6.67
CA SER A 292 18.15 -42.52 -6.74
C SER A 292 16.74 -42.95 -6.39
N ILE A 293 16.44 -44.20 -6.69
CA ILE A 293 15.10 -44.73 -6.44
C ILE A 293 15.17 -45.77 -5.35
N HIS A 294 14.22 -45.71 -4.43
CA HIS A 294 14.05 -46.76 -3.43
C HIS A 294 14.07 -48.13 -4.10
N PRO A 295 14.94 -49.03 -3.63
CA PRO A 295 15.06 -50.33 -4.31
C PRO A 295 13.76 -51.12 -4.34
N ALA A 296 12.91 -50.95 -3.33
CA ALA A 296 11.63 -51.66 -3.31
C ALA A 296 10.64 -51.09 -4.32
N LEU A 297 10.87 -49.86 -4.80
CA LEU A 297 9.98 -49.28 -5.81
C LEU A 297 10.38 -49.74 -7.20
N GLY A 298 11.63 -50.17 -7.33
CA GLY A 298 12.13 -50.67 -8.59
C GLY A 298 13.29 -49.84 -9.12
N THR A 299 13.39 -49.78 -10.44
CA THR A 299 14.51 -49.11 -11.11
C THR A 299 14.05 -47.84 -11.81
N LEU A 300 15.01 -47.09 -12.33
CA LEU A 300 14.70 -45.89 -13.10
C LEU A 300 13.87 -46.26 -14.36
N ASP A 301 14.16 -47.41 -14.95
CA ASP A 301 13.33 -47.93 -16.05
C ASP A 301 11.88 -48.11 -15.63
N ASP A 302 11.66 -48.62 -14.42
CA ASP A 302 10.29 -48.81 -13.91
C ASP A 302 9.61 -47.47 -13.69
N PHE A 303 10.40 -46.49 -13.24
CA PHE A 303 9.88 -45.14 -13.05
C PHE A 303 9.47 -44.53 -14.38
N ASP A 304 10.31 -44.71 -15.40
CA ASP A 304 9.98 -44.25 -16.76
C ASP A 304 8.67 -44.86 -17.25
N HIS A 305 8.44 -46.13 -16.94
CA HIS A 305 7.17 -46.78 -17.30
C HIS A 305 5.99 -46.10 -16.60
N PHE A 306 6.16 -45.82 -15.31
CA PHE A 306 5.14 -45.14 -14.53
C PHE A 306 4.83 -43.77 -15.15
N VAL A 307 5.87 -43.02 -15.50
CA VAL A 307 5.68 -41.70 -16.10
C VAL A 307 4.98 -41.80 -17.47
N THR A 308 5.32 -42.82 -18.25
CA THR A 308 4.68 -43.02 -19.56
C THR A 308 3.20 -43.34 -19.38
N GLU A 309 2.90 -44.21 -18.42
CA GLU A 309 1.52 -44.56 -18.15
C GLU A 309 0.74 -43.35 -17.66
N ALA A 310 1.38 -42.53 -16.83
CA ALA A 310 0.73 -41.31 -16.35
C ALA A 310 0.37 -40.42 -17.54
N GLY A 311 1.33 -40.25 -18.46
CA GLY A 311 1.11 -39.38 -19.60
C GLY A 311 -0.05 -39.85 -20.46
N LYS A 312 -0.16 -41.16 -20.66
CA LYS A 312 -1.26 -41.73 -21.44
C LYS A 312 -2.62 -41.37 -20.85
N LEU A 313 -2.67 -41.17 -19.54
CA LEU A 313 -3.91 -40.88 -18.82
C LEU A 313 -4.14 -39.39 -18.59
N GLY A 314 -3.26 -38.55 -19.14
CA GLY A 314 -3.38 -37.12 -18.96
C GLY A 314 -2.93 -36.65 -17.58
N LEU A 315 -2.04 -37.43 -16.96
CA LEU A 315 -1.51 -37.10 -15.65
C LEU A 315 -0.05 -36.64 -15.71
N GLU A 316 0.25 -35.54 -15.03
CA GLU A 316 1.64 -35.09 -14.83
C GLU A 316 2.10 -35.55 -13.46
N ILE A 317 3.39 -35.84 -13.33
CA ILE A 317 3.95 -36.22 -12.04
C ILE A 317 4.54 -35.01 -11.34
N ALA A 318 4.22 -34.85 -10.05
CA ALA A 318 4.92 -33.90 -9.21
C ALA A 318 5.71 -34.67 -8.15
N LEU A 319 7.03 -34.55 -8.17
CA LEU A 319 7.85 -35.21 -7.15
C LEU A 319 8.09 -34.29 -5.98
N ASP A 320 8.10 -34.88 -4.79
CA ASP A 320 8.47 -34.17 -3.58
C ASP A 320 9.96 -33.87 -3.64
N PHE A 321 10.35 -32.61 -3.47
CA PHE A 321 11.76 -32.29 -3.29
C PHE A 321 11.96 -31.81 -1.87
N ALA A 322 12.62 -32.65 -1.06
CA ALA A 322 12.82 -32.36 0.35
C ALA A 322 14.31 -32.28 0.65
N LEU A 323 14.82 -31.07 0.83
CA LEU A 323 16.27 -30.87 0.92
C LEU A 323 16.68 -31.05 2.37
N GLN A 324 16.92 -32.32 2.72
CA GLN A 324 17.24 -32.77 4.07
C GLN A 324 17.74 -34.20 3.89
N CYS A 325 18.37 -34.77 4.91
CA CYS A 325 19.08 -36.06 4.80
C CYS A 325 18.80 -36.96 5.99
N SER A 326 18.62 -38.26 5.74
CA SER A 326 18.72 -39.22 6.84
C SER A 326 20.19 -39.24 7.25
N PRO A 327 20.48 -39.78 8.46
CA PRO A 327 21.89 -39.88 8.86
C PRO A 327 22.70 -40.82 7.98
N ASP A 328 22.03 -41.63 7.15
CA ASP A 328 22.70 -42.61 6.30
C ASP A 328 22.91 -42.11 4.87
N HIS A 329 22.48 -40.87 4.60
CA HIS A 329 22.63 -40.27 3.28
C HIS A 329 24.12 -40.10 3.01
N PRO A 330 24.58 -40.41 1.78
CA PRO A 330 25.99 -40.25 1.43
C PRO A 330 26.54 -38.84 1.69
N TRP A 331 25.71 -37.81 1.59
CA TRP A 331 26.19 -36.43 1.83
C TRP A 331 26.76 -36.23 3.22
N VAL A 332 26.28 -36.99 4.19
CA VAL A 332 26.66 -36.73 5.57
C VAL A 332 28.18 -36.82 5.74
N HIS A 333 28.81 -37.81 5.11
CA HIS A 333 30.26 -37.90 5.21
C HIS A 333 30.98 -37.32 4.00
N LYS A 334 30.30 -37.23 2.86
CA LYS A 334 30.91 -36.67 1.67
C LYS A 334 30.99 -35.14 1.74
N HIS A 335 29.96 -34.52 2.35
CA HIS A 335 29.87 -33.07 2.44
C HIS A 335 29.50 -32.63 3.86
N PRO A 336 30.41 -32.84 4.82
CA PRO A 336 30.09 -32.51 6.20
C PRO A 336 29.73 -31.03 6.36
N GLU A 337 30.27 -30.17 5.52
CA GLU A 337 30.01 -28.73 5.68
C GLU A 337 28.59 -28.36 5.21
N TRP A 338 27.81 -29.33 4.71
CA TRP A 338 26.41 -29.07 4.38
C TRP A 338 25.49 -29.27 5.59
N PHE A 339 26.10 -29.45 6.77
CA PHE A 339 25.35 -29.66 8.01
C PHE A 339 25.94 -28.83 9.12
N HIS A 340 25.11 -28.44 10.07
CA HIS A 340 25.59 -27.75 11.26
C HIS A 340 25.96 -28.77 12.32
N HIS A 341 27.23 -28.76 12.74
CA HIS A 341 27.70 -29.67 13.80
C HIS A 341 27.83 -28.95 15.14
N ARG A 342 27.42 -29.63 16.21
N ARG A 342 27.42 -29.62 16.22
CA ARG A 342 27.60 -29.13 17.57
CA ARG A 342 27.60 -29.11 17.58
C ARG A 342 29.06 -29.35 17.98
C ARG A 342 29.03 -29.42 18.02
N PRO A 343 29.48 -28.81 19.14
CA PRO A 343 30.90 -28.99 19.51
C PRO A 343 31.40 -30.43 19.63
N ASP A 344 30.51 -31.39 19.86
CA ASP A 344 30.93 -32.79 19.97
C ASP A 344 30.92 -33.49 18.62
N GLY A 345 30.68 -32.73 17.56
CA GLY A 345 30.64 -33.26 16.20
C GLY A 345 29.29 -33.78 15.75
N THR A 346 28.32 -33.83 16.66
CA THR A 346 27.01 -34.39 16.31
C THR A 346 26.15 -33.37 15.54
N ILE A 347 25.21 -33.88 14.77
CA ILE A 347 24.27 -33.01 14.04
C ILE A 347 22.87 -33.13 14.65
N ALA A 348 22.30 -32.02 15.11
CA ALA A 348 20.99 -32.04 15.75
C ALA A 348 19.93 -32.39 14.71
N HIS A 349 18.96 -33.23 15.09
CA HIS A 349 17.92 -33.63 14.15
C HIS A 349 17.02 -32.45 13.85
N ALA A 350 16.33 -32.53 12.71
CA ALA A 350 15.46 -31.45 12.28
C ALA A 350 14.23 -31.38 13.18
N GLU A 351 13.62 -30.19 13.22
CA GLU A 351 12.40 -29.96 13.98
C GLU A 351 11.55 -28.95 13.25
N ASN A 352 10.25 -29.01 13.48
CA ASN A 352 9.34 -27.95 13.09
C ASN A 352 8.45 -27.73 14.29
N PRO A 353 8.96 -27.01 15.31
CA PRO A 353 8.38 -27.00 16.66
C PRO A 353 6.88 -26.78 16.67
N PRO A 354 6.14 -27.62 17.41
CA PRO A 354 6.62 -28.64 18.34
C PRO A 354 6.87 -30.02 17.72
N LYS A 355 6.82 -30.13 16.40
CA LYS A 355 7.10 -31.41 15.76
C LYS A 355 8.60 -31.72 15.82
N LYS A 356 8.96 -32.97 16.09
CA LYS A 356 10.36 -33.39 16.05
C LYS A 356 10.59 -34.46 14.99
N TYR A 357 11.67 -34.30 14.23
CA TYR A 357 11.99 -35.22 13.15
C TYR A 357 13.31 -35.92 13.44
N GLN A 358 13.28 -36.86 14.38
CA GLN A 358 14.51 -37.53 14.83
C GLN A 358 15.20 -38.34 13.75
N ASP A 359 14.50 -38.63 12.65
CA ASP A 359 15.07 -39.46 11.59
C ASP A 359 15.83 -38.67 10.52
N ILE A 360 15.89 -37.34 10.65
CA ILE A 360 16.58 -36.55 9.63
C ILE A 360 17.46 -35.43 10.18
N TYR A 361 18.46 -35.07 9.38
CA TYR A 361 19.25 -33.86 9.58
C TYR A 361 18.82 -32.77 8.62
N PRO A 362 18.72 -31.53 9.11
CA PRO A 362 18.48 -30.39 8.20
C PRO A 362 19.80 -29.94 7.55
N ILE A 363 19.71 -29.30 6.39
CA ILE A 363 20.88 -28.81 5.68
C ILE A 363 21.31 -27.42 6.20
N ALA A 364 22.63 -27.19 6.26
CA ALA A 364 23.20 -25.87 6.56
C ALA A 364 23.73 -25.27 5.26
N PHE A 365 23.49 -23.97 5.04
CA PHE A 365 23.69 -23.38 3.71
C PHE A 365 24.83 -22.38 3.60
N ASP A 366 25.42 -21.98 4.71
CA ASP A 366 26.36 -20.87 4.62
C ASP A 366 27.84 -21.25 4.58
N ALA A 367 28.15 -22.54 4.59
CA ALA A 367 29.54 -22.95 4.36
C ALA A 367 29.82 -23.18 2.87
N ASP A 368 28.85 -23.79 2.16
CA ASP A 368 29.03 -24.10 0.75
C ASP A 368 27.74 -23.83 -0.06
N PRO A 369 27.30 -22.57 -0.11
CA PRO A 369 26.06 -22.29 -0.85
C PRO A 369 26.15 -22.62 -2.34
N ASP A 370 27.31 -22.43 -2.96
CA ASP A 370 27.45 -22.73 -4.39
C ASP A 370 27.37 -24.24 -4.64
N GLY A 371 28.03 -25.02 -3.79
CA GLY A 371 27.99 -26.46 -3.90
C GLY A 371 26.58 -27.01 -3.77
N LEU A 372 25.84 -26.49 -2.80
CA LEU A 372 24.45 -26.91 -2.60
C LEU A 372 23.55 -26.53 -3.78
N ALA A 373 23.71 -25.31 -4.28
CA ALA A 373 22.87 -24.87 -5.40
C ALA A 373 23.17 -25.70 -6.64
N THR A 374 24.45 -25.94 -6.88
CA THR A 374 24.86 -26.71 -8.05
C THR A 374 24.31 -28.13 -7.97
N GLU A 375 24.41 -28.75 -6.79
CA GLU A 375 23.93 -30.12 -6.66
C GLU A 375 22.40 -30.16 -6.72
N THR A 376 21.75 -29.17 -6.14
CA THR A 376 20.29 -29.10 -6.17
C THR A 376 19.78 -29.03 -7.61
N VAL A 377 20.31 -28.12 -8.43
CA VAL A 377 19.76 -28.04 -9.78
C VAL A 377 20.17 -29.25 -10.61
N ARG A 378 21.26 -29.93 -10.24
CA ARG A 378 21.63 -31.16 -10.96
C ARG A 378 20.60 -32.25 -10.69
N ILE A 379 20.22 -32.40 -9.43
CA ILE A 379 19.19 -33.35 -9.03
C ILE A 379 17.86 -33.05 -9.72
N LEU A 380 17.42 -31.80 -9.67
CA LEU A 380 16.16 -31.45 -10.33
C LEU A 380 16.22 -31.76 -11.83
N ARG A 381 17.34 -31.45 -12.48
CA ARG A 381 17.44 -31.69 -13.92
C ARG A 381 17.43 -33.17 -14.26
N HIS A 382 17.95 -33.99 -13.36
CA HIS A 382 17.85 -35.43 -13.54
C HIS A 382 16.40 -35.88 -13.63
N TRP A 383 15.58 -35.44 -12.68
CA TRP A 383 14.18 -35.86 -12.69
C TRP A 383 13.43 -35.18 -13.84
N MET A 384 13.81 -33.96 -14.17
CA MET A 384 13.24 -33.27 -15.34
C MET A 384 13.50 -34.06 -16.62
N ASP A 385 14.69 -34.65 -16.71
CA ASP A 385 15.07 -35.45 -17.88
C ASP A 385 14.24 -36.73 -17.95
N HIS A 386 13.61 -37.12 -16.85
CA HIS A 386 12.72 -38.28 -16.86
C HIS A 386 11.27 -37.85 -16.76
N GLY A 387 10.97 -36.64 -17.23
CA GLY A 387 9.61 -36.23 -17.46
C GLY A 387 8.88 -35.57 -16.30
N VAL A 388 9.61 -35.29 -15.23
CA VAL A 388 9.02 -34.60 -14.08
C VAL A 388 9.16 -33.09 -14.28
N ARG A 389 8.03 -32.40 -14.46
CA ARG A 389 8.06 -30.97 -14.75
C ARG A 389 7.40 -30.15 -13.64
N ILE A 390 7.10 -30.80 -12.53
CA ILE A 390 6.53 -30.16 -11.35
C ILE A 390 7.20 -30.70 -10.09
N PHE A 391 7.60 -29.82 -9.18
CA PHE A 391 8.16 -30.24 -7.90
C PHE A 391 7.38 -29.63 -6.74
N ARG A 392 6.99 -30.48 -5.80
CA ARG A 392 6.38 -30.05 -4.55
C ARG A 392 7.52 -29.89 -3.56
N VAL A 393 7.82 -28.66 -3.17
CA VAL A 393 9.01 -28.40 -2.40
C VAL A 393 8.67 -28.43 -0.90
N ASP A 394 9.26 -29.39 -0.20
CA ASP A 394 9.00 -29.61 1.22
C ASP A 394 9.58 -28.48 2.07
N ASN A 395 8.75 -27.86 2.92
CA ASN A 395 9.21 -26.84 3.88
C ASN A 395 10.25 -25.86 3.34
N PRO A 396 9.90 -25.12 2.28
CA PRO A 396 10.96 -24.27 1.72
C PRO A 396 11.38 -23.17 2.70
N HIS A 397 10.51 -22.87 3.66
CA HIS A 397 10.76 -21.77 4.59
C HIS A 397 11.81 -22.11 5.66
N THR A 398 12.35 -23.33 5.65
CA THR A 398 13.46 -23.63 6.56
C THR A 398 14.78 -23.69 5.80
N LYS A 399 14.76 -23.25 4.54
CA LYS A 399 15.96 -23.07 3.73
C LYS A 399 15.97 -21.60 3.32
N PRO A 400 17.16 -21.04 3.00
CA PRO A 400 17.18 -19.60 2.73
C PRO A 400 16.31 -19.17 1.55
N VAL A 401 15.60 -18.06 1.71
CA VAL A 401 14.76 -17.54 0.63
C VAL A 401 15.55 -17.30 -0.65
N ALA A 402 16.75 -16.72 -0.52
CA ALA A 402 17.55 -16.44 -1.71
C ALA A 402 18.08 -17.71 -2.36
N PHE A 403 18.13 -18.80 -1.60
CA PHE A 403 18.56 -20.08 -2.17
C PHE A 403 17.51 -20.52 -3.18
N TRP A 404 16.23 -20.45 -2.80
CA TRP A 404 15.18 -20.81 -3.74
C TRP A 404 15.13 -19.83 -4.91
N GLU A 405 15.34 -18.55 -4.63
CA GLU A 405 15.27 -17.57 -5.72
C GLU A 405 16.29 -17.96 -6.78
N ARG A 406 17.48 -18.35 -6.32
CA ARG A 406 18.57 -18.74 -7.21
C ARG A 406 18.27 -20.02 -7.97
N VAL A 407 17.82 -21.04 -7.24
CA VAL A 407 17.54 -22.34 -7.82
C VAL A 407 16.42 -22.25 -8.87
N ILE A 408 15.33 -21.57 -8.51
CA ILE A 408 14.20 -21.47 -9.43
C ILE A 408 14.58 -20.67 -10.67
N ALA A 409 15.32 -19.57 -10.48
CA ALA A 409 15.81 -18.81 -11.63
C ALA A 409 16.68 -19.65 -12.53
N ASP A 410 17.52 -20.50 -11.94
CA ASP A 410 18.42 -21.35 -12.74
C ASP A 410 17.62 -22.37 -13.56
N ILE A 411 16.70 -23.08 -12.90
CA ILE A 411 15.91 -24.10 -13.59
C ILE A 411 14.99 -23.49 -14.66
N ASN A 412 14.26 -22.44 -14.31
CA ASN A 412 13.31 -21.84 -15.26
C ASN A 412 14.04 -21.09 -16.38
N GLY A 413 15.30 -20.73 -16.15
CA GLY A 413 16.12 -20.11 -17.18
C GLY A 413 16.29 -21.02 -18.38
N THR A 414 16.39 -22.32 -18.15
CA THR A 414 16.51 -23.30 -19.22
C THR A 414 15.19 -24.00 -19.52
N ASP A 415 14.34 -24.08 -18.50
CA ASP A 415 13.11 -24.85 -18.57
C ASP A 415 11.97 -24.11 -17.90
N PRO A 416 11.45 -23.07 -18.57
CA PRO A 416 10.42 -22.20 -17.97
C PRO A 416 9.10 -22.92 -17.68
N ASP A 417 8.90 -24.13 -18.22
CA ASP A 417 7.67 -24.87 -17.95
C ASP A 417 7.66 -25.52 -16.56
N VAL A 418 8.81 -25.62 -15.91
CA VAL A 418 8.83 -26.32 -14.62
C VAL A 418 8.07 -25.52 -13.55
N ILE A 419 7.22 -26.22 -12.81
CA ILE A 419 6.38 -25.61 -11.78
C ILE A 419 6.87 -26.02 -10.39
N PHE A 420 7.08 -25.02 -9.52
CA PHE A 420 7.47 -25.27 -8.14
C PHE A 420 6.34 -24.91 -7.19
N LEU A 421 5.95 -25.86 -6.33
CA LEU A 421 4.91 -25.63 -5.34
C LEU A 421 5.53 -25.50 -3.95
N ALA A 422 5.27 -24.39 -3.27
CA ALA A 422 5.86 -24.13 -1.96
C ALA A 422 5.01 -24.67 -0.83
N GLU A 423 5.51 -25.72 -0.16
CA GLU A 423 4.82 -26.23 1.01
C GLU A 423 5.26 -25.48 2.26
N ALA A 424 4.82 -24.24 2.36
CA ALA A 424 5.20 -23.36 3.47
C ALA A 424 3.99 -22.94 4.28
N PHE A 425 3.68 -23.71 5.34
CA PHE A 425 2.65 -23.31 6.27
C PHE A 425 3.35 -22.53 7.36
N THR A 426 3.36 -21.21 7.24
CA THR A 426 4.15 -20.41 8.17
C THR A 426 3.53 -19.02 8.25
N ARG A 427 4.29 -18.01 8.64
CA ARG A 427 3.74 -16.67 8.78
C ARG A 427 3.53 -16.01 7.42
N PRO A 428 2.64 -15.01 7.32
CA PRO A 428 2.31 -14.46 6.00
C PRO A 428 3.47 -13.83 5.23
N ALA A 429 4.41 -13.18 5.90
CA ALA A 429 5.48 -12.49 5.19
C ALA A 429 6.34 -13.49 4.40
N MET A 430 6.72 -14.57 5.05
CA MET A 430 7.48 -15.63 4.39
C MET A 430 6.68 -16.31 3.26
N MET A 431 5.41 -16.63 3.52
CA MET A 431 4.59 -17.26 2.46
C MET A 431 4.52 -16.38 1.21
N ALA A 432 4.28 -15.09 1.42
CA ALA A 432 4.18 -14.14 0.30
C ALA A 432 5.51 -13.99 -0.40
N THR A 433 6.60 -13.91 0.38
CA THR A 433 7.91 -13.69 -0.22
C THR A 433 8.34 -14.86 -1.09
N LEU A 434 8.06 -16.08 -0.63
CA LEU A 434 8.42 -17.25 -1.42
C LEU A 434 7.71 -17.23 -2.78
N ALA A 435 6.44 -16.85 -2.78
CA ALA A 435 5.73 -16.73 -4.05
C ALA A 435 6.38 -15.64 -4.91
N GLN A 436 6.70 -14.51 -4.29
CA GLN A 436 7.24 -13.37 -5.04
C GLN A 436 8.61 -13.67 -5.64
N ILE A 437 9.39 -14.53 -5.00
CA ILE A 437 10.74 -14.77 -5.54
C ILE A 437 10.78 -15.91 -6.55
N GLY A 438 9.63 -16.50 -6.86
CA GLY A 438 9.60 -17.47 -7.93
C GLY A 438 8.70 -18.70 -7.82
N PHE A 439 8.21 -19.03 -6.64
CA PHE A 439 7.37 -20.23 -6.54
C PHE A 439 6.07 -20.04 -7.31
N GLN A 440 5.80 -20.94 -8.26
CA GLN A 440 4.63 -20.83 -9.12
C GLN A 440 3.33 -21.00 -8.34
N GLN A 441 3.39 -21.87 -7.34
CA GLN A 441 2.22 -22.17 -6.50
C GLN A 441 2.59 -22.17 -5.03
N SER A 442 1.59 -21.95 -4.19
CA SER A 442 1.78 -21.97 -2.75
C SER A 442 0.71 -22.82 -2.07
N TYR A 443 1.10 -23.63 -1.09
CA TYR A 443 0.09 -24.13 -0.15
C TYR A 443 -0.44 -22.94 0.67
N THR A 444 -1.60 -23.14 1.29
CA THR A 444 -2.35 -22.03 1.88
C THR A 444 -2.88 -22.39 3.26
N TYR A 445 -3.62 -21.46 3.85
CA TYR A 445 -4.26 -21.70 5.15
C TYR A 445 -5.62 -22.37 5.02
N PHE A 446 -5.95 -22.84 3.82
CA PHE A 446 -7.29 -23.36 3.51
C PHE A 446 -7.85 -24.31 4.55
N THR A 447 -7.05 -25.27 5.00
CA THR A 447 -7.58 -26.30 5.92
C THR A 447 -8.01 -25.71 7.27
N TRP A 448 -7.52 -24.53 7.61
CA TRP A 448 -7.88 -23.87 8.87
C TRP A 448 -8.83 -22.71 8.65
N ARG A 449 -9.55 -22.75 7.53
CA ARG A 449 -10.58 -21.76 7.25
C ARG A 449 -11.89 -22.49 6.95
N ASN A 450 -12.75 -22.58 7.95
CA ASN A 450 -13.93 -23.46 7.85
C ASN A 450 -15.28 -22.78 8.11
N THR A 451 -15.27 -21.65 8.79
CA THR A 451 -16.53 -20.91 9.00
C THR A 451 -16.78 -19.98 7.83
N LYS A 452 -17.99 -19.45 7.70
CA LYS A 452 -18.29 -18.56 6.58
C LYS A 452 -17.37 -17.33 6.61
N GLN A 453 -17.19 -16.77 7.80
CA GLN A 453 -16.34 -15.60 7.94
C GLN A 453 -14.88 -15.90 7.57
N GLU A 454 -14.37 -17.04 8.04
CA GLU A 454 -12.99 -17.45 7.73
C GLU A 454 -12.81 -17.61 6.22
N LEU A 455 -13.73 -18.32 5.58
CA LEU A 455 -13.63 -18.56 4.15
C LEU A 455 -13.76 -17.28 3.35
N THR A 456 -14.71 -16.43 3.75
CA THR A 456 -14.94 -15.18 3.03
C THR A 456 -13.73 -14.25 3.12
N GLU A 457 -13.23 -14.06 4.33
CA GLU A 457 -12.08 -13.17 4.51
C GLU A 457 -10.84 -13.71 3.81
N TYR A 458 -10.57 -15.01 3.96
CA TYR A 458 -9.34 -15.55 3.38
C TYR A 458 -9.38 -15.53 1.85
N LEU A 459 -10.51 -15.88 1.26
CA LEU A 459 -10.57 -15.90 -0.20
C LEU A 459 -10.58 -14.48 -0.78
N THR A 460 -11.10 -13.52 -0.02
CA THR A 460 -11.03 -12.12 -0.45
C THR A 460 -9.57 -11.70 -0.55
N GLU A 461 -8.76 -12.16 0.40
CA GLU A 461 -7.33 -11.91 0.37
C GLU A 461 -6.65 -12.58 -0.84
N LEU A 462 -6.87 -13.88 -1.02
CA LEU A 462 -6.19 -14.61 -2.10
C LEU A 462 -6.61 -14.17 -3.50
N SER A 463 -7.86 -13.78 -3.68
CA SER A 463 -8.36 -13.39 -5.00
C SER A 463 -8.08 -11.92 -5.30
N GLY A 464 -7.60 -11.19 -4.29
CA GLY A 464 -7.30 -9.78 -4.43
C GLY A 464 -5.89 -9.51 -4.90
N GLU A 465 -5.22 -8.56 -4.25
CA GLU A 465 -3.88 -8.16 -4.67
C GLU A 465 -2.89 -9.31 -4.69
N ALA A 466 -3.02 -10.24 -3.75
CA ALA A 466 -2.10 -11.39 -3.67
C ALA A 466 -2.06 -12.18 -4.97
N ALA A 467 -3.15 -12.17 -5.75
CA ALA A 467 -3.19 -12.94 -6.99
C ALA A 467 -2.17 -12.45 -8.03
N SER A 468 -1.55 -11.30 -7.80
N SER A 468 -1.57 -11.29 -7.79
CA SER A 468 -0.52 -10.83 -8.73
CA SER A 468 -0.52 -10.78 -8.68
C SER A 468 0.79 -11.59 -8.56
C SER A 468 0.79 -11.57 -8.54
N TYR A 469 0.95 -12.31 -7.44
CA TYR A 469 2.20 -13.05 -7.22
C TYR A 469 2.04 -14.46 -6.65
N MET A 470 0.85 -14.80 -6.17
CA MET A 470 0.64 -16.10 -5.52
C MET A 470 -0.50 -16.86 -6.16
N ARG A 471 -0.25 -18.14 -6.44
CA ARG A 471 -1.30 -19.01 -6.96
C ARG A 471 -1.55 -20.12 -5.94
N PRO A 472 -2.78 -20.16 -5.37
CA PRO A 472 -3.09 -21.08 -4.27
C PRO A 472 -3.35 -22.50 -4.74
N ASN A 473 -2.86 -23.47 -3.97
CA ASN A 473 -3.23 -24.86 -4.23
C ASN A 473 -3.98 -25.37 -3.00
N PHE A 474 -5.31 -25.49 -3.11
CA PHE A 474 -6.15 -25.87 -1.98
C PHE A 474 -6.21 -27.39 -1.77
N PHE A 475 -5.25 -27.95 -1.04
CA PHE A 475 -5.41 -29.33 -0.59
C PHE A 475 -6.42 -29.36 0.56
N ALA A 476 -7.49 -30.15 0.42
CA ALA A 476 -8.49 -30.24 1.48
C ALA A 476 -7.99 -31.06 2.67
N ASN A 477 -7.04 -31.94 2.42
CA ASN A 477 -6.32 -32.66 3.46
C ASN A 477 -4.89 -32.89 2.98
N THR A 478 -4.00 -33.25 3.89
CA THR A 478 -2.66 -33.74 3.54
C THR A 478 -2.38 -34.87 4.52
N PRO A 479 -1.28 -35.62 4.33
CA PRO A 479 -1.00 -36.67 5.34
C PRO A 479 -0.71 -36.10 6.72
N ASP A 480 -0.47 -34.80 6.80
CA ASP A 480 -0.21 -34.11 8.07
C ASP A 480 -1.39 -33.31 8.60
N ILE A 481 -2.47 -33.19 7.81
CA ILE A 481 -3.58 -32.33 8.21
C ILE A 481 -4.92 -33.01 8.02
N LEU A 482 -5.43 -33.56 9.10
CA LEU A 482 -6.80 -34.06 9.18
C LEU A 482 -7.53 -33.11 10.10
N HIS A 483 -8.27 -32.15 9.55
CA HIS A 483 -8.82 -31.09 10.39
C HIS A 483 -9.99 -31.57 11.24
N ALA A 484 -10.15 -30.99 12.42
CA ALA A 484 -11.28 -31.30 13.31
C ALA A 484 -12.65 -31.24 12.59
N TYR A 485 -12.79 -30.32 11.63
CA TYR A 485 -14.03 -30.22 10.86
C TYR A 485 -14.38 -31.56 10.19
N LEU A 486 -13.37 -32.20 9.59
CA LEU A 486 -13.55 -33.51 8.97
C LEU A 486 -13.72 -34.62 10.02
N GLN A 487 -13.01 -34.49 11.14
CA GLN A 487 -13.07 -35.49 12.20
C GLN A 487 -14.47 -35.56 12.79
N HIS A 488 -15.07 -34.39 12.99
CA HIS A 488 -16.35 -34.30 13.69
C HIS A 488 -17.51 -34.48 12.73
N GLY A 489 -17.30 -34.12 11.48
CA GLY A 489 -18.38 -34.08 10.49
C GLY A 489 -18.61 -35.31 9.63
N GLY A 490 -17.64 -36.21 9.57
CA GLY A 490 -17.80 -37.41 8.76
C GLY A 490 -17.99 -37.12 7.29
N ARG A 491 -18.58 -38.07 6.57
CA ARG A 491 -18.74 -37.95 5.12
C ARG A 491 -19.35 -36.62 4.64
N PRO A 492 -20.40 -36.12 5.31
CA PRO A 492 -20.93 -34.85 4.81
C PRO A 492 -19.93 -33.69 4.85
N ALA A 493 -19.01 -33.71 5.82
CA ALA A 493 -17.98 -32.69 5.92
C ALA A 493 -16.96 -32.85 4.80
N PHE A 494 -16.65 -34.09 4.43
CA PHE A 494 -15.76 -34.33 3.31
C PHE A 494 -16.36 -33.83 2.01
N GLU A 495 -17.68 -33.99 1.86
CA GLU A 495 -18.36 -33.50 0.68
C GLU A 495 -18.30 -31.96 0.62
N VAL A 496 -18.54 -31.32 1.75
CA VAL A 496 -18.48 -29.87 1.82
C VAL A 496 -17.11 -29.30 1.47
N ARG A 497 -16.05 -29.85 2.05
CA ARG A 497 -14.71 -29.30 1.81
C ARG A 497 -14.27 -29.54 0.37
N ALA A 498 -14.71 -30.65 -0.22
CA ALA A 498 -14.43 -30.91 -1.63
C ALA A 498 -15.09 -29.88 -2.52
N VAL A 499 -16.37 -29.60 -2.30
CA VAL A 499 -17.06 -28.56 -3.08
C VAL A 499 -16.37 -27.20 -2.92
N LEU A 500 -16.06 -26.82 -1.69
CA LEU A 500 -15.37 -25.56 -1.42
C LEU A 500 -14.02 -25.48 -2.11
N ALA A 501 -13.16 -26.49 -1.91
CA ALA A 501 -11.82 -26.43 -2.50
C ALA A 501 -11.87 -26.35 -4.01
N ALA A 502 -12.74 -27.15 -4.61
CA ALA A 502 -12.83 -27.29 -6.06
C ALA A 502 -13.40 -26.04 -6.74
N THR A 503 -14.26 -25.32 -6.04
CA THR A 503 -14.91 -24.17 -6.66
C THR A 503 -14.30 -22.82 -6.25
N LEU A 504 -13.50 -22.80 -5.20
CA LEU A 504 -12.93 -21.51 -4.76
C LEU A 504 -11.53 -21.27 -5.32
N SER A 505 -10.80 -22.34 -5.59
CA SER A 505 -9.48 -22.18 -6.22
C SER A 505 -9.40 -22.93 -7.52
N PRO A 506 -8.73 -22.33 -8.52
CA PRO A 506 -8.52 -23.04 -9.77
C PRO A 506 -7.56 -24.23 -9.62
N THR A 507 -6.82 -24.29 -8.51
CA THR A 507 -6.03 -25.51 -8.23
C THR A 507 -6.43 -26.06 -6.88
N TRP A 508 -6.80 -27.34 -6.84
CA TRP A 508 -7.10 -27.97 -5.58
C TRP A 508 -6.56 -29.39 -5.59
N GLY A 509 -6.59 -30.04 -4.43
CA GLY A 509 -6.06 -31.37 -4.31
C GLY A 509 -6.62 -32.12 -3.12
N ILE A 510 -6.48 -33.45 -3.15
CA ILE A 510 -6.73 -34.27 -1.99
C ILE A 510 -5.62 -35.28 -1.83
N TYR A 511 -5.46 -35.75 -0.61
CA TYR A 511 -4.53 -36.84 -0.33
C TYR A 511 -5.34 -38.14 -0.20
N SER A 512 -4.89 -39.15 -0.93
CA SER A 512 -5.47 -40.50 -0.97
C SER A 512 -6.10 -40.97 0.34
N GLY A 513 -7.36 -41.40 0.27
CA GLY A 513 -8.07 -41.77 1.47
C GLY A 513 -9.12 -40.73 1.84
N TYR A 514 -8.91 -39.48 1.39
CA TYR A 514 -9.91 -38.44 1.54
C TYR A 514 -11.26 -38.90 0.99
N GLU A 515 -11.22 -39.54 -0.17
CA GLU A 515 -12.48 -39.93 -0.81
C GLU A 515 -13.14 -41.10 -0.04
N LEU A 516 -12.37 -41.80 0.78
CA LEU A 516 -12.93 -42.85 1.65
C LEU A 516 -13.44 -42.25 2.97
N CYS A 517 -13.31 -40.94 3.08
CA CYS A 517 -13.66 -40.21 4.31
C CYS A 517 -12.93 -40.72 5.54
N GLU A 518 -11.66 -41.09 5.37
CA GLU A 518 -10.83 -41.47 6.50
C GLU A 518 -10.70 -40.28 7.45
N ASN A 519 -11.11 -40.46 8.70
CA ASN A 519 -11.15 -39.30 9.58
C ASN A 519 -10.88 -39.62 11.04
N THR A 520 -10.18 -40.71 11.29
CA THR A 520 -9.78 -41.07 12.65
C THR A 520 -8.43 -40.46 13.02
N PRO A 521 -8.41 -39.55 14.00
CA PRO A 521 -7.17 -38.87 14.38
C PRO A 521 -6.28 -39.73 15.24
N LEU A 522 -5.01 -39.35 15.32
CA LEU A 522 -4.05 -40.00 16.20
C LEU A 522 -4.55 -40.02 17.65
N ARG A 523 -5.11 -38.90 18.07
CA ARG A 523 -5.72 -38.77 19.39
C ARG A 523 -6.55 -37.51 19.34
N GLU A 524 -7.48 -37.33 20.28
CA GLU A 524 -8.31 -36.12 20.26
C GLU A 524 -7.42 -34.89 20.33
N GLY A 525 -7.73 -33.88 19.52
CA GLY A 525 -6.98 -32.63 19.53
C GLY A 525 -5.78 -32.62 18.58
N SER A 526 -5.55 -33.74 17.90
CA SER A 526 -4.46 -33.86 16.93
C SER A 526 -4.99 -33.66 15.52
N GLU A 527 -4.13 -33.23 14.60
CA GLU A 527 -4.51 -33.19 13.18
C GLU A 527 -3.79 -34.29 12.41
N GLU A 528 -3.07 -35.14 13.14
CA GLU A 528 -2.46 -36.32 12.54
C GLU A 528 -3.49 -37.43 12.36
N TYR A 529 -3.27 -38.26 11.34
CA TYR A 529 -4.05 -39.49 11.15
C TYR A 529 -3.57 -40.59 12.10
N LEU A 530 -4.51 -41.40 12.61
CA LEU A 530 -4.13 -42.64 13.27
C LEU A 530 -3.53 -43.60 12.24
N ASP A 531 -2.48 -44.32 12.63
CA ASP A 531 -1.81 -45.29 11.75
C ASP A 531 -1.42 -44.64 10.44
N SER A 532 -0.78 -43.48 10.54
CA SER A 532 -0.46 -42.67 9.37
C SER A 532 0.35 -43.42 8.32
N GLU A 533 -0.04 -43.23 7.06
CA GLU A 533 0.62 -43.80 5.89
C GLU A 533 2.09 -43.35 5.80
N LYS A 534 2.43 -42.27 6.48
CA LYS A 534 3.81 -41.78 6.46
C LYS A 534 4.77 -42.82 7.05
N TYR A 535 4.26 -43.69 7.91
CA TYR A 535 5.11 -44.65 8.65
C TYR A 535 4.77 -46.11 8.41
N GLN A 536 3.81 -46.39 7.55
CA GLN A 536 3.43 -47.78 7.27
C GLN A 536 2.77 -47.91 5.91
N LEU A 537 2.85 -49.10 5.33
CA LEU A 537 2.07 -49.39 4.14
C LEU A 537 0.60 -49.27 4.50
N LYS A 538 -0.19 -48.69 3.59
CA LYS A 538 -1.60 -48.44 3.84
C LYS A 538 -2.42 -48.95 2.68
N PRO A 539 -2.54 -50.28 2.58
CA PRO A 539 -3.32 -50.83 1.47
C PRO A 539 -4.78 -50.44 1.67
N ARG A 540 -5.41 -50.01 0.59
CA ARG A 540 -6.82 -49.65 0.61
C ARG A 540 -7.50 -50.46 -0.48
N ASP A 541 -8.65 -51.06 -0.14
CA ASP A 541 -9.35 -51.95 -1.08
C ASP A 541 -10.25 -51.09 -1.95
N TRP A 542 -9.65 -50.49 -2.98
CA TRP A 542 -10.37 -49.54 -3.83
C TRP A 542 -11.56 -50.19 -4.52
N THR A 543 -11.39 -51.44 -4.94
CA THR A 543 -12.46 -52.14 -5.64
C THR A 543 -13.66 -52.35 -4.72
N ARG A 544 -13.41 -52.72 -3.48
CA ARG A 544 -14.48 -52.89 -2.52
C ARG A 544 -15.18 -51.56 -2.18
N ALA A 545 -14.39 -50.51 -2.00
CA ALA A 545 -14.97 -49.21 -1.69
C ALA A 545 -15.90 -48.72 -2.79
N ALA A 546 -15.48 -48.90 -4.03
CA ALA A 546 -16.29 -48.52 -5.18
C ALA A 546 -17.58 -49.31 -5.20
N ARG A 547 -17.47 -50.62 -5.05
CA ARG A 547 -18.63 -51.51 -5.06
C ARG A 547 -19.65 -51.18 -3.99
N GLU A 548 -19.16 -50.87 -2.79
CA GLU A 548 -20.03 -50.63 -1.66
C GLU A 548 -20.47 -49.17 -1.56
N GLY A 549 -19.97 -48.34 -2.47
CA GLY A 549 -20.36 -46.94 -2.52
C GLY A 549 -19.92 -46.15 -1.29
N THR A 550 -18.91 -46.66 -0.60
CA THR A 550 -18.39 -46.01 0.58
C THR A 550 -17.25 -45.06 0.23
N THR A 551 -17.44 -44.31 -0.84
CA THR A 551 -16.45 -43.36 -1.32
C THR A 551 -17.16 -42.19 -1.98
N ILE A 552 -16.59 -41.00 -1.86
CA ILE A 552 -17.15 -39.86 -2.55
C ILE A 552 -16.40 -39.61 -3.85
N ALA A 553 -15.73 -40.63 -4.37
CA ALA A 553 -15.09 -40.52 -5.66
C ALA A 553 -16.03 -39.98 -6.76
N PRO A 554 -17.32 -40.39 -6.75
CA PRO A 554 -18.17 -39.80 -7.80
C PRO A 554 -18.37 -38.29 -7.66
N LEU A 555 -18.48 -37.79 -6.43
CA LEU A 555 -18.64 -36.34 -6.25
C LEU A 555 -17.37 -35.62 -6.72
N VAL A 556 -16.21 -36.14 -6.30
CA VAL A 556 -14.94 -35.61 -6.77
C VAL A 556 -14.88 -35.58 -8.30
N THR A 557 -15.28 -36.68 -8.93
CA THR A 557 -15.29 -36.77 -10.38
C THR A 557 -16.18 -35.70 -10.99
N ARG A 558 -17.38 -35.53 -10.43
N ARG A 558 -17.38 -35.53 -10.43
N ARG A 558 -17.37 -35.51 -10.44
CA ARG A 558 -18.33 -34.52 -10.91
CA ARG A 558 -18.33 -34.52 -10.88
CA ARG A 558 -18.31 -34.51 -10.96
C ARG A 558 -17.75 -33.12 -10.80
C ARG A 558 -17.75 -33.13 -10.80
C ARG A 558 -17.75 -33.10 -10.81
N LEU A 559 -17.14 -32.81 -9.66
CA LEU A 559 -16.54 -31.48 -9.45
C LEU A 559 -15.44 -31.19 -10.47
N ASN A 560 -14.58 -32.17 -10.75
CA ASN A 560 -13.54 -31.93 -11.74
C ASN A 560 -14.12 -31.80 -13.14
N THR A 561 -15.20 -32.52 -13.42
CA THR A 561 -15.86 -32.38 -14.72
C THR A 561 -16.46 -30.97 -14.88
N ILE A 562 -17.12 -30.49 -13.83
CA ILE A 562 -17.73 -29.16 -13.81
C ILE A 562 -16.65 -28.11 -14.04
N ARG A 563 -15.51 -28.29 -13.37
CA ARG A 563 -14.37 -27.40 -13.55
C ARG A 563 -13.85 -27.40 -14.99
N ARG A 564 -13.76 -28.58 -15.59
CA ARG A 564 -13.28 -28.72 -16.97
C ARG A 564 -14.25 -28.12 -17.99
N GLU A 565 -15.50 -27.97 -17.60
CA GLU A 565 -16.54 -27.51 -18.52
C GLU A 565 -16.91 -26.05 -18.32
N ASN A 566 -16.36 -25.42 -17.28
CA ASN A 566 -16.74 -24.05 -16.94
C ASN A 566 -15.53 -23.17 -16.64
N PRO A 567 -15.11 -22.37 -17.64
CA PRO A 567 -13.95 -21.46 -17.54
C PRO A 567 -13.95 -20.57 -16.29
N ALA A 568 -15.11 -20.25 -15.73
CA ALA A 568 -15.17 -19.45 -14.50
C ALA A 568 -14.41 -20.11 -13.37
N LEU A 569 -14.40 -21.44 -13.35
CA LEU A 569 -13.76 -22.16 -12.25
C LEU A 569 -12.28 -22.39 -12.50
N ARG A 570 -11.77 -21.94 -13.64
CA ARG A 570 -10.36 -22.13 -13.96
C ARG A 570 -9.57 -20.84 -13.82
N GLN A 571 -10.14 -19.89 -13.11
CA GLN A 571 -9.44 -18.65 -12.79
C GLN A 571 -9.66 -18.33 -11.32
N LEU A 572 -8.94 -17.33 -10.84
CA LEU A 572 -8.88 -17.03 -9.41
C LEU A 572 -9.48 -15.67 -9.05
N ARG A 573 -9.14 -14.67 -9.84
CA ARG A 573 -9.34 -13.27 -9.45
C ARG A 573 -10.80 -12.81 -9.43
N ASP A 574 -11.62 -13.40 -10.29
CA ASP A 574 -13.04 -13.04 -10.27
C ASP A 574 -13.83 -13.95 -9.34
N LEU A 575 -14.19 -13.39 -8.19
CA LEU A 575 -14.91 -14.11 -7.13
C LEU A 575 -15.70 -13.12 -6.32
N HIS A 576 -16.99 -13.35 -6.14
CA HIS A 576 -17.80 -12.45 -5.34
C HIS A 576 -18.70 -13.20 -4.37
N PHE A 577 -18.68 -12.80 -3.11
CA PHE A 577 -19.55 -13.40 -2.10
C PHE A 577 -20.89 -12.67 -1.99
N HIS A 578 -21.95 -13.46 -2.03
CA HIS A 578 -23.32 -12.95 -1.96
C HIS A 578 -23.94 -13.22 -0.58
N PRO A 579 -24.65 -12.24 -0.03
CA PRO A 579 -25.22 -12.38 1.31
C PRO A 579 -26.30 -13.47 1.43
N THR A 580 -26.29 -14.20 2.53
CA THR A 580 -27.38 -15.09 2.91
C THR A 580 -27.82 -14.76 4.34
N ASP A 581 -28.98 -15.24 4.75
CA ASP A 581 -29.49 -14.93 6.08
C ASP A 581 -29.19 -16.04 7.10
N LYS A 582 -28.29 -16.95 6.76
CA LYS A 582 -27.91 -18.00 7.73
C LYS A 582 -26.39 -18.10 7.85
N GLU A 583 -25.92 -18.14 9.08
CA GLU A 583 -24.47 -18.17 9.34
C GLU A 583 -23.81 -19.41 8.69
N GLU A 584 -24.54 -20.51 8.63
CA GLU A 584 -23.98 -21.76 8.14
C GLU A 584 -24.01 -21.86 6.61
N VAL A 585 -24.64 -20.90 5.94
CA VAL A 585 -24.76 -21.01 4.50
C VAL A 585 -24.00 -19.90 3.78
N ILE A 586 -23.05 -20.31 2.96
CA ILE A 586 -22.24 -19.35 2.21
C ILE A 586 -22.60 -19.42 0.73
N ALA A 587 -22.48 -18.28 0.07
CA ALA A 587 -22.81 -18.19 -1.34
C ALA A 587 -21.80 -17.33 -2.07
N TYR A 588 -21.44 -17.75 -3.27
CA TYR A 588 -20.50 -17.00 -4.08
C TYR A 588 -20.63 -17.29 -5.55
N SER A 589 -20.17 -16.33 -6.36
CA SER A 589 -20.18 -16.46 -7.80
C SER A 589 -18.78 -16.25 -8.37
N LYS A 590 -18.51 -16.91 -9.49
CA LYS A 590 -17.30 -16.67 -10.26
C LYS A 590 -17.66 -16.53 -11.73
N ARG A 591 -16.94 -15.68 -12.45
CA ARG A 591 -17.24 -15.38 -13.84
C ARG A 591 -15.99 -15.34 -14.72
N GLN A 592 -16.13 -15.85 -15.93
CA GLN A 592 -15.11 -15.71 -16.96
C GLN A 592 -15.79 -15.61 -18.32
N GLY A 593 -15.66 -14.45 -18.95
CA GLY A 593 -16.45 -14.16 -20.14
C GLY A 593 -17.92 -14.42 -19.91
N SER A 594 -18.54 -15.18 -20.80
CA SER A 594 -19.97 -15.46 -20.72
C SER A 594 -20.31 -16.58 -19.73
N ASN A 595 -19.30 -17.11 -19.06
CA ASN A 595 -19.55 -18.21 -18.12
C ASN A 595 -19.67 -17.72 -16.68
N THR A 596 -20.79 -18.04 -16.05
CA THR A 596 -21.03 -17.68 -14.66
C THR A 596 -21.39 -18.91 -13.84
N VAL A 597 -20.68 -19.13 -12.75
CA VAL A 597 -21.00 -20.23 -11.86
C VAL A 597 -21.42 -19.65 -10.51
N LEU A 598 -22.53 -20.13 -9.98
CA LEU A 598 -23.03 -19.69 -8.68
C LEU A 598 -23.06 -20.84 -7.71
N VAL A 599 -22.41 -20.67 -6.56
CA VAL A 599 -22.27 -21.77 -5.62
C VAL A 599 -22.86 -21.42 -4.26
N VAL A 600 -23.65 -22.34 -3.72
CA VAL A 600 -24.22 -22.16 -2.40
C VAL A 600 -23.87 -23.38 -1.58
N VAL A 601 -23.22 -23.18 -0.45
CA VAL A 601 -22.72 -24.31 0.32
C VAL A 601 -23.25 -24.27 1.75
N ASN A 602 -23.75 -25.41 2.20
CA ASN A 602 -24.11 -25.56 3.61
C ASN A 602 -22.92 -26.07 4.42
N LEU A 603 -22.33 -25.19 5.23
CA LEU A 603 -21.13 -25.52 6.00
C LEU A 603 -21.42 -26.42 7.21
N ASP A 604 -22.69 -26.57 7.56
CA ASP A 604 -23.10 -27.45 8.65
C ASP A 604 -23.20 -28.89 8.15
N PRO A 605 -22.31 -29.77 8.64
CA PRO A 605 -22.35 -31.16 8.17
C PRO A 605 -23.32 -32.05 8.95
N ARG A 606 -24.05 -31.46 9.90
CA ARG A 606 -24.89 -32.26 10.78
C ARG A 606 -26.37 -31.90 10.73
N HIS A 607 -26.70 -30.68 10.29
CA HIS A 607 -28.08 -30.23 10.26
C HIS A 607 -28.46 -29.63 8.92
N THR A 608 -29.69 -29.92 8.48
CA THR A 608 -30.24 -29.28 7.31
C THR A 608 -30.34 -27.78 7.52
N GLN A 609 -29.99 -27.01 6.51
CA GLN A 609 -30.11 -25.58 6.61
C GLN A 609 -30.97 -25.03 5.48
N GLU A 610 -31.89 -24.15 5.85
CA GLU A 610 -32.64 -23.43 4.85
C GLU A 610 -32.34 -21.95 5.01
N ALA A 611 -32.21 -21.27 3.89
CA ALA A 611 -31.79 -19.88 3.90
C ALA A 611 -32.29 -19.17 2.67
N THR A 612 -32.28 -17.84 2.74
CA THR A 612 -32.52 -17.02 1.57
C THR A 612 -31.19 -16.48 1.07
N VAL A 613 -30.91 -16.73 -0.21
CA VAL A 613 -29.71 -16.22 -0.83
C VAL A 613 -30.03 -14.98 -1.64
N SER A 614 -29.51 -13.84 -1.20
CA SER A 614 -29.78 -12.58 -1.87
C SER A 614 -28.65 -12.20 -2.80
N LEU A 615 -28.83 -12.50 -4.08
CA LEU A 615 -27.79 -12.24 -5.07
C LEU A 615 -27.62 -10.76 -5.33
N ASP A 616 -26.37 -10.32 -5.34
CA ASP A 616 -25.97 -9.01 -5.80
C ASP A 616 -26.05 -9.01 -7.33
N MET A 617 -27.22 -8.74 -7.86
CA MET A 617 -27.49 -8.89 -9.29
C MET A 617 -26.58 -8.09 -10.25
N PRO A 618 -26.25 -6.81 -9.94
CA PRO A 618 -25.33 -6.10 -10.83
C PRO A 618 -23.98 -6.80 -10.95
N GLN A 619 -23.55 -7.48 -9.88
CA GLN A 619 -22.27 -8.19 -9.90
C GLN A 619 -22.32 -9.38 -10.84
N LEU A 620 -23.54 -9.79 -11.21
CA LEU A 620 -23.72 -10.88 -12.15
C LEU A 620 -23.97 -10.33 -13.56
N GLY A 621 -24.05 -9.01 -13.66
CA GLY A 621 -24.34 -8.37 -14.93
C GLY A 621 -25.83 -8.43 -15.23
N LEU A 622 -26.62 -8.47 -14.17
CA LEU A 622 -28.07 -8.54 -14.30
C LEU A 622 -28.76 -7.41 -13.55
N ASP A 623 -29.98 -7.08 -13.98
CA ASP A 623 -30.77 -6.06 -13.30
C ASP A 623 -31.47 -6.67 -12.10
N TRP A 624 -31.83 -5.83 -11.13
CA TRP A 624 -32.31 -6.32 -9.84
C TRP A 624 -33.62 -7.10 -9.90
N HIS A 625 -34.39 -6.86 -10.95
CA HIS A 625 -35.70 -7.49 -11.10
C HIS A 625 -35.63 -8.76 -11.95
N GLU A 626 -34.52 -8.94 -12.66
CA GLU A 626 -34.36 -10.08 -13.57
C GLU A 626 -34.41 -11.43 -12.85
N SER A 627 -34.78 -12.45 -13.61
CA SER A 627 -34.78 -13.83 -13.13
C SER A 627 -34.07 -14.68 -14.17
N VAL A 628 -33.07 -15.45 -13.75
CA VAL A 628 -32.22 -16.16 -14.70
C VAL A 628 -32.26 -17.68 -14.48
N PRO A 629 -32.30 -18.46 -15.56
CA PRO A 629 -32.29 -19.92 -15.42
C PRO A 629 -30.92 -20.43 -15.00
N VAL A 630 -30.90 -21.30 -14.00
CA VAL A 630 -29.66 -21.93 -13.57
C VAL A 630 -29.85 -23.44 -13.48
N ARG A 631 -28.76 -24.19 -13.68
CA ARG A 631 -28.79 -25.64 -13.50
C ARG A 631 -27.77 -26.03 -12.43
N ASP A 632 -28.23 -26.77 -11.42
CA ASP A 632 -27.36 -27.33 -10.38
C ASP A 632 -26.62 -28.51 -10.99
N GLU A 633 -25.32 -28.34 -11.23
CA GLU A 633 -24.56 -29.36 -11.95
C GLU A 633 -24.26 -30.60 -11.12
N LEU A 634 -24.60 -30.55 -9.83
CA LEU A 634 -24.47 -31.73 -8.98
C LEU A 634 -25.66 -32.68 -9.13
N THR A 635 -26.78 -32.17 -9.61
CA THR A 635 -28.02 -32.95 -9.65
C THR A 635 -28.70 -32.95 -11.02
N GLY A 636 -28.44 -31.92 -11.81
CA GLY A 636 -29.12 -31.75 -13.08
C GLY A 636 -30.42 -30.97 -12.97
N GLU A 637 -30.83 -30.68 -11.75
CA GLU A 637 -32.05 -29.89 -11.51
C GLU A 637 -31.90 -28.45 -12.01
N THR A 638 -32.98 -27.90 -12.55
CA THR A 638 -32.96 -26.52 -13.03
C THR A 638 -33.84 -25.63 -12.15
N TYR A 639 -33.37 -24.42 -11.87
CA TYR A 639 -34.12 -23.45 -11.09
C TYR A 639 -34.16 -22.09 -11.80
N HIS A 640 -35.00 -21.21 -11.30
CA HIS A 640 -34.97 -19.82 -11.73
C HIS A 640 -34.61 -18.96 -10.54
N TRP A 641 -33.44 -18.34 -10.60
CA TRP A 641 -32.95 -17.56 -9.46
C TRP A 641 -32.92 -16.08 -9.78
N GLY A 642 -33.21 -15.28 -8.76
CA GLY A 642 -33.18 -13.83 -8.89
C GLY A 642 -32.51 -13.19 -7.70
N ARG A 643 -33.01 -12.04 -7.28
CA ARG A 643 -32.41 -11.29 -6.18
C ARG A 643 -32.61 -11.96 -4.82
N ALA A 644 -33.54 -12.90 -4.73
CA ALA A 644 -33.76 -13.58 -3.45
C ALA A 644 -34.26 -14.99 -3.68
N ASN A 645 -33.50 -15.96 -3.19
CA ASN A 645 -33.80 -17.35 -3.50
C ASN A 645 -33.79 -18.26 -2.28
N TYR A 646 -34.81 -19.09 -2.18
CA TYR A 646 -34.89 -20.06 -1.11
C TYR A 646 -33.99 -21.26 -1.45
N VAL A 647 -33.20 -21.69 -0.47
CA VAL A 647 -32.47 -22.93 -0.63
C VAL A 647 -32.68 -23.77 0.61
N ARG A 648 -32.68 -25.09 0.41
CA ARG A 648 -32.75 -26.03 1.50
C ARG A 648 -31.69 -27.08 1.24
N LEU A 649 -30.69 -27.14 2.11
CA LEU A 649 -29.55 -28.01 1.90
C LEU A 649 -29.44 -29.03 3.01
N GLU A 650 -29.37 -30.29 2.63
CA GLU A 650 -29.46 -31.39 3.56
C GLU A 650 -28.17 -32.23 3.54
N PRO A 651 -27.48 -32.35 4.69
CA PRO A 651 -26.21 -33.07 4.75
C PRO A 651 -26.35 -34.53 4.33
N GLY A 652 -25.43 -35.01 3.51
CA GLY A 652 -25.48 -36.37 3.02
C GLY A 652 -26.29 -36.51 1.74
N ARG A 653 -27.05 -35.46 1.40
N ARG A 653 -27.02 -35.44 1.40
CA ARG A 653 -27.88 -35.47 0.20
CA ARG A 653 -27.95 -35.45 0.28
C ARG A 653 -27.58 -34.30 -0.72
C ARG A 653 -27.65 -34.31 -0.69
N THR A 654 -27.64 -33.09 -0.16
CA THR A 654 -27.33 -31.89 -0.93
C THR A 654 -26.42 -30.99 -0.10
N PRO A 655 -25.11 -31.25 -0.16
CA PRO A 655 -24.13 -30.44 0.58
C PRO A 655 -24.09 -29.00 0.05
N ALA A 656 -24.46 -28.85 -1.21
CA ALA A 656 -24.33 -27.57 -1.91
C ALA A 656 -25.06 -27.56 -3.23
N HIS A 657 -25.26 -26.35 -3.76
CA HIS A 657 -25.66 -26.17 -5.16
C HIS A 657 -24.45 -25.67 -5.92
N VAL A 658 -24.11 -26.32 -7.03
CA VAL A 658 -23.10 -25.76 -7.93
C VAL A 658 -23.75 -25.48 -9.27
N CYS A 659 -24.18 -24.24 -9.44
CA CYS A 659 -25.03 -23.88 -10.57
C CYS A 659 -24.30 -23.12 -11.65
N THR A 660 -24.65 -23.42 -12.90
CA THR A 660 -24.22 -22.59 -14.02
C THR A 660 -25.40 -21.77 -14.50
N VAL A 661 -25.12 -20.55 -14.93
CA VAL A 661 -26.16 -19.69 -15.50
C VAL A 661 -26.38 -20.09 -16.95
N LEU A 662 -27.61 -20.45 -17.29
CA LEU A 662 -27.89 -21.01 -18.62
C LEU A 662 -28.02 -19.90 -19.67
N ARG A 663 -27.65 -20.25 -20.91
CA ARG A 663 -27.63 -19.29 -22.01
C ARG A 663 -28.77 -19.55 -22.99
N PRO B 15 22.70 -12.70 -9.49
CA PRO B 15 22.41 -12.01 -8.22
C PRO B 15 20.92 -12.04 -7.86
N THR B 16 20.62 -12.30 -6.59
CA THR B 16 19.24 -12.37 -6.15
C THR B 16 18.71 -11.02 -5.65
N VAL B 17 17.41 -10.85 -5.78
CA VAL B 17 16.72 -9.63 -5.33
C VAL B 17 16.62 -9.62 -3.82
N VAL B 18 16.43 -10.80 -3.23
CA VAL B 18 16.33 -10.90 -1.79
C VAL B 18 17.70 -11.29 -1.24
N GLY B 19 18.08 -10.64 -0.13
CA GLY B 19 19.38 -10.89 0.48
C GLY B 19 19.35 -12.09 1.41
N ARG B 20 20.45 -12.34 2.11
CA ARG B 20 20.56 -13.54 2.94
C ARG B 20 19.54 -13.54 4.06
N ILE B 21 19.40 -12.41 4.74
CA ILE B 21 18.32 -12.24 5.71
C ILE B 21 17.36 -11.22 5.12
N PRO B 22 16.15 -11.66 4.72
CA PRO B 22 15.21 -10.78 4.05
C PRO B 22 14.93 -9.48 4.79
N VAL B 23 15.13 -8.37 4.09
CA VAL B 23 14.71 -7.07 4.58
C VAL B 23 13.95 -6.40 3.43
N LEU B 24 12.65 -6.22 3.62
CA LEU B 24 11.76 -5.84 2.53
C LEU B 24 10.87 -4.66 2.86
N ASP B 25 10.45 -3.95 1.82
CA ASP B 25 9.42 -2.90 1.97
C ASP B 25 9.79 -1.89 3.05
N VAL B 26 10.98 -1.31 2.94
CA VAL B 26 11.38 -0.26 3.87
C VAL B 26 10.51 0.99 3.69
N ARG B 27 10.08 1.56 4.80
CA ARG B 27 9.27 2.78 4.76
C ARG B 27 9.85 3.77 5.75
N PRO B 28 9.61 5.07 5.54
CA PRO B 28 8.80 5.65 4.47
C PRO B 28 9.43 5.53 3.09
N VAL B 29 8.57 5.55 2.07
CA VAL B 29 9.04 5.57 0.70
C VAL B 29 8.07 6.44 -0.09
N VAL B 30 8.61 7.21 -1.02
CA VAL B 30 7.80 8.11 -1.81
C VAL B 30 8.09 7.80 -3.27
N GLN B 31 7.03 7.50 -4.02
CA GLN B 31 7.14 7.15 -5.45
C GLN B 31 8.23 6.10 -5.70
N ARG B 32 8.16 5.03 -4.90
CA ARG B 32 9.06 3.88 -5.00
C ARG B 32 10.52 4.28 -4.94
N GLY B 33 10.81 5.36 -4.21
CA GLY B 33 12.19 5.81 -4.01
C GLY B 33 12.68 6.87 -4.99
N ARG B 34 11.83 7.30 -5.91
CA ARG B 34 12.23 8.29 -6.90
C ARG B 34 12.17 9.72 -6.37
N ARG B 35 11.46 9.91 -5.26
CA ARG B 35 11.41 11.20 -4.58
C ARG B 35 11.74 10.98 -3.09
N PRO B 36 12.30 12.01 -2.43
CA PRO B 36 12.68 11.79 -1.03
C PRO B 36 11.50 11.86 -0.07
N ALA B 37 11.57 11.07 0.99
CA ALA B 37 10.72 11.29 2.14
C ALA B 37 11.23 12.57 2.80
N LYS B 38 10.41 13.16 3.66
CA LYS B 38 10.72 14.46 4.23
C LYS B 38 10.81 14.47 5.74
N ALA B 39 11.67 15.36 6.24
CA ALA B 39 11.68 15.67 7.66
C ALA B 39 12.16 17.10 7.85
N VAL B 40 12.14 17.60 9.08
CA VAL B 40 12.85 18.84 9.37
C VAL B 40 13.83 18.60 10.52
N THR B 41 14.75 19.53 10.71
CA THR B 41 15.74 19.44 11.77
C THR B 41 15.07 19.17 13.12
N GLY B 42 15.52 18.14 13.82
CA GLY B 42 15.01 17.82 15.13
C GLY B 42 13.71 17.02 15.15
N GLU B 43 13.18 16.69 13.98
CA GLU B 43 11.93 15.94 13.88
C GLU B 43 12.18 14.44 13.91
N SER B 44 11.42 13.74 14.75
CA SER B 44 11.53 12.29 14.81
C SER B 44 10.48 11.61 13.93
N PHE B 45 10.84 10.46 13.38
CA PHE B 45 9.85 9.66 12.67
C PHE B 45 10.31 8.20 12.65
N GLU B 46 9.39 7.31 12.29
CA GLU B 46 9.70 5.88 12.34
C GLU B 46 10.16 5.34 10.98
N VAL B 47 11.27 4.62 11.00
CA VAL B 47 11.71 3.86 9.83
C VAL B 47 11.30 2.41 10.10
N SER B 48 10.68 1.76 9.13
CA SER B 48 10.19 0.41 9.33
C SER B 48 10.54 -0.51 8.16
N ALA B 49 10.47 -1.80 8.41
CA ALA B 49 10.77 -2.76 7.37
C ALA B 49 10.18 -4.11 7.74
N THR B 50 10.04 -4.98 6.75
CA THR B 50 9.65 -6.34 7.01
C THR B 50 10.92 -7.19 7.05
N VAL B 51 11.16 -7.81 8.20
CA VAL B 51 12.40 -8.54 8.44
C VAL B 51 12.09 -9.91 9.04
N PHE B 52 12.70 -10.96 8.51
CA PHE B 52 12.50 -12.31 9.01
C PHE B 52 13.60 -13.19 8.43
N ARG B 53 13.71 -14.43 8.90
CA ARG B 53 14.66 -15.36 8.30
C ARG B 53 14.04 -16.73 8.13
N GLU B 54 14.76 -17.60 7.45
CA GLU B 54 14.33 -18.99 7.32
C GLU B 54 14.59 -19.72 8.62
N GLY B 55 13.82 -20.77 8.88
CA GLY B 55 14.02 -21.53 10.10
C GLY B 55 13.39 -20.82 11.27
N HIS B 56 13.78 -21.21 12.48
CA HIS B 56 13.04 -20.80 13.66
C HIS B 56 13.82 -19.89 14.60
N ASP B 57 15.06 -19.56 14.27
CA ASP B 57 15.87 -18.74 15.16
C ASP B 57 15.61 -17.23 14.99
N ALA B 58 16.16 -16.45 15.90
CA ALA B 58 15.82 -15.03 16.01
C ALA B 58 16.55 -14.15 14.99
N VAL B 59 15.90 -13.02 14.66
CA VAL B 59 16.55 -11.96 13.90
C VAL B 59 16.58 -10.67 14.71
N GLY B 60 17.51 -9.80 14.34
CA GLY B 60 17.52 -8.43 14.83
C GLY B 60 17.63 -7.50 13.63
N ALA B 61 17.48 -6.20 13.86
CA ALA B 61 17.57 -5.23 12.80
C ALA B 61 17.91 -3.86 13.37
N ASN B 62 18.48 -2.99 12.54
CA ASN B 62 18.84 -1.65 12.98
C ASN B 62 18.78 -0.67 11.82
N VAL B 63 18.58 0.61 12.12
CA VAL B 63 18.47 1.62 11.08
C VAL B 63 19.78 2.38 10.98
N VAL B 64 20.32 2.50 9.78
CA VAL B 64 21.50 3.32 9.59
C VAL B 64 21.13 4.58 8.83
N LEU B 65 21.11 5.70 9.55
CA LEU B 65 20.83 7.01 8.97
C LEU B 65 22.14 7.74 8.66
N ARG B 66 22.34 8.11 7.40
CA ARG B 66 23.58 8.77 6.97
C ARG B 66 23.35 10.21 6.57
N ASP B 67 24.24 11.09 7.03
CA ASP B 67 24.05 12.52 6.82
C ASP B 67 24.55 12.92 5.41
N PRO B 68 24.44 14.22 5.05
CA PRO B 68 24.80 14.54 3.66
C PRO B 68 26.25 14.19 3.31
N ARG B 69 27.11 14.06 4.30
CA ARG B 69 28.50 13.68 4.05
C ARG B 69 28.69 12.16 4.15
N GLY B 70 27.60 11.43 4.33
CA GLY B 70 27.66 9.97 4.37
C GLY B 70 27.98 9.40 5.74
N ARG B 71 28.08 10.26 6.74
CA ARG B 71 28.39 9.82 8.09
C ARG B 71 27.18 9.18 8.78
N PRO B 72 27.35 7.95 9.30
CA PRO B 72 26.26 7.22 9.95
C PRO B 72 25.91 7.78 11.32
N GLY B 73 24.66 7.61 11.70
CA GLY B 73 24.18 8.06 12.99
C GLY B 73 24.51 7.05 14.07
N PRO B 74 23.88 7.23 15.23
CA PRO B 74 24.11 6.35 16.38
C PRO B 74 23.50 4.98 16.15
N TRP B 75 23.96 3.99 16.91
CA TRP B 75 23.36 2.66 16.92
C TRP B 75 21.86 2.75 17.20
N THR B 76 21.06 2.23 16.28
CA THR B 76 19.61 2.40 16.33
C THR B 76 18.88 1.07 16.10
N PRO B 77 18.82 0.23 17.12
CA PRO B 77 18.18 -1.07 16.97
C PRO B 77 16.67 -0.95 16.81
N MET B 78 16.11 -1.85 16.01
CA MET B 78 14.67 -1.88 15.79
C MET B 78 14.03 -2.95 16.66
N ARG B 79 12.71 -2.91 16.76
CA ARG B 79 11.95 -3.92 17.48
C ARG B 79 10.78 -4.34 16.61
N GLU B 80 10.28 -5.55 16.80
CA GLU B 80 9.07 -5.97 16.10
C GLU B 80 7.88 -5.17 16.65
N LEU B 81 7.10 -4.58 15.76
CA LEU B 81 6.07 -3.62 16.15
C LEU B 81 4.79 -4.28 16.67
N ALA B 82 4.57 -5.54 16.29
CA ALA B 82 3.43 -6.32 16.75
C ALA B 82 3.74 -7.79 16.54
N PRO B 83 3.36 -8.65 17.49
CA PRO B 83 3.63 -10.10 17.42
C PRO B 83 3.12 -10.76 16.13
N GLY B 84 3.98 -11.59 15.54
CA GLY B 84 3.63 -12.37 14.36
C GLY B 84 3.59 -11.63 13.04
N THR B 85 3.95 -10.34 13.03
CA THR B 85 3.81 -9.54 11.81
C THR B 85 5.09 -9.43 10.99
N ASP B 86 6.23 -9.64 11.64
CA ASP B 86 7.56 -9.50 11.03
C ASP B 86 7.80 -8.08 10.55
N ARG B 87 7.05 -7.14 11.09
CA ARG B 87 7.24 -5.73 10.80
C ARG B 87 8.04 -5.08 11.93
N TRP B 88 9.20 -4.52 11.58
CA TRP B 88 10.12 -3.96 12.58
C TRP B 88 10.23 -2.46 12.38
N GLY B 89 10.55 -1.75 13.46
CA GLY B 89 10.62 -0.30 13.38
C GLY B 89 11.54 0.31 14.43
N ALA B 90 12.01 1.52 14.13
CA ALA B 90 12.72 2.32 15.12
C ALA B 90 12.53 3.78 14.80
N THR B 91 12.62 4.60 15.83
CA THR B 91 12.56 6.04 15.67
C THR B 91 13.93 6.64 15.37
N VAL B 92 13.99 7.52 14.38
CA VAL B 92 15.22 8.22 14.07
C VAL B 92 14.95 9.72 14.16
N THR B 93 16.01 10.51 14.30
CA THR B 93 15.83 11.96 14.38
C THR B 93 16.75 12.66 13.41
N ALA B 94 16.16 13.54 12.61
CA ALA B 94 16.86 14.29 11.60
C ALA B 94 17.67 15.41 12.23
N GLY B 95 18.89 15.61 11.74
CA GLY B 95 19.76 16.66 12.25
C GLY B 95 19.83 17.84 11.28
N GLU B 96 21.04 18.17 10.85
CA GLU B 96 21.25 19.30 9.96
C GLU B 96 20.52 19.13 8.64
N THR B 97 20.16 20.24 8.01
CA THR B 97 19.44 20.22 6.74
C THR B 97 20.30 19.64 5.63
N GLY B 98 19.64 19.04 4.65
CA GLY B 98 20.33 18.50 3.49
C GLY B 98 19.70 17.19 3.04
N THR B 99 20.37 16.52 2.11
CA THR B 99 19.91 15.23 1.62
C THR B 99 20.62 14.10 2.35
N TRP B 100 19.84 13.38 3.15
CA TRP B 100 20.31 12.24 3.93
C TRP B 100 19.90 10.95 3.22
N SER B 101 20.31 9.81 3.77
CA SER B 101 19.83 8.53 3.27
C SER B 101 19.68 7.57 4.45
N TYR B 102 18.82 6.56 4.30
CA TYR B 102 18.71 5.57 5.34
C TYR B 102 18.59 4.17 4.77
N THR B 103 19.18 3.22 5.49
CA THR B 103 19.10 1.81 5.16
C THR B 103 18.65 1.04 6.38
N VAL B 104 18.10 -0.15 6.18
CA VAL B 104 17.81 -1.03 7.30
C VAL B 104 18.74 -2.22 7.16
N GLU B 105 19.41 -2.58 8.25
CA GLU B 105 20.26 -3.76 8.26
C GLU B 105 19.55 -4.84 9.06
N ALA B 106 19.51 -6.06 8.52
CA ALA B 106 18.88 -7.19 9.19
C ALA B 106 19.93 -8.27 9.42
N TRP B 107 19.72 -9.08 10.44
CA TRP B 107 20.72 -10.07 10.81
C TRP B 107 20.17 -11.17 11.68
N GLY B 108 20.82 -12.34 11.60
CA GLY B 108 20.56 -13.38 12.56
C GLY B 108 21.06 -12.92 13.92
N ASP B 109 20.28 -13.24 14.95
CA ASP B 109 20.58 -12.85 16.34
C ASP B 109 20.83 -14.13 17.14
N PRO B 110 22.03 -14.71 17.02
CA PRO B 110 22.24 -16.03 17.60
C PRO B 110 22.25 -16.03 19.13
N VAL B 111 22.69 -14.94 19.75
CA VAL B 111 22.72 -14.89 21.21
C VAL B 111 21.31 -14.94 21.80
N THR B 112 20.36 -14.22 21.20
CA THR B 112 19.01 -14.27 21.70
C THR B 112 18.46 -15.69 21.60
N THR B 113 18.74 -16.36 20.48
CA THR B 113 18.27 -17.72 20.32
C THR B 113 18.95 -18.64 21.34
N TRP B 114 20.25 -18.48 21.53
CA TRP B 114 20.96 -19.36 22.46
C TRP B 114 20.48 -19.17 23.91
N ARG B 115 20.29 -17.92 24.31
CA ARG B 115 19.78 -17.65 25.65
C ARG B 115 18.41 -18.28 25.87
N HIS B 116 17.53 -18.16 24.88
CA HIS B 116 16.19 -18.75 25.00
C HIS B 116 16.28 -20.23 25.34
N HIS B 117 17.06 -20.96 24.54
CA HIS B 117 17.24 -22.39 24.73
C HIS B 117 17.99 -22.73 26.01
N ALA B 118 19.01 -21.95 26.33
CA ALA B 118 19.83 -22.22 27.51
C ALA B 118 19.03 -22.08 28.81
N ARG B 119 18.15 -21.08 28.86
CA ARG B 119 17.36 -20.84 30.06
C ARG B 119 16.42 -22.02 30.32
N ILE B 120 16.08 -22.75 29.27
CA ILE B 120 15.25 -23.95 29.40
C ILE B 120 16.07 -25.20 29.70
N LYS B 121 17.15 -25.41 28.95
CA LYS B 121 17.88 -26.68 29.00
C LYS B 121 18.76 -26.82 30.25
N ILE B 122 19.30 -25.72 30.75
CA ILE B 122 20.19 -25.81 31.92
C ILE B 122 19.45 -26.24 33.20
N PRO B 123 18.28 -25.63 33.52
CA PRO B 123 17.56 -26.13 34.69
C PRO B 123 16.98 -27.53 34.51
N ALA B 124 16.92 -28.00 33.27
CA ALA B 124 16.39 -29.33 32.99
C ALA B 124 17.51 -30.38 32.89
N GLY B 125 18.75 -29.96 33.08
CA GLY B 125 19.89 -30.86 33.01
C GLY B 125 20.09 -31.48 31.64
N LEU B 126 19.66 -30.78 30.60
CA LEU B 126 19.72 -31.29 29.24
C LEU B 126 20.95 -30.80 28.48
N ASP B 127 21.89 -31.72 28.23
CA ASP B 127 23.10 -31.43 27.44
C ASP B 127 23.85 -30.20 27.93
N THR B 128 23.97 -30.04 29.26
CA THR B 128 24.38 -28.75 29.80
C THR B 128 25.80 -28.38 29.38
N ASP B 129 26.74 -29.33 29.40
CA ASP B 129 28.11 -28.98 29.03
C ASP B 129 28.19 -28.50 27.57
N LEU B 130 27.45 -29.17 26.69
CA LEU B 130 27.38 -28.78 25.29
C LEU B 130 26.73 -27.40 25.09
N VAL B 131 25.63 -27.17 25.80
CA VAL B 131 24.92 -25.89 25.73
C VAL B 131 25.80 -24.73 26.21
N LEU B 132 26.50 -24.93 27.33
CA LEU B 132 27.31 -23.85 27.87
C LEU B 132 28.51 -23.55 26.97
N GLU B 133 29.10 -24.59 26.37
CA GLU B 133 30.21 -24.38 25.45
C GLU B 133 29.75 -23.65 24.19
N GLU B 134 28.57 -23.99 23.69
CA GLU B 134 28.01 -23.26 22.54
C GLU B 134 27.87 -21.77 22.88
N GLY B 135 27.43 -21.49 24.09
CA GLY B 135 27.32 -20.11 24.56
C GLY B 135 28.66 -19.42 24.64
N ALA B 136 29.66 -20.14 25.15
CA ALA B 136 31.00 -19.57 25.25
C ALA B 136 31.52 -19.19 23.86
N ARG B 137 31.27 -20.05 22.88
CA ARG B 137 31.76 -19.77 21.54
C ARG B 137 31.06 -18.54 20.93
N LEU B 138 29.79 -18.37 21.25
CA LEU B 138 29.07 -17.18 20.78
C LEU B 138 29.62 -15.91 21.41
N TYR B 139 29.83 -15.92 22.71
CA TYR B 139 30.28 -14.73 23.40
C TYR B 139 31.70 -14.36 22.98
N GLU B 140 32.52 -15.36 22.65
CA GLU B 140 33.85 -15.11 22.08
C GLU B 140 33.77 -14.38 20.75
N ARG B 141 32.86 -14.83 19.90
CA ARG B 141 32.69 -14.19 18.61
C ARG B 141 32.18 -12.77 18.80
N ALA B 142 31.30 -12.58 19.79
CA ALA B 142 30.78 -11.25 20.10
C ALA B 142 31.93 -10.31 20.48
N ALA B 143 32.83 -10.83 21.32
CA ALA B 143 33.93 -10.03 21.83
C ALA B 143 34.88 -9.59 20.72
N ALA B 144 34.95 -10.39 19.65
CA ALA B 144 35.84 -10.11 18.53
C ALA B 144 35.56 -8.75 17.90
N ASP B 145 34.29 -8.35 17.89
CA ASP B 145 33.87 -7.12 17.20
C ASP B 145 33.61 -5.96 18.16
N VAL B 146 34.03 -6.10 19.40
CA VAL B 146 33.83 -5.05 20.39
C VAL B 146 35.09 -4.19 20.48
N PRO B 147 34.96 -2.89 20.20
CA PRO B 147 36.14 -2.02 20.09
C PRO B 147 36.78 -1.66 21.43
N GLY B 148 35.98 -1.55 22.49
CA GLY B 148 36.50 -1.14 23.79
C GLY B 148 37.04 -2.30 24.60
N ARG B 149 38.21 -2.12 25.17
CA ARG B 149 38.90 -3.23 25.83
C ARG B 149 38.21 -3.64 27.13
N GLU B 150 37.64 -2.69 27.88
CA GLU B 150 36.92 -3.06 29.09
C GLU B 150 35.64 -3.84 28.76
N ASP B 151 34.94 -3.40 27.71
CA ASP B 151 33.80 -4.15 27.21
C ASP B 151 34.21 -5.57 26.76
N ARG B 152 35.33 -5.70 26.06
CA ARG B 152 35.80 -7.03 25.65
C ARG B 152 36.08 -7.91 26.86
N ARG B 153 36.73 -7.33 27.86
CA ARG B 153 37.06 -8.06 29.08
C ARG B 153 35.80 -8.53 29.81
N GLU B 154 34.75 -7.73 29.75
CA GLU B 154 33.48 -8.11 30.37
C GLU B 154 32.91 -9.35 29.71
N LEU B 155 32.99 -9.40 28.38
CA LEU B 155 32.48 -10.56 27.67
C LEU B 155 33.39 -11.77 27.90
N LEU B 156 34.69 -11.54 27.93
CA LEU B 156 35.63 -12.64 28.12
C LEU B 156 35.49 -13.25 29.51
N ALA B 157 35.14 -12.41 30.50
CA ALA B 157 34.90 -12.94 31.84
C ALA B 157 33.66 -13.85 31.85
N ALA B 158 32.66 -13.50 31.04
CA ALA B 158 31.49 -14.35 30.87
C ALA B 158 31.86 -15.67 30.18
N VAL B 159 32.69 -15.57 29.14
CA VAL B 159 33.20 -16.77 28.45
C VAL B 159 33.89 -17.71 29.43
N ASP B 160 34.79 -17.14 30.23
CA ASP B 160 35.59 -17.96 31.14
C ASP B 160 34.68 -18.60 32.20
N ALA B 161 33.66 -17.88 32.65
CA ALA B 161 32.71 -18.44 33.61
C ALA B 161 31.84 -19.52 32.98
N LEU B 162 31.39 -19.28 31.75
CA LEU B 162 30.65 -20.30 31.00
C LEU B 162 31.45 -21.60 30.91
N ARG B 163 32.77 -21.49 30.76
CA ARG B 163 33.64 -22.65 30.58
C ARG B 163 34.15 -23.29 31.88
N ASP B 164 33.83 -22.70 33.02
CA ASP B 164 34.36 -23.18 34.30
C ASP B 164 33.60 -24.41 34.76
N GLU B 165 34.12 -25.58 34.41
CA GLU B 165 33.43 -26.85 34.68
C GLU B 165 33.37 -27.19 36.17
N SER B 166 34.06 -26.41 37.01
CA SER B 166 34.06 -26.64 38.44
C SER B 166 32.91 -25.94 39.16
N ARG B 167 32.15 -25.15 38.43
CA ARG B 167 31.01 -24.44 39.00
C ARG B 167 29.72 -25.11 38.52
N PRO B 168 28.64 -24.98 39.30
CA PRO B 168 27.36 -25.56 38.87
C PRO B 168 26.84 -24.90 37.60
N ALA B 169 26.16 -25.67 36.76
CA ALA B 169 25.65 -25.19 35.49
C ALA B 169 24.85 -23.90 35.61
N ALA B 170 24.00 -23.81 36.64
CA ALA B 170 23.17 -22.62 36.82
C ALA B 170 24.03 -21.39 37.06
N SER B 171 25.13 -21.58 37.78
CA SER B 171 26.04 -20.47 38.05
C SER B 171 26.81 -20.07 36.79
N ARG B 172 27.23 -21.07 36.01
CA ARG B 172 27.91 -20.82 34.74
C ARG B 172 27.01 -20.02 33.80
N LEU B 173 25.74 -20.43 33.70
CA LEU B 173 24.77 -19.71 32.88
C LEU B 173 24.51 -18.30 33.39
N ALA B 174 24.28 -18.14 34.69
CA ALA B 174 23.97 -16.84 35.26
C ALA B 174 25.02 -15.80 34.92
N ALA B 175 26.29 -16.22 34.88
CA ALA B 175 27.39 -15.31 34.59
C ALA B 175 27.29 -14.71 33.19
N ALA B 176 26.57 -15.39 32.29
CA ALA B 176 26.42 -14.91 30.93
C ALA B 176 25.22 -13.99 30.77
N LEU B 177 24.49 -13.79 31.85
CA LEU B 177 23.20 -13.09 31.80
C LEU B 177 23.14 -11.85 32.70
N THR B 178 24.30 -11.34 33.11
CA THR B 178 24.36 -10.20 34.03
C THR B 178 24.00 -8.89 33.32
N PRO B 179 23.56 -7.87 34.10
CA PRO B 179 23.29 -6.56 33.50
C PRO B 179 24.49 -5.98 32.77
N GLN B 180 25.70 -6.24 33.27
CA GLN B 180 26.92 -5.70 32.67
C GLN B 180 27.20 -6.35 31.32
N VAL B 181 26.98 -7.65 31.24
CA VAL B 181 27.11 -8.36 29.97
C VAL B 181 26.04 -7.89 28.99
N ASP B 182 24.79 -7.82 29.45
CA ASP B 182 23.67 -7.37 28.62
C ASP B 182 23.92 -5.99 27.99
N ALA B 183 24.52 -5.09 28.74
CA ALA B 183 24.80 -3.74 28.26
C ALA B 183 25.78 -3.73 27.09
N VAL B 184 26.81 -4.56 27.16
CA VAL B 184 27.75 -4.66 26.05
C VAL B 184 27.04 -5.25 24.82
N LEU B 185 26.29 -6.31 25.03
CA LEU B 185 25.62 -7.01 23.93
C LEU B 185 24.50 -6.19 23.32
N ALA B 186 23.91 -5.31 24.13
CA ALA B 186 22.85 -4.43 23.63
C ALA B 186 23.42 -3.48 22.59
N ARG B 187 24.61 -2.95 22.89
CA ARG B 187 25.30 -1.98 22.04
C ARG B 187 26.08 -2.64 20.91
N HIS B 188 26.72 -3.75 21.21
CA HIS B 188 27.53 -4.46 20.22
C HIS B 188 27.07 -5.89 20.08
N PRO B 189 25.87 -6.09 19.53
CA PRO B 189 25.38 -7.47 19.39
C PRO B 189 26.21 -8.26 18.39
N LEU B 190 26.20 -9.58 18.56
CA LEU B 190 26.74 -10.46 17.55
C LEU B 190 25.70 -10.56 16.43
N ARG B 191 26.03 -10.02 15.27
CA ARG B 191 25.09 -10.03 14.15
C ARG B 191 25.54 -11.03 13.10
N ASP B 192 24.72 -12.05 12.85
CA ASP B 192 25.00 -13.03 11.80
C ASP B 192 24.45 -12.55 10.45
N LEU B 193 25.22 -12.76 9.40
CA LEU B 193 24.71 -12.66 8.03
C LEU B 193 24.08 -11.29 7.74
N VAL B 194 24.75 -10.22 8.15
CA VAL B 194 24.16 -8.88 8.03
C VAL B 194 23.79 -8.59 6.58
N THR B 195 22.55 -8.14 6.41
CA THR B 195 21.95 -7.90 5.11
C THR B 195 21.33 -6.50 5.13
N SER B 196 21.61 -5.71 4.11
CA SER B 196 21.13 -4.34 4.07
C SER B 196 20.10 -4.09 2.95
N SER B 197 19.16 -3.20 3.21
CA SER B 197 18.30 -2.66 2.16
C SER B 197 19.13 -1.70 1.29
N ASP B 198 18.64 -1.40 0.09
CA ASP B 198 19.20 -0.30 -0.70
C ASP B 198 18.77 1.01 -0.08
N PRO B 199 19.66 2.00 -0.09
CA PRO B 199 19.41 3.28 0.59
C PRO B 199 18.22 4.01 0.02
N LEU B 200 17.46 4.66 0.89
CA LEU B 200 16.36 5.52 0.50
C LEU B 200 16.68 6.96 0.89
N PRO B 201 16.24 7.93 0.07
CA PRO B 201 16.57 9.35 0.26
C PRO B 201 15.68 10.06 1.28
N LEU B 202 16.28 10.96 2.06
CA LEU B 202 15.54 11.76 3.01
C LEU B 202 15.94 13.21 2.85
N LEU B 203 14.96 14.09 2.67
CA LEU B 203 15.24 15.50 2.51
C LEU B 203 14.91 16.19 3.83
N VAL B 204 15.93 16.74 4.48
CA VAL B 204 15.75 17.41 5.75
C VAL B 204 15.79 18.92 5.54
N GLU B 205 14.73 19.59 5.96
CA GLU B 205 14.63 21.02 5.71
C GLU B 205 14.53 21.77 7.04
N ARG B 206 14.50 23.09 6.99
CA ARG B 206 14.56 23.88 8.21
C ARG B 206 13.27 23.81 9.01
N GLU B 207 13.34 24.19 10.28
CA GLU B 207 12.23 24.08 11.21
C GLU B 207 10.92 24.69 10.69
N ARG B 208 11.02 25.85 10.06
CA ARG B 208 9.83 26.60 9.64
C ARG B 208 9.03 25.86 8.57
N ALA B 209 9.67 24.91 7.87
CA ALA B 209 8.91 24.14 6.87
C ALA B 209 7.77 23.35 7.51
N LEU B 210 7.99 22.88 8.75
CA LEU B 210 6.98 22.10 9.47
C LEU B 210 6.18 22.92 10.48
N TYR B 211 6.89 23.84 11.14
CA TYR B 211 6.36 24.52 12.33
C TYR B 211 6.37 26.04 12.17
N GLY B 212 5.21 26.66 12.35
CA GLY B 212 5.13 28.11 12.32
C GLY B 212 3.71 28.58 12.37
N ALA B 213 3.50 29.81 12.83
CA ALA B 213 2.16 30.40 12.84
C ALA B 213 2.09 31.52 11.80
N TRP B 214 1.11 31.47 10.90
CA TRP B 214 1.00 32.40 9.78
C TRP B 214 -0.13 33.42 9.93
N TYR B 215 0.11 34.64 9.45
CA TYR B 215 -0.92 35.68 9.49
C TYR B 215 -0.98 36.35 8.13
N GLU B 216 -2.17 36.37 7.54
CA GLU B 216 -2.37 36.99 6.22
C GLU B 216 -3.04 38.35 6.34
N PHE B 217 -2.49 39.38 5.70
CA PHE B 217 -3.19 40.67 5.66
C PHE B 217 -2.82 41.46 4.40
N PHE B 218 -3.69 42.40 4.06
CA PHE B 218 -3.54 43.28 2.89
C PHE B 218 -2.93 44.61 3.32
N PRO B 219 -1.68 44.86 2.94
CA PRO B 219 -1.05 46.15 3.26
C PRO B 219 -1.89 47.35 2.83
N ARG B 220 -2.60 47.26 1.71
CA ARG B 220 -3.33 48.42 1.20
C ARG B 220 -4.48 48.82 2.11
N SER B 221 -4.97 47.89 2.92
CA SER B 221 -6.08 48.25 3.81
C SER B 221 -5.61 49.07 5.01
N GLU B 222 -4.30 49.09 5.29
CA GLU B 222 -3.80 49.77 6.48
C GLU B 222 -3.23 51.14 6.11
N GLY B 223 -4.13 52.07 5.79
CA GLY B 223 -3.75 53.39 5.35
C GLY B 223 -4.10 54.46 6.39
N THR B 224 -4.34 55.67 5.91
CA THR B 224 -4.60 56.81 6.78
C THR B 224 -5.84 57.57 6.31
N PRO B 225 -6.40 58.45 7.15
CA PRO B 225 -7.54 59.25 6.70
C PRO B 225 -7.25 60.03 5.41
N HIS B 226 -6.06 60.60 5.31
CA HIS B 226 -5.69 61.40 4.15
C HIS B 226 -5.44 60.51 2.93
N THR B 227 -4.80 59.37 3.18
CA THR B 227 -4.40 58.43 2.13
C THR B 227 -4.89 57.02 2.47
N PRO B 228 -6.14 56.70 2.10
CA PRO B 228 -6.78 55.44 2.49
C PRO B 228 -6.03 54.21 2.01
N HIS B 229 -5.36 54.31 0.86
CA HIS B 229 -4.60 53.16 0.34
C HIS B 229 -3.29 53.08 1.10
N GLY B 230 -3.15 52.04 1.91
CA GLY B 230 -1.95 51.86 2.69
C GLY B 230 -0.71 51.70 1.83
N THR B 231 0.43 52.05 2.40
CA THR B 231 1.72 51.81 1.77
C THR B 231 2.49 50.79 2.59
N PHE B 232 3.66 50.35 2.11
CA PHE B 232 4.49 49.51 2.95
C PHE B 232 4.86 50.26 4.21
N ARG B 233 5.03 51.58 4.10
CA ARG B 233 5.44 52.37 5.27
C ARG B 233 4.34 52.38 6.31
N THR B 234 3.08 52.58 5.90
CA THR B 234 1.99 52.65 6.86
C THR B 234 1.62 51.25 7.35
N ALA B 235 1.65 50.28 6.43
CA ALA B 235 1.27 48.92 6.80
C ALA B 235 2.23 48.30 7.81
N ALA B 236 3.48 48.76 7.80
CA ALA B 236 4.48 48.22 8.73
C ALA B 236 4.06 48.47 10.18
N ARG B 237 3.18 49.44 10.38
CA ARG B 237 2.63 49.74 11.72
C ARG B 237 1.85 48.55 12.31
N ARG B 238 1.32 47.67 11.46
CA ARG B 238 0.61 46.47 11.93
C ARG B 238 1.55 45.38 12.42
N LEU B 239 2.81 45.40 11.99
CA LEU B 239 3.70 44.30 12.29
C LEU B 239 3.88 44.04 13.81
N PRO B 240 4.02 45.11 14.62
CA PRO B 240 4.17 44.77 16.05
C PRO B 240 2.96 44.04 16.63
N ALA B 241 1.75 44.37 16.20
CA ALA B 241 0.57 43.70 16.71
C ALA B 241 0.54 42.24 16.27
N ILE B 242 0.99 42.00 15.04
CA ILE B 242 1.03 40.63 14.53
C ILE B 242 2.07 39.81 15.28
N ALA B 243 3.23 40.41 15.52
CA ALA B 243 4.27 39.76 16.30
C ALA B 243 3.79 39.51 17.74
N ALA B 244 3.04 40.45 18.29
CA ALA B 244 2.57 40.32 19.67
C ALA B 244 1.55 39.17 19.83
N MET B 245 0.91 38.80 18.73
N MET B 245 0.88 38.82 18.73
CA MET B 245 -0.03 37.69 18.75
CA MET B 245 -0.05 37.68 18.74
C MET B 245 0.69 36.36 18.59
C MET B 245 0.70 36.35 18.61
N GLY B 246 2.01 36.43 18.45
CA GLY B 246 2.83 35.23 18.39
C GLY B 246 2.98 34.58 17.03
N PHE B 247 2.77 35.34 15.96
CA PHE B 247 2.96 34.79 14.61
C PHE B 247 4.41 34.85 14.18
N ASP B 248 4.77 34.02 13.19
CA ASP B 248 6.15 33.89 12.73
C ASP B 248 6.31 34.31 11.28
N VAL B 249 5.21 34.18 10.55
CA VAL B 249 5.18 34.45 9.10
C VAL B 249 4.03 35.37 8.75
N VAL B 250 4.31 36.38 7.92
CA VAL B 250 3.25 37.22 7.39
C VAL B 250 3.11 36.92 5.90
N TYR B 251 1.92 36.49 5.49
CA TYR B 251 1.64 36.20 4.09
C TYR B 251 0.92 37.41 3.49
N LEU B 252 1.53 37.98 2.45
CA LEU B 252 0.96 39.12 1.76
C LEU B 252 0.36 38.69 0.41
N PRO B 253 -0.86 39.15 0.11
CA PRO B 253 -1.40 39.00 -1.26
C PRO B 253 -0.46 39.69 -2.25
N PRO B 254 -0.64 39.44 -3.56
CA PRO B 254 0.32 40.00 -4.51
C PRO B 254 0.52 41.52 -4.35
N ILE B 255 1.79 41.94 -4.42
CA ILE B 255 2.18 43.31 -4.12
C ILE B 255 2.54 44.07 -5.39
N HIS B 256 2.11 43.55 -6.54
CA HIS B 256 2.51 44.11 -7.83
C HIS B 256 1.45 45.07 -8.38
N PRO B 257 1.78 45.80 -9.47
CA PRO B 257 0.72 46.61 -10.09
C PRO B 257 -0.48 45.78 -10.48
N ILE B 258 -1.63 46.41 -10.54
CA ILE B 258 -2.88 45.71 -10.82
C ILE B 258 -3.47 46.22 -12.13
N GLY B 259 -3.92 45.29 -12.98
CA GLY B 259 -4.48 45.65 -14.28
C GLY B 259 -5.71 46.54 -14.20
N THR B 260 -5.95 47.31 -15.26
CA THR B 260 -7.16 48.11 -15.33
C THR B 260 -8.20 47.47 -16.25
N THR B 261 -7.74 46.82 -17.32
CA THR B 261 -8.65 46.17 -18.23
C THR B 261 -9.39 45.02 -17.55
N HIS B 262 -10.72 45.09 -17.58
CA HIS B 262 -11.61 44.09 -16.95
C HIS B 262 -11.37 43.98 -15.44
N ARG B 263 -10.88 45.05 -14.82
CA ARG B 263 -10.73 45.08 -13.37
C ARG B 263 -12.08 44.81 -12.68
N LYS B 264 -12.04 43.99 -11.62
CA LYS B 264 -13.24 43.68 -10.85
C LYS B 264 -13.61 44.83 -9.91
N GLY B 265 -14.90 45.05 -9.70
CA GLY B 265 -15.36 46.05 -8.76
C GLY B 265 -15.65 45.43 -7.41
N ARG B 266 -16.25 46.20 -6.50
CA ARG B 266 -16.56 45.71 -5.16
C ARG B 266 -17.48 44.50 -5.20
N ASN B 267 -17.31 43.60 -4.23
CA ASN B 267 -18.10 42.39 -4.14
C ASN B 267 -18.05 41.53 -5.40
N ASN B 268 -16.89 41.53 -6.04
CA ASN B 268 -16.67 40.69 -7.23
C ASN B 268 -17.66 41.03 -8.35
N THR B 269 -17.98 42.31 -8.49
CA THR B 269 -18.77 42.73 -9.64
C THR B 269 -17.85 42.83 -10.86
N LEU B 270 -18.41 42.72 -12.06
CA LEU B 270 -17.57 42.58 -13.24
C LEU B 270 -16.84 43.85 -13.66
N SER B 271 -17.45 45.01 -13.42
CA SER B 271 -16.85 46.26 -13.86
C SER B 271 -16.53 47.22 -12.71
N ALA B 272 -15.25 47.53 -12.56
CA ALA B 272 -14.76 48.51 -11.61
C ALA B 272 -15.26 49.89 -11.99
N THR B 273 -15.59 50.70 -10.99
CA THR B 273 -15.97 52.08 -11.23
C THR B 273 -15.13 52.98 -10.34
N GLY B 274 -14.87 54.18 -10.83
CA GLY B 274 -14.15 55.18 -10.07
C GLY B 274 -12.79 54.76 -9.53
N ASP B 275 -12.68 54.75 -8.21
CA ASP B 275 -11.42 54.51 -7.55
C ASP B 275 -11.27 53.08 -7.06
N ASP B 276 -12.13 52.19 -7.55
CA ASP B 276 -12.07 50.76 -7.21
C ASP B 276 -10.66 50.22 -7.40
N VAL B 277 -10.18 49.45 -6.42
CA VAL B 277 -8.78 49.07 -6.38
C VAL B 277 -8.48 47.74 -7.10
N GLY B 278 -9.51 46.96 -7.36
CA GLY B 278 -9.35 45.69 -8.06
C GLY B 278 -8.69 44.61 -7.22
N SER B 279 -8.56 43.42 -7.80
CA SER B 279 -7.97 42.27 -7.11
C SER B 279 -6.46 42.27 -7.28
N PRO B 280 -5.71 42.13 -6.16
CA PRO B 280 -4.25 42.02 -6.25
C PRO B 280 -3.79 40.85 -7.15
N TRP B 281 -4.64 39.85 -7.36
CA TRP B 281 -4.22 38.70 -8.16
C TRP B 281 -4.30 39.00 -9.67
N ALA B 282 -4.83 40.16 -10.02
CA ALA B 282 -4.86 40.60 -11.44
C ALA B 282 -3.57 41.35 -11.75
N ILE B 283 -2.49 40.59 -11.85
CA ILE B 283 -1.16 41.15 -11.82
C ILE B 283 -0.72 41.74 -13.16
N GLY B 284 -0.22 42.97 -13.12
CA GLY B 284 0.45 43.54 -14.28
C GLY B 284 -0.21 44.75 -14.92
N SER B 285 0.61 45.71 -15.31
CA SER B 285 0.14 46.93 -15.97
C SER B 285 1.34 47.55 -16.69
N PRO B 286 1.15 48.70 -17.37
CA PRO B 286 2.33 49.39 -17.91
C PRO B 286 3.37 49.73 -16.82
N GLU B 287 2.92 49.72 -15.57
CA GLU B 287 3.77 50.06 -14.43
C GLU B 287 4.69 48.90 -14.05
N GLY B 288 4.45 47.71 -14.58
CA GLY B 288 5.34 46.60 -14.33
C GLY B 288 4.59 45.31 -14.04
N GLY B 289 5.35 44.21 -13.92
CA GLY B 289 4.79 42.88 -13.73
C GLY B 289 5.15 42.31 -12.37
N HIS B 290 5.44 41.00 -12.35
CA HIS B 290 5.71 40.27 -11.11
C HIS B 290 7.01 40.67 -10.42
N ASP B 291 7.87 41.44 -11.10
CA ASP B 291 9.09 41.89 -10.46
C ASP B 291 8.98 43.34 -10.04
N SER B 292 7.76 43.85 -9.99
CA SER B 292 7.50 45.25 -9.68
C SER B 292 6.61 45.43 -8.46
N ILE B 293 6.63 46.65 -7.91
CA ILE B 293 5.77 47.00 -6.78
C ILE B 293 4.61 47.88 -7.24
N HIS B 294 3.40 47.58 -6.75
CA HIS B 294 2.27 48.47 -6.94
C HIS B 294 2.66 49.91 -6.56
N PRO B 295 2.46 50.89 -7.45
CA PRO B 295 2.93 52.24 -7.12
C PRO B 295 2.29 52.83 -5.86
N ALA B 296 1.05 52.44 -5.58
CA ALA B 296 0.38 52.95 -4.38
C ALA B 296 0.95 52.32 -3.10
N LEU B 297 1.72 51.24 -3.24
CA LEU B 297 2.35 50.62 -2.07
C LEU B 297 3.68 51.26 -1.76
N GLY B 298 4.23 51.96 -2.74
CA GLY B 298 5.54 52.56 -2.57
C GLY B 298 6.58 51.97 -3.50
N THR B 299 7.84 52.00 -3.06
CA THR B 299 8.95 51.54 -3.88
C THR B 299 9.57 50.28 -3.33
N LEU B 300 10.55 49.74 -4.07
CA LEU B 300 11.31 48.59 -3.61
C LEU B 300 12.06 48.93 -2.32
N ASP B 301 12.52 50.17 -2.20
CA ASP B 301 13.18 50.62 -0.98
C ASP B 301 12.20 50.55 0.22
N ASP B 302 10.95 50.92 -0.02
CA ASP B 302 9.92 50.84 1.01
C ASP B 302 9.66 49.39 1.39
N PHE B 303 9.62 48.52 0.38
CA PHE B 303 9.48 47.08 0.64
C PHE B 303 10.62 46.57 1.52
N ASP B 304 11.85 46.97 1.21
CA ASP B 304 13.01 46.52 1.98
C ASP B 304 12.88 46.92 3.45
N HIS B 305 12.39 48.14 3.67
CA HIS B 305 12.15 48.65 5.02
C HIS B 305 11.13 47.77 5.76
N PHE B 306 10.04 47.44 5.07
CA PHE B 306 8.99 46.59 5.63
C PHE B 306 9.57 45.22 6.00
N VAL B 307 10.38 44.65 5.12
CA VAL B 307 10.97 43.34 5.37
C VAL B 307 11.91 43.38 6.55
N THR B 308 12.68 44.47 6.65
CA THR B 308 13.64 44.65 7.73
C THR B 308 12.94 44.76 9.07
N GLU B 309 11.90 45.59 9.11
CA GLU B 309 11.11 45.79 10.32
C GLU B 309 10.43 44.50 10.75
N ALA B 310 9.98 43.72 9.78
CA ALA B 310 9.37 42.43 10.10
C ALA B 310 10.40 41.49 10.73
N GLY B 311 11.61 41.46 10.16
CA GLY B 311 12.67 40.59 10.63
C GLY B 311 13.05 40.91 12.07
N LYS B 312 13.08 42.20 12.41
CA LYS B 312 13.42 42.61 13.78
C LYS B 312 12.40 42.09 14.78
N LEU B 313 11.16 41.91 14.31
CA LEU B 313 10.09 41.42 15.17
C LEU B 313 9.91 39.90 15.13
N GLY B 314 10.82 39.21 14.44
CA GLY B 314 10.73 37.76 14.33
C GLY B 314 9.70 37.30 13.32
N LEU B 315 9.45 38.14 12.32
CA LEU B 315 8.48 37.81 11.27
C LEU B 315 9.17 37.63 9.94
N GLU B 316 8.93 36.49 9.31
CA GLU B 316 9.37 36.27 7.93
C GLU B 316 8.25 36.65 6.98
N ILE B 317 8.60 37.18 5.82
CA ILE B 317 7.59 37.52 4.83
C ILE B 317 7.40 36.37 3.83
N ALA B 318 6.15 36.00 3.59
CA ALA B 318 5.81 35.07 2.52
C ALA B 318 5.06 35.85 1.46
N LEU B 319 5.61 35.92 0.25
CA LEU B 319 4.89 36.58 -0.85
C LEU B 319 4.05 35.60 -1.66
N ASP B 320 2.90 36.08 -2.12
CA ASP B 320 2.07 35.32 -3.06
C ASP B 320 2.79 35.24 -4.39
N PHE B 321 2.89 34.05 -4.95
CA PHE B 321 3.35 33.92 -6.34
C PHE B 321 2.22 33.35 -7.17
N ALA B 322 1.62 34.20 -7.99
CA ALA B 322 0.48 33.81 -8.83
C ALA B 322 0.85 33.90 -10.30
N LEU B 323 1.12 32.76 -10.92
CA LEU B 323 1.63 32.73 -12.29
C LEU B 323 0.46 32.83 -13.25
N GLN B 324 0.05 34.09 -13.48
CA GLN B 324 -1.09 34.47 -14.30
C GLN B 324 -0.92 35.97 -14.50
N CYS B 325 -1.70 36.55 -15.42
N CYS B 325 -1.73 36.58 -15.34
CA CYS B 325 -1.55 37.94 -15.86
CA CYS B 325 -1.60 38.01 -15.46
C CYS B 325 -2.88 38.67 -16.06
C CYS B 325 -2.83 38.68 -16.01
N SER B 326 -2.96 39.95 -15.69
CA SER B 326 -4.04 40.78 -16.16
C SER B 326 -3.81 40.98 -17.66
N PRO B 327 -4.85 41.41 -18.38
CA PRO B 327 -4.68 41.68 -19.82
C PRO B 327 -3.66 42.79 -20.09
N ASP B 328 -3.28 43.55 -19.06
CA ASP B 328 -2.37 44.69 -19.19
C ASP B 328 -0.91 44.39 -18.84
N HIS B 329 -0.64 43.16 -18.41
CA HIS B 329 0.71 42.75 -18.04
C HIS B 329 1.64 42.84 -19.26
N PRO B 330 2.88 43.30 -19.07
CA PRO B 330 3.86 43.34 -20.16
C PRO B 330 4.02 42.01 -20.92
N TRP B 331 3.87 40.87 -20.25
CA TRP B 331 4.05 39.59 -20.94
C TRP B 331 3.08 39.41 -22.10
N VAL B 332 1.91 40.04 -22.02
CA VAL B 332 0.89 39.81 -23.04
C VAL B 332 1.41 40.21 -24.42
N HIS B 333 2.17 41.30 -24.51
CA HIS B 333 2.77 41.65 -25.81
C HIS B 333 4.22 41.20 -25.93
N LYS B 334 4.93 41.02 -24.82
CA LYS B 334 6.34 40.61 -24.90
C LYS B 334 6.48 39.10 -25.19
N HIS B 335 5.55 38.31 -24.68
CA HIS B 335 5.61 36.84 -24.83
C HIS B 335 4.23 36.29 -25.15
N PRO B 336 3.72 36.60 -26.35
CA PRO B 336 2.38 36.12 -26.70
C PRO B 336 2.28 34.60 -26.61
N GLU B 337 3.39 33.90 -26.81
CA GLU B 337 3.36 32.45 -26.88
C GLU B 337 3.24 31.83 -25.47
N TRP B 338 3.20 32.67 -24.44
CA TRP B 338 2.95 32.19 -23.09
C TRP B 338 1.45 32.13 -22.79
N PHE B 339 0.62 32.31 -23.83
CA PHE B 339 -0.83 32.28 -23.68
C PHE B 339 -1.43 31.49 -24.82
N HIS B 340 -2.57 30.87 -24.56
CA HIS B 340 -3.29 30.21 -25.64
C HIS B 340 -4.23 31.17 -26.31
N HIS B 341 -4.05 31.37 -27.62
CA HIS B 341 -4.93 32.27 -28.36
C HIS B 341 -5.94 31.49 -29.17
N ARG B 342 -7.18 31.97 -29.12
CA ARG B 342 -8.26 31.40 -29.89
C ARG B 342 -8.09 31.84 -31.34
N PRO B 343 -8.88 31.26 -32.26
CA PRO B 343 -8.72 31.62 -33.69
C PRO B 343 -8.81 33.11 -34.01
N ASP B 344 -9.51 33.89 -33.20
CA ASP B 344 -9.64 35.32 -33.45
C ASP B 344 -8.56 36.13 -32.74
N GLY B 345 -7.60 35.41 -32.15
CA GLY B 345 -6.47 36.02 -31.46
C GLY B 345 -6.73 36.34 -29.99
N THR B 346 -7.97 36.17 -29.54
CA THR B 346 -8.29 36.52 -28.15
C THR B 346 -7.79 35.42 -27.21
N ILE B 347 -7.61 35.78 -25.93
CA ILE B 347 -7.19 34.84 -24.90
C ILE B 347 -8.34 34.69 -23.91
N ALA B 348 -8.80 33.46 -23.68
CA ALA B 348 -9.92 33.24 -22.76
C ALA B 348 -9.49 33.53 -21.32
N HIS B 349 -10.37 34.13 -20.52
CA HIS B 349 -10.00 34.47 -19.16
C HIS B 349 -9.90 33.20 -18.32
N ALA B 350 -9.19 33.31 -17.21
CA ALA B 350 -8.95 32.14 -16.36
C ALA B 350 -10.23 31.79 -15.60
N GLU B 351 -10.31 30.54 -15.17
CA GLU B 351 -11.47 30.05 -14.43
C GLU B 351 -11.01 29.00 -13.43
N ASN B 352 -11.84 28.77 -12.43
CA ASN B 352 -11.67 27.66 -11.48
C ASN B 352 -13.08 27.20 -11.17
N PRO B 353 -13.73 26.52 -12.13
CA PRO B 353 -15.18 26.35 -12.17
C PRO B 353 -15.73 25.85 -10.83
N PRO B 354 -16.83 26.47 -10.35
CA PRO B 354 -17.62 27.46 -11.08
C PRO B 354 -17.14 28.91 -10.96
N LYS B 355 -15.98 29.16 -10.36
CA LYS B 355 -15.50 30.54 -10.23
C LYS B 355 -14.96 31.05 -11.57
N LYS B 356 -15.25 32.31 -11.91
CA LYS B 356 -14.69 32.93 -13.12
C LYS B 356 -13.80 34.11 -12.78
N TYR B 357 -12.67 34.19 -13.47
CA TYR B 357 -11.69 35.24 -13.22
C TYR B 357 -11.55 36.11 -14.48
N GLN B 358 -12.59 36.89 -14.76
CA GLN B 358 -12.64 37.72 -15.97
C GLN B 358 -11.51 38.75 -16.04
N ASP B 359 -10.84 39.02 -14.92
CA ASP B 359 -9.78 40.01 -14.88
C ASP B 359 -8.39 39.48 -15.19
N ILE B 360 -8.25 38.17 -15.47
CA ILE B 360 -6.94 37.60 -15.75
C ILE B 360 -6.91 36.56 -16.87
N TYR B 361 -5.72 36.40 -17.45
CA TYR B 361 -5.41 35.33 -18.40
C TYR B 361 -4.60 34.25 -17.69
N PRO B 362 -4.87 32.98 -18.00
CA PRO B 362 -4.00 31.90 -17.53
C PRO B 362 -2.79 31.74 -18.47
N ILE B 363 -1.68 31.24 -17.94
CA ILE B 363 -0.47 30.97 -18.71
C ILE B 363 -0.58 29.62 -19.45
N ALA B 364 -0.09 29.58 -20.70
CA ALA B 364 0.03 28.34 -21.47
C ALA B 364 1.49 27.90 -21.50
N PHE B 365 1.75 26.61 -21.31
CA PHE B 365 3.12 26.19 -20.99
C PHE B 365 3.83 25.39 -22.07
N ASP B 366 3.14 25.09 -23.14
CA ASP B 366 3.69 24.11 -24.06
C ASP B 366 4.34 24.70 -25.32
N ALA B 367 4.30 26.01 -25.48
CA ALA B 367 5.05 26.64 -26.59
C ALA B 367 6.48 26.99 -26.17
N ASP B 368 6.63 27.53 -24.96
CA ASP B 368 7.93 27.96 -24.48
C ASP B 368 8.13 27.59 -23.00
N PRO B 369 8.18 26.28 -22.69
CA PRO B 369 8.31 25.91 -21.28
C PRO B 369 9.64 26.35 -20.69
N ASP B 370 10.70 26.38 -21.50
CA ASP B 370 12.01 26.79 -21.00
C ASP B 370 12.04 28.27 -20.63
N GLY B 371 11.47 29.10 -21.49
CA GLY B 371 11.40 30.53 -21.24
C GLY B 371 10.58 30.85 -19.99
N LEU B 372 9.47 30.13 -19.80
CA LEU B 372 8.63 30.33 -18.62
C LEU B 372 9.37 29.93 -17.34
N ALA B 373 10.09 28.81 -17.38
CA ALA B 373 10.84 28.36 -16.22
C ALA B 373 11.95 29.34 -15.89
N THR B 374 12.66 29.79 -16.92
CA THR B 374 13.74 30.75 -16.71
C THR B 374 13.25 32.06 -16.11
N GLU B 375 12.13 32.57 -16.60
CA GLU B 375 11.60 33.83 -16.09
C GLU B 375 11.04 33.66 -14.69
N THR B 376 10.42 32.52 -14.43
CA THR B 376 9.83 32.23 -13.12
C THR B 376 10.94 32.22 -12.05
N VAL B 377 12.04 31.51 -12.30
CA VAL B 377 13.07 31.47 -11.27
C VAL B 377 13.81 32.82 -11.21
N ARG B 378 13.80 33.61 -12.28
CA ARG B 378 14.36 34.96 -12.20
C ARG B 378 13.54 35.85 -11.25
N ILE B 379 12.22 35.79 -11.38
CA ILE B 379 11.33 36.55 -10.52
C ILE B 379 11.48 36.13 -9.05
N LEU B 380 11.46 34.82 -8.80
CA LEU B 380 11.63 34.32 -7.43
C LEU B 380 12.96 34.78 -6.83
N ARG B 381 14.05 34.69 -7.60
CA ARG B 381 15.35 35.09 -7.08
C ARG B 381 15.44 36.59 -6.82
N HIS B 382 14.67 37.38 -7.55
CA HIS B 382 14.61 38.82 -7.29
C HIS B 382 14.05 39.08 -5.89
N TRP B 383 12.93 38.44 -5.58
CA TRP B 383 12.33 38.63 -4.27
C TRP B 383 13.17 37.98 -3.16
N MET B 384 13.81 36.85 -3.48
CA MET B 384 14.72 36.21 -2.54
C MET B 384 15.89 37.11 -2.20
N ASP B 385 16.36 37.88 -3.18
CA ASP B 385 17.44 38.83 -2.95
C ASP B 385 17.00 39.96 -2.03
N HIS B 386 15.68 40.14 -1.92
CA HIS B 386 15.13 41.18 -1.05
C HIS B 386 14.49 40.58 0.19
N GLY B 387 14.98 39.41 0.57
CA GLY B 387 14.70 38.85 1.89
C GLY B 387 13.49 37.95 1.99
N VAL B 388 12.87 37.66 0.86
CA VAL B 388 11.70 36.77 0.84
C VAL B 388 12.16 35.33 0.64
N ARG B 389 11.99 34.50 1.67
CA ARG B 389 12.47 33.11 1.63
C ARG B 389 11.29 32.13 1.70
N ILE B 390 10.09 32.66 1.55
CA ILE B 390 8.88 31.83 1.56
C ILE B 390 7.94 32.34 0.49
N PHE B 391 7.38 31.42 -0.29
CA PHE B 391 6.39 31.78 -1.28
C PHE B 391 5.13 30.95 -1.14
N ARG B 392 4.00 31.65 -1.10
CA ARG B 392 2.69 31.06 -1.14
C ARG B 392 2.28 30.98 -2.60
N VAL B 393 2.24 29.77 -3.16
CA VAL B 393 2.01 29.62 -4.58
C VAL B 393 0.53 29.44 -4.90
N ASP B 394 -0.02 30.43 -5.58
CA ASP B 394 -1.44 30.47 -5.95
C ASP B 394 -1.81 29.37 -6.93
N ASN B 395 -2.82 28.56 -6.59
CA ASN B 395 -3.36 27.55 -7.52
C ASN B 395 -2.31 26.78 -8.33
N PRO B 396 -1.37 26.11 -7.65
CA PRO B 396 -0.34 25.45 -8.47
C PRO B 396 -0.90 24.31 -9.33
N HIS B 397 -2.09 23.82 -8.98
CA HIS B 397 -2.67 22.68 -9.70
C HIS B 397 -3.23 23.05 -11.08
N THR B 398 -3.18 24.33 -11.46
CA THR B 398 -3.62 24.71 -12.81
C THR B 398 -2.40 25.05 -13.69
N LYS B 399 -1.22 24.71 -13.20
CA LYS B 399 0.03 24.79 -13.98
C LYS B 399 0.60 23.36 -13.96
N PRO B 400 1.44 23.00 -14.95
CA PRO B 400 1.91 21.60 -14.99
C PRO B 400 2.72 21.18 -13.76
N VAL B 401 2.45 19.97 -13.29
CA VAL B 401 3.14 19.44 -12.12
C VAL B 401 4.66 19.43 -12.30
N ALA B 402 5.12 19.01 -13.47
CA ALA B 402 6.55 18.94 -13.73
C ALA B 402 7.18 20.32 -13.86
N PHE B 403 6.38 21.34 -14.18
CA PHE B 403 6.87 22.72 -14.13
C PHE B 403 7.29 23.10 -12.71
N TRP B 404 6.43 22.86 -11.74
CA TRP B 404 6.80 23.13 -10.35
C TRP B 404 7.97 22.25 -9.92
N GLU B 405 7.99 20.99 -10.36
CA GLU B 405 9.08 20.11 -9.96
C GLU B 405 10.39 20.74 -10.40
N ARG B 406 10.42 21.25 -11.62
CA ARG B 406 11.61 21.87 -12.18
C ARG B 406 11.97 23.18 -11.48
N VAL B 407 10.99 24.05 -11.27
CA VAL B 407 11.22 25.35 -10.63
C VAL B 407 11.72 25.22 -9.19
N ILE B 408 11.04 24.38 -8.42
CA ILE B 408 11.45 24.16 -7.04
C ILE B 408 12.85 23.55 -6.96
N ALA B 409 13.16 22.57 -7.81
CA ALA B 409 14.50 21.97 -7.81
C ALA B 409 15.56 23.03 -8.12
N ASP B 410 15.25 23.92 -9.07
CA ASP B 410 16.19 24.97 -9.47
C ASP B 410 16.47 25.91 -8.29
N ILE B 411 15.40 26.42 -7.67
CA ILE B 411 15.54 27.35 -6.56
C ILE B 411 16.22 26.69 -5.35
N ASN B 412 15.75 25.50 -4.96
CA ASN B 412 16.28 24.87 -3.76
C ASN B 412 17.72 24.37 -3.99
N GLY B 413 18.10 24.19 -5.24
CA GLY B 413 19.45 23.79 -5.61
C GLY B 413 20.48 24.82 -5.16
N THR B 414 20.14 26.09 -5.32
CA THR B 414 21.02 27.18 -4.85
C THR B 414 20.65 27.69 -3.47
N ASP B 415 19.37 27.56 -3.12
CA ASP B 415 18.82 28.15 -1.89
C ASP B 415 17.86 27.17 -1.21
N PRO B 416 18.40 26.18 -0.51
CA PRO B 416 17.57 25.11 0.06
C PRO B 416 16.64 25.58 1.18
N ASP B 417 16.87 26.77 1.73
CA ASP B 417 16.02 27.31 2.79
C ASP B 417 14.67 27.84 2.29
N VAL B 418 14.54 28.06 0.99
CA VAL B 418 13.30 28.62 0.48
C VAL B 418 12.16 27.61 0.62
N ILE B 419 11.05 28.10 1.19
CA ILE B 419 9.86 27.30 1.43
C ILE B 419 8.75 27.65 0.45
N PHE B 420 8.21 26.64 -0.22
CA PHE B 420 7.06 26.83 -1.10
C PHE B 420 5.80 26.22 -0.50
N LEU B 421 4.71 26.99 -0.46
CA LEU B 421 3.44 26.52 0.06
C LEU B 421 2.42 26.36 -1.08
N ALA B 422 1.91 25.15 -1.26
CA ALA B 422 0.97 24.89 -2.36
C ALA B 422 -0.45 25.24 -1.99
N GLU B 423 -1.02 26.26 -2.62
CA GLU B 423 -2.43 26.55 -2.40
C GLU B 423 -3.28 25.77 -3.40
N ALA B 424 -3.38 24.46 -3.19
CA ALA B 424 -4.09 23.59 -4.11
C ALA B 424 -5.24 22.91 -3.40
N PHE B 425 -6.41 23.55 -3.46
CA PHE B 425 -7.64 22.93 -2.97
C PHE B 425 -8.25 22.17 -4.13
N THR B 426 -7.99 20.87 -4.20
CA THR B 426 -8.36 20.11 -5.38
C THR B 426 -8.48 18.65 -4.98
N ARG B 427 -8.37 17.72 -5.92
CA ARG B 427 -8.55 16.30 -5.60
C ARG B 427 -7.30 15.73 -4.92
N PRO B 428 -7.44 14.62 -4.17
CA PRO B 428 -6.32 14.13 -3.37
C PRO B 428 -5.06 13.76 -4.17
N ALA B 429 -5.21 13.16 -5.35
CA ALA B 429 -4.04 12.74 -6.12
C ALA B 429 -3.13 13.93 -6.44
N MET B 430 -3.72 15.01 -6.95
CA MET B 430 -2.94 16.19 -7.29
C MET B 430 -2.34 16.83 -6.03
N MET B 431 -3.11 16.89 -4.94
CA MET B 431 -2.60 17.50 -3.71
C MET B 431 -1.36 16.76 -3.21
N ALA B 432 -1.45 15.44 -3.22
CA ALA B 432 -0.35 14.63 -2.75
C ALA B 432 0.84 14.74 -3.67
N THR B 433 0.59 14.72 -4.97
CA THR B 433 1.68 14.74 -5.93
C THR B 433 2.47 16.04 -5.85
N LEU B 434 1.77 17.16 -5.68
CA LEU B 434 2.46 18.43 -5.53
C LEU B 434 3.40 18.45 -4.32
N ALA B 435 2.96 17.92 -3.18
CA ALA B 435 3.85 17.81 -2.04
C ALA B 435 5.04 16.91 -2.39
N GLN B 436 4.77 15.81 -3.07
CA GLN B 436 5.81 14.82 -3.36
C GLN B 436 6.87 15.34 -4.32
N ILE B 437 6.51 16.24 -5.23
CA ILE B 437 7.51 16.72 -6.17
C ILE B 437 8.28 17.95 -5.66
N GLY B 438 8.01 18.41 -4.44
CA GLY B 438 8.88 19.40 -3.84
C GLY B 438 8.26 20.49 -2.97
N PHE B 439 6.94 20.64 -3.02
CA PHE B 439 6.31 21.67 -2.18
C PHE B 439 6.51 21.34 -0.70
N GLN B 440 7.12 22.28 0.03
CA GLN B 440 7.44 22.09 1.45
C GLN B 440 6.19 22.01 2.33
N GLN B 441 5.18 22.78 1.95
CA GLN B 441 3.90 22.85 2.69
C GLN B 441 2.73 22.78 1.74
N SER B 442 1.58 22.35 2.27
CA SER B 442 0.35 22.26 1.49
C SER B 442 -0.81 22.86 2.25
N TYR B 443 -1.65 23.64 1.57
CA TYR B 443 -2.98 23.90 2.11
C TYR B 443 -3.74 22.58 2.11
N THR B 444 -4.81 22.53 2.90
CA THR B 444 -5.48 21.27 3.22
C THR B 444 -6.98 21.42 3.20
N TYR B 445 -7.67 20.33 3.51
CA TYR B 445 -9.12 20.34 3.57
C TYR B 445 -9.63 20.82 4.92
N PHE B 446 -8.74 21.34 5.76
CA PHE B 446 -9.10 21.67 7.15
C PHE B 446 -10.41 22.44 7.33
N THR B 447 -10.62 23.49 6.53
CA THR B 447 -11.83 24.31 6.72
C THR B 447 -13.13 23.52 6.47
N TRP B 448 -13.05 22.41 5.76
CA TRP B 448 -14.24 21.62 5.48
C TRP B 448 -14.29 20.34 6.33
N ARG B 449 -13.58 20.35 7.45
CA ARG B 449 -13.60 19.23 8.40
C ARG B 449 -13.96 19.80 9.76
N ASN B 450 -15.22 19.65 10.14
CA ASN B 450 -15.75 20.34 11.31
C ASN B 450 -16.41 19.44 12.34
N THR B 451 -16.93 18.30 11.92
CA THR B 451 -17.49 17.35 12.89
C THR B 451 -16.39 16.48 13.52
N LYS B 452 -16.70 15.78 14.61
CA LYS B 452 -15.67 14.97 15.25
C LYS B 452 -15.17 13.88 14.32
N GLN B 453 -16.07 13.29 13.54
CA GLN B 453 -15.67 12.23 12.62
C GLN B 453 -14.78 12.77 11.50
N GLU B 454 -15.16 13.92 10.94
CA GLU B 454 -14.36 14.55 9.88
C GLU B 454 -12.96 14.88 10.37
N LEU B 455 -12.87 15.53 11.53
CA LEU B 455 -11.56 15.88 12.08
C LEU B 455 -10.74 14.66 12.38
N THR B 456 -11.36 13.65 12.98
CA THR B 456 -10.60 12.48 13.40
C THR B 456 -10.05 11.74 12.18
N GLU B 457 -10.91 11.53 11.19
CA GLU B 457 -10.51 10.81 9.99
C GLU B 457 -9.43 11.58 9.22
N TYR B 458 -9.61 12.89 9.10
CA TYR B 458 -8.68 13.67 8.29
C TYR B 458 -7.31 13.81 8.95
N LEU B 459 -7.29 14.04 10.27
CA LEU B 459 -6.00 14.18 10.94
C LEU B 459 -5.29 12.84 11.06
N THR B 460 -6.06 11.75 11.13
CA THR B 460 -5.45 10.42 11.12
C THR B 460 -4.68 10.25 9.81
N GLU B 461 -5.27 10.72 8.72
CA GLU B 461 -4.62 10.69 7.41
C GLU B 461 -3.36 11.57 7.37
N LEU B 462 -3.50 12.83 7.74
CA LEU B 462 -2.39 13.77 7.69
C LEU B 462 -1.21 13.39 8.60
N SER B 463 -1.51 12.83 9.78
CA SER B 463 -0.43 12.52 10.72
C SER B 463 0.15 11.12 10.46
N GLY B 464 -0.48 10.38 9.56
CA GLY B 464 -0.03 9.03 9.22
C GLY B 464 0.98 9.02 8.08
N GLU B 465 0.72 8.18 7.08
CA GLU B 465 1.69 7.98 6.00
C GLU B 465 1.97 9.25 5.22
N ALA B 466 0.96 10.10 5.07
CA ALA B 466 1.10 11.34 4.32
C ALA B 466 2.16 12.26 4.91
N ALA B 467 2.46 12.08 6.20
CA ALA B 467 3.43 12.94 6.88
C ALA B 467 4.84 12.75 6.34
N SER B 468 5.06 11.68 5.57
CA SER B 468 6.38 11.47 4.99
C SER B 468 6.62 12.35 3.76
N TYR B 469 5.58 12.99 3.24
CA TYR B 469 5.79 13.89 2.09
C TYR B 469 5.00 15.20 2.15
N MET B 470 4.06 15.33 3.07
CA MET B 470 3.22 16.54 3.12
C MET B 470 3.27 17.23 4.48
N ARG B 471 3.43 18.55 4.50
CA ARG B 471 3.38 19.33 5.75
C ARG B 471 2.20 20.28 5.65
N PRO B 472 1.18 20.09 6.51
CA PRO B 472 -0.08 20.82 6.39
C PRO B 472 0.02 22.20 6.97
N ASN B 473 -0.61 23.17 6.31
CA ASN B 473 -0.73 24.51 6.88
C ASN B 473 -2.22 24.76 7.11
N PHE B 474 -2.65 24.69 8.37
CA PHE B 474 -4.06 24.82 8.71
C PHE B 474 -4.51 26.27 8.83
N PHE B 475 -4.90 26.90 7.72
CA PHE B 475 -5.53 28.22 7.80
C PHE B 475 -7.00 28.05 8.22
N ALA B 476 -7.41 28.68 9.31
CA ALA B 476 -8.76 28.50 9.84
C ALA B 476 -9.78 29.26 9.00
N ASN B 477 -9.29 30.27 8.29
CA ASN B 477 -10.03 30.98 7.26
C ASN B 477 -9.05 31.49 6.20
N THR B 478 -9.59 31.88 5.05
CA THR B 478 -8.80 32.60 4.05
C THR B 478 -9.74 33.65 3.46
N PRO B 479 -9.22 34.57 2.63
CA PRO B 479 -10.15 35.54 2.03
C PRO B 479 -11.21 34.88 1.15
N ASP B 480 -10.98 33.62 0.77
CA ASP B 480 -11.90 32.87 -0.09
C ASP B 480 -12.76 31.89 0.67
N ILE B 481 -12.49 31.72 1.97
CA ILE B 481 -13.15 30.66 2.72
C ILE B 481 -13.61 31.15 4.09
N LEU B 482 -14.88 31.53 4.16
CA LEU B 482 -15.58 31.78 5.41
C LEU B 482 -16.55 30.61 5.56
N HIS B 483 -16.18 29.59 6.31
CA HIS B 483 -17.03 28.40 6.36
C HIS B 483 -18.35 28.66 7.10
N ALA B 484 -19.39 27.92 6.72
CA ALA B 484 -20.69 28.04 7.39
C ALA B 484 -20.60 27.80 8.90
N TYR B 485 -19.65 26.97 9.33
CA TYR B 485 -19.46 26.70 10.76
C TYR B 485 -19.22 28.02 11.51
N LEU B 486 -18.38 28.88 10.93
CA LEU B 486 -18.09 30.20 11.49
C LEU B 486 -19.26 31.16 11.31
N GLN B 487 -19.95 31.06 10.16
CA GLN B 487 -21.08 31.93 9.88
C GLN B 487 -22.19 31.70 10.88
N HIS B 488 -22.42 30.44 11.22
CA HIS B 488 -23.54 30.09 12.09
C HIS B 488 -23.15 30.12 13.56
N GLY B 489 -21.86 29.92 13.84
CA GLY B 489 -21.40 29.73 15.20
C GLY B 489 -20.95 30.99 15.92
N GLY B 490 -20.65 32.04 15.17
CA GLY B 490 -20.19 33.29 15.78
C GLY B 490 -18.91 33.12 16.55
N ARG B 491 -18.65 34.03 17.48
CA ARG B 491 -17.37 34.02 18.19
C ARG B 491 -17.00 32.66 18.82
N PRO B 492 -17.98 31.96 19.45
CA PRO B 492 -17.55 30.67 19.97
C PRO B 492 -16.99 29.70 18.91
N ALA B 493 -17.49 29.80 17.69
CA ALA B 493 -16.98 28.96 16.60
C ALA B 493 -15.57 29.39 16.21
N PHE B 494 -15.31 30.70 16.18
CA PHE B 494 -13.96 31.16 15.89
C PHE B 494 -12.98 30.67 16.94
N GLU B 495 -13.44 30.64 18.19
CA GLU B 495 -12.56 30.18 19.27
C GLU B 495 -12.24 28.69 19.11
N VAL B 496 -13.24 27.90 18.76
CA VAL B 496 -13.04 26.48 18.56
C VAL B 496 -12.08 26.18 17.41
N ARG B 497 -12.30 26.81 16.26
CA ARG B 497 -11.46 26.51 15.09
C ARG B 497 -10.02 26.95 15.31
N ALA B 498 -9.81 28.00 16.10
CA ALA B 498 -8.45 28.43 16.43
C ALA B 498 -7.76 27.40 17.30
N VAL B 499 -8.46 26.93 18.33
CA VAL B 499 -7.87 25.91 19.18
C VAL B 499 -7.51 24.66 18.35
N LEU B 500 -8.43 24.22 17.52
CA LEU B 500 -8.21 23.05 16.68
C LEU B 500 -7.02 23.24 15.75
N ALA B 501 -7.01 24.35 15.02
CA ALA B 501 -5.93 24.56 14.05
C ALA B 501 -4.58 24.62 14.74
N ALA B 502 -4.54 25.32 15.87
CA ALA B 502 -3.31 25.58 16.60
C ALA B 502 -2.73 24.32 17.24
N THR B 503 -3.61 23.43 17.69
CA THR B 503 -3.13 22.25 18.38
C THR B 503 -3.06 21.00 17.51
N LEU B 504 -3.69 21.00 16.34
CA LEU B 504 -3.65 19.78 15.52
C LEU B 504 -2.54 19.81 14.48
N SER B 505 -2.09 21.00 14.09
CA SER B 505 -0.98 21.10 13.15
C SER B 505 0.13 21.99 13.68
N PRO B 506 1.39 21.59 13.44
CA PRO B 506 2.51 22.45 13.84
C PRO B 506 2.57 23.72 13.01
N THR B 507 1.86 23.77 11.88
CA THR B 507 1.68 25.05 11.16
C THR B 507 0.21 25.41 11.02
N TRP B 508 -0.14 26.61 11.44
CA TRP B 508 -1.49 27.11 11.28
C TRP B 508 -1.47 28.59 10.92
N GLY B 509 -2.63 29.11 10.53
CA GLY B 509 -2.71 30.50 10.13
C GLY B 509 -4.11 31.07 10.20
N ILE B 510 -4.20 32.39 10.19
CA ILE B 510 -5.48 33.05 10.03
C ILE B 510 -5.31 34.22 9.08
N TYR B 511 -6.43 34.64 8.51
CA TYR B 511 -6.49 35.81 7.65
C TYR B 511 -7.11 36.96 8.46
N SER B 512 -6.42 38.10 8.47
CA SER B 512 -6.82 39.31 9.20
C SER B 512 -8.32 39.54 9.25
N GLY B 513 -8.85 39.77 10.45
CA GLY B 513 -10.28 39.91 10.58
C GLY B 513 -10.89 38.70 11.26
N TYR B 514 -10.20 37.56 11.16
CA TYR B 514 -10.58 36.37 11.91
C TYR B 514 -10.64 36.71 13.41
N GLU B 515 -9.70 37.53 13.89
CA GLU B 515 -9.64 37.91 15.31
C GLU B 515 -10.89 38.65 15.70
N LEU B 516 -11.46 39.39 14.75
CA LEU B 516 -12.63 40.22 15.03
C LEU B 516 -13.91 39.42 14.83
N CYS B 517 -13.74 38.14 14.50
CA CYS B 517 -14.85 37.24 14.23
C CYS B 517 -15.76 37.74 13.12
N GLU B 518 -15.16 38.34 12.08
CA GLU B 518 -15.91 38.73 10.89
C GLU B 518 -16.51 37.50 10.25
N ASN B 519 -17.83 37.47 10.12
CA ASN B 519 -18.46 36.25 9.64
C ASN B 519 -19.73 36.47 8.84
N THR B 520 -19.84 37.61 8.19
CA THR B 520 -20.96 37.91 7.30
C THR B 520 -20.65 37.45 5.89
N PRO B 521 -21.40 36.47 5.37
CA PRO B 521 -21.16 35.94 4.03
C PRO B 521 -21.73 36.84 2.94
N LEU B 522 -21.23 36.65 1.73
CA LEU B 522 -21.75 37.35 0.56
C LEU B 522 -23.25 37.11 0.44
N ARG B 523 -23.66 35.86 0.64
CA ARG B 523 -25.06 35.47 0.69
C ARG B 523 -25.15 34.11 1.35
N GLU B 524 -26.36 33.69 1.70
CA GLU B 524 -26.53 32.36 2.29
C GLU B 524 -26.08 31.29 1.30
N GLY B 525 -25.27 30.35 1.77
CA GLY B 525 -24.78 29.26 0.95
C GLY B 525 -23.41 29.52 0.31
N SER B 526 -22.90 30.74 0.53
CA SER B 526 -21.61 31.15 -0.03
C SER B 526 -20.52 31.05 1.02
N GLU B 527 -19.27 30.80 0.60
CA GLU B 527 -18.15 30.87 1.53
C GLU B 527 -17.32 32.14 1.32
N GLU B 528 -17.82 33.04 0.49
CA GLU B 528 -17.21 34.36 0.32
C GLU B 528 -17.64 35.29 1.44
N TYR B 529 -16.75 36.22 1.81
CA TYR B 529 -17.11 37.33 2.68
C TYR B 529 -17.95 38.36 1.92
N LEU B 530 -18.93 38.95 2.59
CA LEU B 530 -19.58 40.16 2.09
C LEU B 530 -18.57 41.28 2.03
N ASP B 531 -18.62 42.11 0.98
CA ASP B 531 -17.70 43.24 0.82
C ASP B 531 -16.25 42.79 0.96
N SER B 532 -15.90 41.72 0.25
CA SER B 532 -14.57 41.12 0.40
C SER B 532 -13.41 42.10 0.21
N GLU B 533 -12.42 41.96 1.08
CA GLU B 533 -11.18 42.75 1.02
C GLU B 533 -10.40 42.52 -0.28
N LYS B 534 -10.69 41.45 -1.00
CA LYS B 534 -10.06 41.20 -2.29
C LYS B 534 -10.38 42.32 -3.29
N TYR B 535 -11.50 43.00 -3.10
CA TYR B 535 -11.97 43.98 -4.10
C TYR B 535 -12.14 45.40 -3.56
N GLN B 536 -11.74 45.61 -2.30
CA GLN B 536 -11.89 46.94 -1.71
C GLN B 536 -10.99 47.11 -0.48
N LEU B 537 -10.62 48.35 -0.19
CA LEU B 537 -9.86 48.65 1.00
C LEU B 537 -10.76 48.33 2.21
N LYS B 538 -10.19 47.71 3.24
CA LYS B 538 -10.99 47.37 4.41
C LYS B 538 -10.31 47.81 5.70
N PRO B 539 -10.42 49.11 6.02
CA PRO B 539 -9.83 49.58 7.28
C PRO B 539 -10.57 48.95 8.47
N ARG B 540 -9.85 48.62 9.53
CA ARG B 540 -10.44 48.00 10.71
C ARG B 540 -10.05 48.77 11.94
N ASP B 541 -10.99 48.97 12.86
CA ASP B 541 -10.67 49.69 14.09
C ASP B 541 -10.08 48.73 15.12
N TRP B 542 -8.78 48.43 14.97
CA TRP B 542 -8.09 47.48 15.83
C TRP B 542 -8.06 47.98 17.26
N THR B 543 -7.88 49.28 17.41
CA THR B 543 -7.77 49.87 18.74
C THR B 543 -9.06 49.71 19.52
N ARG B 544 -10.18 49.98 18.87
CA ARG B 544 -11.49 49.88 19.52
C ARG B 544 -11.81 48.44 19.89
N ALA B 545 -11.48 47.49 19.00
CA ALA B 545 -11.76 46.10 19.32
C ALA B 545 -10.98 45.63 20.55
N ALA B 546 -9.75 46.11 20.68
CA ALA B 546 -8.90 45.74 21.81
C ALA B 546 -9.52 46.26 23.11
N ARG B 547 -9.91 47.52 23.09
CA ARG B 547 -10.46 48.18 24.27
C ARG B 547 -11.82 47.59 24.69
N GLU B 548 -12.64 47.21 23.71
CA GLU B 548 -13.99 46.70 23.98
C GLU B 548 -14.00 45.17 24.11
N GLY B 549 -12.82 44.57 23.96
CA GLY B 549 -12.67 43.13 24.10
C GLY B 549 -13.44 42.30 23.08
N THR B 550 -13.72 42.90 21.93
CA THR B 550 -14.46 42.23 20.87
C THR B 550 -13.48 41.64 19.85
N THR B 551 -12.34 41.16 20.35
CA THR B 551 -11.35 40.47 19.54
C THR B 551 -10.91 39.22 20.30
N ILE B 552 -10.58 38.15 19.58
CA ILE B 552 -9.99 36.98 20.20
C ILE B 552 -8.47 36.96 20.05
N ALA B 553 -7.88 38.12 19.78
CA ALA B 553 -6.43 38.24 19.75
C ALA B 553 -5.77 37.67 21.03
N PRO B 554 -6.36 37.89 22.23
CA PRO B 554 -5.73 37.27 23.39
C PRO B 554 -5.68 35.73 23.36
N LEU B 555 -6.76 35.08 22.92
CA LEU B 555 -6.76 33.63 22.79
C LEU B 555 -5.74 33.18 21.74
N VAL B 556 -5.69 33.90 20.61
CA VAL B 556 -4.70 33.60 19.58
C VAL B 556 -3.29 33.73 20.14
N THR B 557 -3.04 34.81 20.87
CA THR B 557 -1.76 35.01 21.52
C THR B 557 -1.43 33.86 22.48
N ARG B 558 -2.41 33.43 23.26
CA ARG B 558 -2.17 32.37 24.24
C ARG B 558 -1.86 31.06 23.51
N LEU B 559 -2.60 30.77 22.45
CA LEU B 559 -2.36 29.52 21.69
C LEU B 559 -0.95 29.47 21.12
N ASN B 560 -0.47 30.59 20.57
CA ASN B 560 0.88 30.60 20.03
C ASN B 560 1.93 30.53 21.15
N THR B 561 1.61 31.10 22.31
CA THR B 561 2.53 30.96 23.44
C THR B 561 2.59 29.49 23.90
N ILE B 562 1.44 28.84 23.99
CA ILE B 562 1.40 27.43 24.39
C ILE B 562 2.22 26.58 23.39
N ARG B 563 2.09 26.87 22.11
CA ARG B 563 2.86 26.16 21.09
C ARG B 563 4.37 26.39 21.26
N ARG B 564 4.75 27.62 21.58
CA ARG B 564 6.16 27.97 21.74
C ARG B 564 6.78 27.33 22.99
N GLU B 565 5.94 26.93 23.93
CA GLU B 565 6.42 26.41 25.20
C GLU B 565 6.29 24.89 25.30
N ASN B 566 5.67 24.28 24.30
CA ASN B 566 5.37 22.85 24.35
C ASN B 566 5.74 22.14 23.05
N PRO B 567 6.91 21.50 23.02
CA PRO B 567 7.44 20.77 21.85
C PRO B 567 6.44 19.80 21.22
N ALA B 568 5.52 19.25 22.00
CA ALA B 568 4.54 18.32 21.45
C ALA B 568 3.69 18.98 20.36
N LEU B 569 3.48 20.29 20.48
CA LEU B 569 2.65 20.99 19.49
C LEU B 569 3.45 21.47 18.28
N ARG B 570 4.76 21.21 18.27
CA ARG B 570 5.60 21.66 17.17
C ARG B 570 5.97 20.51 16.25
N GLN B 571 5.24 19.41 16.38
CA GLN B 571 5.40 18.27 15.49
C GLN B 571 4.03 17.79 15.03
N LEU B 572 3.99 16.83 14.11
CA LEU B 572 2.77 16.43 13.44
C LEU B 572 2.38 14.97 13.65
N ARG B 573 3.38 14.10 13.60
CA ARG B 573 3.18 12.65 13.46
C ARG B 573 2.67 11.97 14.74
N ASP B 574 3.01 12.53 15.89
CA ASP B 574 2.52 11.96 17.15
C ASP B 574 1.23 12.64 17.58
N LEU B 575 0.12 11.92 17.39
CA LEU B 575 -1.21 12.42 17.63
C LEU B 575 -2.11 11.22 17.86
N HIS B 576 -2.87 11.23 18.95
CA HIS B 576 -3.80 10.14 19.24
C HIS B 576 -5.14 10.66 19.72
N PHE B 577 -6.22 10.15 19.14
CA PHE B 577 -7.55 10.53 19.58
C PHE B 577 -8.03 9.60 20.68
N HIS B 578 -8.57 10.19 21.74
CA HIS B 578 -9.12 9.44 22.87
C HIS B 578 -10.64 9.49 22.85
N PRO B 579 -11.30 8.37 23.19
CA PRO B 579 -12.76 8.31 23.12
C PRO B 579 -13.47 9.16 24.17
N THR B 580 -14.57 9.77 23.76
CA THR B 580 -15.50 10.45 24.65
C THR B 580 -16.89 9.88 24.41
N ASP B 581 -17.83 10.14 25.30
CA ASP B 581 -19.18 9.62 25.14
C ASP B 581 -20.17 10.65 24.56
N LYS B 582 -19.65 11.73 23.98
CA LYS B 582 -20.52 12.73 23.35
C LYS B 582 -20.01 13.07 21.96
N GLU B 583 -20.91 13.07 20.99
CA GLU B 583 -20.50 13.25 19.60
C GLU B 583 -19.88 14.63 19.36
N GLU B 584 -20.32 15.62 20.11
CA GLU B 584 -19.83 16.99 19.95
C GLU B 584 -18.49 17.25 20.63
N VAL B 585 -17.99 16.28 21.41
CA VAL B 585 -16.78 16.51 22.17
C VAL B 585 -15.64 15.61 21.72
N ILE B 586 -14.53 16.24 21.30
CA ILE B 586 -13.39 15.51 20.76
C ILE B 586 -12.24 15.64 21.75
N ALA B 587 -11.42 14.60 21.83
CA ALA B 587 -10.25 14.65 22.70
C ALA B 587 -9.05 14.03 22.02
N TYR B 588 -7.89 14.62 22.21
CA TYR B 588 -6.67 14.08 21.61
C TYR B 588 -5.44 14.51 22.36
N SER B 589 -4.37 13.77 22.18
CA SER B 589 -3.10 14.07 22.84
C SER B 589 -1.99 14.09 21.82
N LYS B 590 -0.96 14.88 22.10
CA LYS B 590 0.26 14.89 21.31
C LYS B 590 1.44 14.84 22.24
N ARG B 591 2.48 14.11 21.83
CA ARG B 591 3.66 13.94 22.67
C ARG B 591 4.95 14.18 21.93
N GLN B 592 5.91 14.77 22.61
CA GLN B 592 7.28 14.91 22.11
C GLN B 592 8.25 14.81 23.29
N GLY B 593 9.00 13.71 23.36
CA GLY B 593 9.80 13.47 24.56
C GLY B 593 8.91 13.47 25.78
N SER B 594 9.31 14.20 26.82
CA SER B 594 8.59 14.21 28.08
C SER B 594 7.41 15.18 28.08
N ASN B 595 7.20 15.85 26.95
CA ASN B 595 6.12 16.82 26.84
C ASN B 595 4.84 16.19 26.30
N THR B 596 3.77 16.25 27.09
CA THR B 596 2.47 15.73 26.69
C THR B 596 1.38 16.79 26.81
N VAL B 597 0.67 17.01 25.71
CA VAL B 597 -0.45 17.96 25.70
C VAL B 597 -1.71 17.19 25.42
N LEU B 598 -2.72 17.42 26.25
CA LEU B 598 -4.02 16.77 26.10
C LEU B 598 -5.04 17.84 25.81
N VAL B 599 -5.77 17.68 24.71
CA VAL B 599 -6.75 18.67 24.33
C VAL B 599 -8.14 18.10 24.28
N VAL B 600 -9.09 18.81 24.88
CA VAL B 600 -10.50 18.45 24.78
C VAL B 600 -11.31 19.61 24.23
N VAL B 601 -12.01 19.41 23.12
CA VAL B 601 -12.74 20.50 22.48
C VAL B 601 -14.23 20.23 22.36
N ASN B 602 -15.04 21.22 22.74
CA ASN B 602 -16.46 21.17 22.45
C ASN B 602 -16.73 21.77 21.06
N LEU B 603 -17.09 20.92 20.11
CA LEU B 603 -17.29 21.38 18.72
C LEU B 603 -18.64 22.07 18.52
N ASP B 604 -19.50 21.99 19.52
CA ASP B 604 -20.80 22.68 19.49
C ASP B 604 -20.62 24.13 19.95
N PRO B 605 -20.79 25.09 19.03
CA PRO B 605 -20.57 26.49 19.41
C PRO B 605 -21.81 27.15 20.02
N ARG B 606 -22.88 26.38 20.18
CA ARG B 606 -24.16 26.95 20.62
C ARG B 606 -24.67 26.39 21.95
N HIS B 607 -24.31 25.15 22.27
CA HIS B 607 -24.82 24.52 23.50
C HIS B 607 -23.71 23.99 24.39
N THR B 608 -23.91 24.10 25.69
CA THR B 608 -22.99 23.51 26.63
C THR B 608 -23.01 21.99 26.45
N GLN B 609 -21.84 21.38 26.49
CA GLN B 609 -21.72 19.92 26.37
C GLN B 609 -20.97 19.35 27.55
N GLU B 610 -21.54 18.32 28.17
CA GLU B 610 -20.81 17.60 29.20
C GLU B 610 -20.48 16.22 28.66
N ALA B 611 -19.29 15.74 28.96
CA ALA B 611 -18.87 14.43 28.48
C ALA B 611 -17.93 13.78 29.47
N THR B 612 -17.84 12.45 29.40
CA THR B 612 -16.76 11.75 30.04
C THR B 612 -15.69 11.46 29.00
N VAL B 613 -14.46 11.86 29.30
CA VAL B 613 -13.34 11.60 28.42
C VAL B 613 -12.58 10.39 28.92
N SER B 614 -12.57 9.31 28.15
CA SER B 614 -11.87 8.09 28.57
C SER B 614 -10.50 7.99 27.92
N LEU B 615 -9.47 8.41 28.66
CA LEU B 615 -8.13 8.45 28.13
C LEU B 615 -7.51 7.07 27.94
N ASP B 616 -6.90 6.87 26.77
CA ASP B 616 -6.13 5.67 26.50
C ASP B 616 -4.81 5.80 27.21
N MET B 617 -4.77 5.36 28.46
CA MET B 617 -3.62 5.60 29.34
C MET B 617 -2.27 5.05 28.84
N PRO B 618 -2.22 3.82 28.29
CA PRO B 618 -0.89 3.38 27.82
C PRO B 618 -0.36 4.23 26.68
N GLN B 619 -1.26 4.85 25.92
CA GLN B 619 -0.86 5.75 24.85
C GLN B 619 -0.21 7.03 25.40
N LEU B 620 -0.51 7.34 26.66
CA LEU B 620 0.10 8.49 27.32
C LEU B 620 1.35 8.06 28.10
N GLY B 621 1.63 6.76 28.08
CA GLY B 621 2.77 6.22 28.80
C GLY B 621 2.46 6.04 30.28
N LEU B 622 1.20 5.76 30.58
CA LEU B 622 0.74 5.62 31.96
C LEU B 622 -0.01 4.31 32.18
N ASP B 623 -0.13 3.91 33.45
CA ASP B 623 -0.94 2.75 33.81
C ASP B 623 -2.41 3.14 33.92
N TRP B 624 -3.30 2.17 33.70
CA TRP B 624 -4.73 2.45 33.65
C TRP B 624 -5.30 3.00 34.95
N HIS B 625 -4.68 2.63 36.06
CA HIS B 625 -5.14 3.02 37.39
C HIS B 625 -4.60 4.38 37.81
N GLU B 626 -3.61 4.87 37.06
CA GLU B 626 -2.89 6.09 37.42
C GLU B 626 -3.71 7.36 37.23
N SER B 627 -3.44 8.35 38.06
CA SER B 627 -4.04 9.67 37.95
C SER B 627 -2.92 10.70 37.90
N VAL B 628 -2.97 11.60 36.92
CA VAL B 628 -1.89 12.57 36.75
C VAL B 628 -2.39 14.01 36.80
N PRO B 629 -1.54 14.91 37.33
CA PRO B 629 -1.88 16.32 37.37
C PRO B 629 -1.77 16.95 35.99
N VAL B 630 -2.76 17.74 35.61
CA VAL B 630 -2.70 18.51 34.38
C VAL B 630 -3.01 19.97 34.67
N ARG B 631 -2.46 20.86 33.85
CA ARG B 631 -2.80 22.27 33.93
C ARG B 631 -3.46 22.73 32.65
N ASP B 632 -4.66 23.30 32.76
CA ASP B 632 -5.34 23.88 31.60
C ASP B 632 -4.63 25.19 31.27
N GLU B 633 -3.90 25.21 30.15
CA GLU B 633 -3.09 26.38 29.82
C GLU B 633 -3.92 27.57 29.36
N LEU B 634 -5.20 27.36 29.07
CA LEU B 634 -6.06 28.49 28.71
C LEU B 634 -6.52 29.29 29.91
N THR B 635 -6.45 28.68 31.10
CA THR B 635 -6.98 29.31 32.31
C THR B 635 -6.05 29.24 33.52
N GLY B 636 -5.09 28.32 33.50
CA GLY B 636 -4.17 28.15 34.61
C GLY B 636 -4.67 27.20 35.69
N GLU B 637 -5.92 26.74 35.54
CA GLU B 637 -6.49 25.80 36.49
C GLU B 637 -5.81 24.44 36.43
N THR B 638 -5.70 23.79 37.58
CA THR B 638 -5.10 22.46 37.64
C THR B 638 -6.16 21.40 37.91
N TYR B 639 -6.04 20.26 37.24
CA TYR B 639 -6.93 19.13 37.45
C TYR B 639 -6.12 17.87 37.66
N HIS B 640 -6.78 16.82 38.11
CA HIS B 640 -6.16 15.50 38.19
C HIS B 640 -6.95 14.55 37.31
N TRP B 641 -6.33 14.13 36.21
CA TRP B 641 -7.04 13.32 35.22
C TRP B 641 -6.52 11.89 35.17
N GLY B 642 -7.46 10.95 35.08
CA GLY B 642 -7.12 9.55 34.94
C GLY B 642 -7.82 8.96 33.74
N ARG B 643 -8.18 7.68 33.85
CA ARG B 643 -8.80 6.97 32.73
C ARG B 643 -10.21 7.44 32.41
N ALA B 644 -10.85 8.17 33.33
CA ALA B 644 -12.21 8.62 33.07
C ALA B 644 -12.44 10.00 33.67
N ASN B 645 -12.64 11.00 32.82
CA ASN B 645 -12.70 12.38 33.28
C ASN B 645 -13.94 13.12 32.82
N TYR B 646 -14.56 13.84 33.75
CA TYR B 646 -15.74 14.61 33.46
C TYR B 646 -15.36 16.01 32.96
N VAL B 647 -16.02 16.46 31.90
CA VAL B 647 -15.79 17.81 31.40
C VAL B 647 -17.13 18.46 31.11
N ARG B 648 -17.19 19.76 31.35
CA ARG B 648 -18.37 20.54 31.03
C ARG B 648 -17.89 21.81 30.34
N LEU B 649 -18.20 21.94 29.06
CA LEU B 649 -17.67 23.04 28.27
C LEU B 649 -18.80 23.92 27.75
N GLU B 650 -18.80 25.18 28.20
CA GLU B 650 -19.84 26.14 27.88
C GLU B 650 -19.33 27.11 26.82
N PRO B 651 -19.95 27.09 25.62
CA PRO B 651 -19.48 27.95 24.53
C PRO B 651 -19.58 29.42 24.89
N GLY B 652 -18.52 30.18 24.58
CA GLY B 652 -18.44 31.58 24.93
C GLY B 652 -17.58 31.72 26.16
N ARG B 653 -17.82 30.85 27.15
CA ARG B 653 -17.02 30.84 28.35
C ARG B 653 -15.72 30.09 28.12
N THR B 654 -15.81 28.90 27.53
CA THR B 654 -14.59 28.17 27.19
C THR B 654 -14.83 27.16 26.07
N PRO B 655 -14.00 27.22 25.03
CA PRO B 655 -14.15 26.33 23.88
C PRO B 655 -13.56 24.95 24.12
N ALA B 656 -12.62 24.88 25.05
CA ALA B 656 -11.74 23.73 25.17
C ALA B 656 -10.89 23.76 26.43
N HIS B 657 -10.35 22.59 26.78
CA HIS B 657 -9.22 22.50 27.67
C HIS B 657 -7.99 22.21 26.85
N VAL B 658 -6.94 22.99 27.06
CA VAL B 658 -5.65 22.70 26.46
C VAL B 658 -4.66 22.45 27.57
N CYS B 659 -4.51 21.18 27.94
CA CYS B 659 -3.78 20.82 29.15
C CYS B 659 -2.40 20.25 28.88
N THR B 660 -1.45 20.60 29.74
CA THR B 660 -0.15 19.95 29.74
C THR B 660 -0.12 18.99 30.92
N VAL B 661 0.57 17.87 30.73
CA VAL B 661 0.78 16.94 31.83
C VAL B 661 1.92 17.45 32.70
N LEU B 662 1.64 17.68 33.98
CA LEU B 662 2.63 18.28 34.88
C LEU B 662 3.62 17.24 35.39
N ARG B 663 4.86 17.68 35.54
CA ARG B 663 5.96 16.79 35.87
C ARG B 663 6.39 16.91 37.34
#